data_5F70
# 
_entry.id   5F70 
# 
_audit_conform.dict_name       mmcif_pdbx.dic 
_audit_conform.dict_version    5.397 
_audit_conform.dict_location   http://mmcif.pdb.org/dictionaries/ascii/mmcif_pdbx.dic 
# 
loop_
_database_2.database_id 
_database_2.database_code 
_database_2.pdbx_database_accession 
_database_2.pdbx_DOI 
PDB   5F70         pdb_00005f70 10.2210/pdb5f70/pdb 
WWPDB D_1000216124 ?            ?                   
# 
loop_
_pdbx_audit_revision_history.ordinal 
_pdbx_audit_revision_history.data_content_type 
_pdbx_audit_revision_history.major_revision 
_pdbx_audit_revision_history.minor_revision 
_pdbx_audit_revision_history.revision_date 
1 'Structure model' 1 0 2016-02-03 
2 'Structure model' 1 1 2023-11-08 
3 'Structure model' 1 2 2024-10-16 
# 
_pdbx_audit_revision_details.ordinal             1 
_pdbx_audit_revision_details.revision_ordinal    1 
_pdbx_audit_revision_details.data_content_type   'Structure model' 
_pdbx_audit_revision_details.provider            repository 
_pdbx_audit_revision_details.type                'Initial release' 
_pdbx_audit_revision_details.description         ? 
_pdbx_audit_revision_details.details             ? 
# 
loop_
_pdbx_audit_revision_group.ordinal 
_pdbx_audit_revision_group.revision_ordinal 
_pdbx_audit_revision_group.data_content_type 
_pdbx_audit_revision_group.group 
1 2 'Structure model' 'Data collection'        
2 2 'Structure model' 'Database references'    
3 2 'Structure model' 'Derived calculations'   
4 2 'Structure model' 'Refinement description' 
5 3 'Structure model' 'Structure summary'      
# 
loop_
_pdbx_audit_revision_category.ordinal 
_pdbx_audit_revision_category.revision_ordinal 
_pdbx_audit_revision_category.data_content_type 
_pdbx_audit_revision_category.category 
1 2 'Structure model' chem_comp_atom                
2 2 'Structure model' chem_comp_bond                
3 2 'Structure model' citation                      
4 2 'Structure model' database_2                    
5 2 'Structure model' pdbx_initial_refinement_model 
6 2 'Structure model' pdbx_struct_oper_list         
7 3 'Structure model' pdbx_entry_details            
8 3 'Structure model' pdbx_modification_feature     
# 
loop_
_pdbx_audit_revision_item.ordinal 
_pdbx_audit_revision_item.revision_ordinal 
_pdbx_audit_revision_item.data_content_type 
_pdbx_audit_revision_item.item 
1 2 'Structure model' '_citation.journal_id_CSD'                  
2 2 'Structure model' '_database_2.pdbx_DOI'                      
3 2 'Structure model' '_database_2.pdbx_database_accession'       
4 2 'Structure model' '_pdbx_struct_oper_list.symmetry_operation' 
# 
_pdbx_database_status.status_code                     REL 
_pdbx_database_status.status_code_sf                  REL 
_pdbx_database_status.status_code_mr                  ? 
_pdbx_database_status.entry_id                        5F70 
_pdbx_database_status.recvd_initial_deposition_date   2015-12-07 
_pdbx_database_status.SG_entry                        N 
_pdbx_database_status.deposit_site                    RCSB 
_pdbx_database_status.process_site                    PDBJ 
_pdbx_database_status.status_code_cs                  ? 
_pdbx_database_status.methods_development_category    ? 
_pdbx_database_status.pdb_format_compatible           Y 
_pdbx_database_status.status_code_nmr_data            ? 
# 
_pdbx_database_related.content_type   unspecified 
_pdbx_database_related.db_id          5F71 
_pdbx_database_related.db_name        PDB 
_pdbx_database_related.details        . 
# 
loop_
_audit_author.name 
_audit_author.pdbx_ordinal 
'Gao, G.F.' 1 
'Lu, G.'    2 
'Wang, H.'  3 
'Qi, J.'    4 
# 
_citation.abstract                  ? 
_citation.abstract_id_CAS           ? 
_citation.book_id_ISBN              ? 
_citation.book_publisher            ? 
_citation.book_publisher_city       ? 
_citation.book_title                ? 
_citation.coordinate_linkage        ? 
_citation.country                   CC 
_citation.database_id_Medline       ? 
_citation.details                   ? 
_citation.id                        primary 
_citation.journal_abbrev            Chin.Sci.Bull. 
_citation.journal_id_ASTM           CSBUEF 
_citation.journal_id_CSD            2071 
_citation.journal_id_ISSN           1001-6538 
_citation.journal_full              ? 
_citation.journal_issue             ? 
_citation.journal_volume            60 
_citation.language                  ? 
_citation.page_first                3438 
_citation.page_last                 3453 
_citation.title                     'Crystal structures of human TIM members: Ebolavirus entry-enhancing receptors' 
_citation.year                      2015 
_citation.database_id_CSD           ? 
_citation.pdbx_database_id_DOI      10.1360/N972015-01255 
_citation.pdbx_database_id_PubMed   ? 
_citation.unpublished_flag          ? 
# 
loop_
_citation_author.citation_id 
_citation_author.name 
_citation_author.ordinal 
_citation_author.identifier_ORCID 
primary 'Wang, H.'  1 ? 
primary 'Qi, J.X.'  2 ? 
primary 'Liu, N.N.' 3 ? 
# 
loop_
_entity.id 
_entity.type 
_entity.src_method 
_entity.pdbx_description 
_entity.formula_weight 
_entity.pdbx_number_of_molecules 
_entity.pdbx_ec 
_entity.pdbx_mutation 
_entity.pdbx_fragment 
_entity.details 
1 polymer man 'Hepatitis A virus cellular receptor 1' 11395.882 1  ? ? 'UNP residues 21-123' ? 
2 water   nat water                                   18.015    86 ? ? ?                     ? 
# 
_entity_name_com.entity_id   1 
_entity_name_com.name        'HAVcr-1, T-cell immunoglobulin and mucin domain-containing protein 1, TIMD-1' 
# 
_entity_poly.entity_id                      1 
_entity_poly.type                           'polypeptide(L)' 
_entity_poly.nstd_linkage                   no 
_entity_poly.nstd_monomer                   no 
_entity_poly.pdbx_seq_one_letter_code       
;SVKVGGEAGPSVTLPCHYSGAVTSMCWNRGSCSLFTCQNGIVWTNGTHVTYRKDTRYKLLGDLSRRDVSLTIENTAVSDS
GVYCCRVEHRGWFNDMKITVSLE
;
_entity_poly.pdbx_seq_one_letter_code_can   
;SVKVGGEAGPSVTLPCHYSGAVTSMCWNRGSCSLFTCQNGIVWTNGTHVTYRKDTRYKLLGDLSRRDVSLTIENTAVSDS
GVYCCRVEHRGWFNDMKITVSLE
;
_entity_poly.pdbx_strand_id                 A 
_entity_poly.pdbx_target_identifier         ? 
# 
_pdbx_entity_nonpoly.entity_id   2 
_pdbx_entity_nonpoly.name        water 
_pdbx_entity_nonpoly.comp_id     HOH 
# 
loop_
_entity_poly_seq.entity_id 
_entity_poly_seq.num 
_entity_poly_seq.mon_id 
_entity_poly_seq.hetero 
1 1   SER n 
1 2   VAL n 
1 3   LYS n 
1 4   VAL n 
1 5   GLY n 
1 6   GLY n 
1 7   GLU n 
1 8   ALA n 
1 9   GLY n 
1 10  PRO n 
1 11  SER n 
1 12  VAL n 
1 13  THR n 
1 14  LEU n 
1 15  PRO n 
1 16  CYS n 
1 17  HIS n 
1 18  TYR n 
1 19  SER n 
1 20  GLY n 
1 21  ALA n 
1 22  VAL n 
1 23  THR n 
1 24  SER n 
1 25  MET n 
1 26  CYS n 
1 27  TRP n 
1 28  ASN n 
1 29  ARG n 
1 30  GLY n 
1 31  SER n 
1 32  CYS n 
1 33  SER n 
1 34  LEU n 
1 35  PHE n 
1 36  THR n 
1 37  CYS n 
1 38  GLN n 
1 39  ASN n 
1 40  GLY n 
1 41  ILE n 
1 42  VAL n 
1 43  TRP n 
1 44  THR n 
1 45  ASN n 
1 46  GLY n 
1 47  THR n 
1 48  HIS n 
1 49  VAL n 
1 50  THR n 
1 51  TYR n 
1 52  ARG n 
1 53  LYS n 
1 54  ASP n 
1 55  THR n 
1 56  ARG n 
1 57  TYR n 
1 58  LYS n 
1 59  LEU n 
1 60  LEU n 
1 61  GLY n 
1 62  ASP n 
1 63  LEU n 
1 64  SER n 
1 65  ARG n 
1 66  ARG n 
1 67  ASP n 
1 68  VAL n 
1 69  SER n 
1 70  LEU n 
1 71  THR n 
1 72  ILE n 
1 73  GLU n 
1 74  ASN n 
1 75  THR n 
1 76  ALA n 
1 77  VAL n 
1 78  SER n 
1 79  ASP n 
1 80  SER n 
1 81  GLY n 
1 82  VAL n 
1 83  TYR n 
1 84  CYS n 
1 85  CYS n 
1 86  ARG n 
1 87  VAL n 
1 88  GLU n 
1 89  HIS n 
1 90  ARG n 
1 91  GLY n 
1 92  TRP n 
1 93  PHE n 
1 94  ASN n 
1 95  ASP n 
1 96  MET n 
1 97  LYS n 
1 98  ILE n 
1 99  THR n 
1 100 VAL n 
1 101 SER n 
1 102 LEU n 
1 103 GLU n 
# 
_entity_src_gen.entity_id                          1 
_entity_src_gen.pdbx_src_id                        1 
_entity_src_gen.pdbx_alt_source_flag               sample 
_entity_src_gen.pdbx_seq_type                      'Biological sequence' 
_entity_src_gen.pdbx_beg_seq_num                   1 
_entity_src_gen.pdbx_end_seq_num                   103 
_entity_src_gen.gene_src_common_name               Human 
_entity_src_gen.gene_src_genus                     ? 
_entity_src_gen.pdbx_gene_src_gene                 TIMD1 
_entity_src_gen.gene_src_species                   ? 
_entity_src_gen.gene_src_strain                    ? 
_entity_src_gen.gene_src_tissue                    ? 
_entity_src_gen.gene_src_tissue_fraction           ? 
_entity_src_gen.gene_src_details                   ? 
_entity_src_gen.pdbx_gene_src_fragment             ? 
_entity_src_gen.pdbx_gene_src_scientific_name      'Homo sapiens' 
_entity_src_gen.pdbx_gene_src_ncbi_taxonomy_id     9606 
_entity_src_gen.pdbx_gene_src_variant              ? 
_entity_src_gen.pdbx_gene_src_cell_line            ? 
_entity_src_gen.pdbx_gene_src_atcc                 ? 
_entity_src_gen.pdbx_gene_src_organ                ? 
_entity_src_gen.pdbx_gene_src_organelle            ? 
_entity_src_gen.pdbx_gene_src_cell                 ? 
_entity_src_gen.pdbx_gene_src_cellular_location    ? 
_entity_src_gen.host_org_common_name               ? 
_entity_src_gen.pdbx_host_org_scientific_name      'Escherichia coli' 
_entity_src_gen.pdbx_host_org_ncbi_taxonomy_id     562 
_entity_src_gen.host_org_genus                     ? 
_entity_src_gen.pdbx_host_org_gene                 ? 
_entity_src_gen.pdbx_host_org_organ                ? 
_entity_src_gen.host_org_species                   ? 
_entity_src_gen.pdbx_host_org_tissue               ? 
_entity_src_gen.pdbx_host_org_tissue_fraction      ? 
_entity_src_gen.pdbx_host_org_strain               ? 
_entity_src_gen.pdbx_host_org_variant              ? 
_entity_src_gen.pdbx_host_org_cell_line            ? 
_entity_src_gen.pdbx_host_org_atcc                 ? 
_entity_src_gen.pdbx_host_org_culture_collection   ? 
_entity_src_gen.pdbx_host_org_cell                 ? 
_entity_src_gen.pdbx_host_org_organelle            ? 
_entity_src_gen.pdbx_host_org_cellular_location    ? 
_entity_src_gen.pdbx_host_org_vector_type          ? 
_entity_src_gen.pdbx_host_org_vector               ? 
_entity_src_gen.host_org_details                   ? 
_entity_src_gen.expression_system_id               ? 
_entity_src_gen.plasmid_name                       ? 
_entity_src_gen.plasmid_details                    ? 
_entity_src_gen.pdbx_description                   ? 
# 
loop_
_chem_comp.id 
_chem_comp.type 
_chem_comp.mon_nstd_flag 
_chem_comp.name 
_chem_comp.pdbx_synonyms 
_chem_comp.formula 
_chem_comp.formula_weight 
ALA 'L-peptide linking' y ALANINE         ? 'C3 H7 N O2'     89.093  
ARG 'L-peptide linking' y ARGININE        ? 'C6 H15 N4 O2 1' 175.209 
ASN 'L-peptide linking' y ASPARAGINE      ? 'C4 H8 N2 O3'    132.118 
ASP 'L-peptide linking' y 'ASPARTIC ACID' ? 'C4 H7 N O4'     133.103 
CYS 'L-peptide linking' y CYSTEINE        ? 'C3 H7 N O2 S'   121.158 
GLN 'L-peptide linking' y GLUTAMINE       ? 'C5 H10 N2 O3'   146.144 
GLU 'L-peptide linking' y 'GLUTAMIC ACID' ? 'C5 H9 N O4'     147.129 
GLY 'peptide linking'   y GLYCINE         ? 'C2 H5 N O2'     75.067  
HIS 'L-peptide linking' y HISTIDINE       ? 'C6 H10 N3 O2 1' 156.162 
HOH non-polymer         . WATER           ? 'H2 O'           18.015  
ILE 'L-peptide linking' y ISOLEUCINE      ? 'C6 H13 N O2'    131.173 
LEU 'L-peptide linking' y LEUCINE         ? 'C6 H13 N O2'    131.173 
LYS 'L-peptide linking' y LYSINE          ? 'C6 H15 N2 O2 1' 147.195 
MET 'L-peptide linking' y METHIONINE      ? 'C5 H11 N O2 S'  149.211 
PHE 'L-peptide linking' y PHENYLALANINE   ? 'C9 H11 N O2'    165.189 
PRO 'L-peptide linking' y PROLINE         ? 'C5 H9 N O2'     115.130 
SER 'L-peptide linking' y SERINE          ? 'C3 H7 N O3'     105.093 
THR 'L-peptide linking' y THREONINE       ? 'C4 H9 N O3'     119.119 
TRP 'L-peptide linking' y TRYPTOPHAN      ? 'C11 H12 N2 O2'  204.225 
TYR 'L-peptide linking' y TYROSINE        ? 'C9 H11 N O3'    181.189 
VAL 'L-peptide linking' y VALINE          ? 'C5 H11 N O2'    117.146 
# 
loop_
_pdbx_poly_seq_scheme.asym_id 
_pdbx_poly_seq_scheme.entity_id 
_pdbx_poly_seq_scheme.seq_id 
_pdbx_poly_seq_scheme.mon_id 
_pdbx_poly_seq_scheme.ndb_seq_num 
_pdbx_poly_seq_scheme.pdb_seq_num 
_pdbx_poly_seq_scheme.auth_seq_num 
_pdbx_poly_seq_scheme.pdb_mon_id 
_pdbx_poly_seq_scheme.auth_mon_id 
_pdbx_poly_seq_scheme.pdb_strand_id 
_pdbx_poly_seq_scheme.pdb_ins_code 
_pdbx_poly_seq_scheme.hetero 
A 1 1   SER 1   2   2   SER SER A . n 
A 1 2   VAL 2   3   3   VAL VAL A . n 
A 1 3   LYS 3   4   4   LYS LYS A . n 
A 1 4   VAL 4   5   5   VAL VAL A . n 
A 1 5   GLY 5   6   6   GLY GLY A . n 
A 1 6   GLY 6   7   7   GLY GLY A . n 
A 1 7   GLU 7   8   8   GLU GLU A . n 
A 1 8   ALA 8   9   9   ALA ALA A . n 
A 1 9   GLY 9   10  10  GLY GLY A . n 
A 1 10  PRO 10  11  11  PRO PRO A . n 
A 1 11  SER 11  12  12  SER SER A . n 
A 1 12  VAL 12  13  13  VAL VAL A . n 
A 1 13  THR 13  14  14  THR THR A . n 
A 1 14  LEU 14  15  15  LEU LEU A . n 
A 1 15  PRO 15  16  16  PRO PRO A . n 
A 1 16  CYS 16  17  17  CYS CYS A . n 
A 1 17  HIS 17  18  18  HIS HIS A . n 
A 1 18  TYR 18  19  19  TYR TYR A . n 
A 1 19  SER 19  20  20  SER SER A . n 
A 1 20  GLY 20  21  21  GLY GLY A . n 
A 1 21  ALA 21  22  22  ALA ALA A . n 
A 1 22  VAL 22  23  23  VAL VAL A . n 
A 1 23  THR 23  24  24  THR THR A . n 
A 1 24  SER 24  25  25  SER SER A . n 
A 1 25  MET 25  26  26  MET MET A . n 
A 1 26  CYS 26  27  27  CYS CYS A . n 
A 1 27  TRP 27  28  28  TRP TRP A . n 
A 1 28  ASN 28  29  29  ASN ASN A . n 
A 1 29  ARG 29  30  30  ARG ARG A . n 
A 1 30  GLY 30  31  31  GLY GLY A . n 
A 1 31  SER 31  32  32  SER SER A . n 
A 1 32  CYS 32  33  33  CYS CYS A . n 
A 1 33  SER 33  34  34  SER SER A . n 
A 1 34  LEU 34  35  35  LEU LEU A . n 
A 1 35  PHE 35  36  36  PHE PHE A . n 
A 1 36  THR 36  37  37  THR THR A . n 
A 1 37  CYS 37  38  38  CYS CYS A . n 
A 1 38  GLN 38  39  39  GLN GLN A . n 
A 1 39  ASN 39  40  40  ASN ASN A . n 
A 1 40  GLY 40  41  41  GLY GLY A . n 
A 1 41  ILE 41  42  42  ILE ILE A . n 
A 1 42  VAL 42  43  43  VAL VAL A . n 
A 1 43  TRP 43  44  44  TRP TRP A . n 
A 1 44  THR 44  45  45  THR THR A . n 
A 1 45  ASN 45  46  46  ASN ASN A . n 
A 1 46  GLY 46  47  47  GLY GLY A . n 
A 1 47  THR 47  48  48  THR THR A . n 
A 1 48  HIS 48  49  49  HIS HIS A . n 
A 1 49  VAL 49  50  50  VAL VAL A . n 
A 1 50  THR 50  51  51  THR THR A . n 
A 1 51  TYR 51  52  52  TYR TYR A . n 
A 1 52  ARG 52  53  53  ARG ARG A . n 
A 1 53  LYS 53  54  54  LYS LYS A . n 
A 1 54  ASP 54  55  55  ASP ASP A . n 
A 1 55  THR 55  56  56  THR THR A . n 
A 1 56  ARG 56  57  57  ARG ARG A . n 
A 1 57  TYR 57  58  58  TYR TYR A . n 
A 1 58  LYS 58  59  59  LYS LYS A . n 
A 1 59  LEU 59  60  60  LEU LEU A . n 
A 1 60  LEU 60  61  61  LEU LEU A . n 
A 1 61  GLY 61  62  62  GLY GLY A . n 
A 1 62  ASP 62  63  63  ASP ASP A . n 
A 1 63  LEU 63  64  64  LEU LEU A . n 
A 1 64  SER 64  65  65  SER SER A . n 
A 1 65  ARG 65  66  66  ARG ARG A . n 
A 1 66  ARG 66  67  67  ARG ARG A . n 
A 1 67  ASP 67  68  68  ASP ASP A . n 
A 1 68  VAL 68  69  69  VAL VAL A . n 
A 1 69  SER 69  70  70  SER SER A . n 
A 1 70  LEU 70  71  71  LEU LEU A . n 
A 1 71  THR 71  72  72  THR THR A . n 
A 1 72  ILE 72  73  73  ILE ILE A . n 
A 1 73  GLU 73  74  74  GLU GLU A . n 
A 1 74  ASN 74  75  75  ASN ASN A . n 
A 1 75  THR 75  76  76  THR THR A . n 
A 1 76  ALA 76  77  77  ALA ALA A . n 
A 1 77  VAL 77  78  78  VAL VAL A . n 
A 1 78  SER 78  79  79  SER SER A . n 
A 1 79  ASP 79  80  80  ASP ASP A . n 
A 1 80  SER 80  81  81  SER SER A . n 
A 1 81  GLY 81  82  82  GLY GLY A . n 
A 1 82  VAL 82  83  83  VAL VAL A . n 
A 1 83  TYR 83  84  84  TYR TYR A . n 
A 1 84  CYS 84  85  85  CYS CYS A . n 
A 1 85  CYS 85  86  86  CYS CYS A . n 
A 1 86  ARG 86  87  87  ARG ARG A . n 
A 1 87  VAL 87  88  88  VAL VAL A . n 
A 1 88  GLU 88  89  89  GLU GLU A . n 
A 1 89  HIS 89  90  90  HIS HIS A . n 
A 1 90  ARG 90  91  91  ARG ARG A . n 
A 1 91  GLY 91  92  92  GLY GLY A . n 
A 1 92  TRP 92  93  93  TRP TRP A . n 
A 1 93  PHE 93  94  94  PHE PHE A . n 
A 1 94  ASN 94  95  95  ASN ASN A . n 
A 1 95  ASP 95  96  96  ASP ASP A . n 
A 1 96  MET 96  97  97  MET MET A . n 
A 1 97  LYS 97  98  98  LYS LYS A . n 
A 1 98  ILE 98  99  99  ILE ILE A . n 
A 1 99  THR 99  100 100 THR THR A . n 
A 1 100 VAL 100 101 101 VAL VAL A . n 
A 1 101 SER 101 102 102 SER SER A . n 
A 1 102 LEU 102 103 103 LEU LEU A . n 
A 1 103 GLU 103 104 104 GLU GLU A . n 
# 
loop_
_pdbx_nonpoly_scheme.asym_id 
_pdbx_nonpoly_scheme.entity_id 
_pdbx_nonpoly_scheme.mon_id 
_pdbx_nonpoly_scheme.ndb_seq_num 
_pdbx_nonpoly_scheme.pdb_seq_num 
_pdbx_nonpoly_scheme.auth_seq_num 
_pdbx_nonpoly_scheme.pdb_mon_id 
_pdbx_nonpoly_scheme.auth_mon_id 
_pdbx_nonpoly_scheme.pdb_strand_id 
_pdbx_nonpoly_scheme.pdb_ins_code 
B 2 HOH 1  201 27 HOH HOH A . 
B 2 HOH 2  202 12 HOH HOH A . 
B 2 HOH 3  203 54 HOH HOH A . 
B 2 HOH 4  204 52 HOH HOH A . 
B 2 HOH 5  205 18 HOH HOH A . 
B 2 HOH 6  206 13 HOH HOH A . 
B 2 HOH 7  207 2  HOH HOH A . 
B 2 HOH 8  208 8  HOH HOH A . 
B 2 HOH 9  209 80 HOH HOH A . 
B 2 HOH 10 210 35 HOH HOH A . 
B 2 HOH 11 211 23 HOH HOH A . 
B 2 HOH 12 212 10 HOH HOH A . 
B 2 HOH 13 213 30 HOH HOH A . 
B 2 HOH 14 214 25 HOH HOH A . 
B 2 HOH 15 215 62 HOH HOH A . 
B 2 HOH 16 216 7  HOH HOH A . 
B 2 HOH 17 217 19 HOH HOH A . 
B 2 HOH 18 218 22 HOH HOH A . 
B 2 HOH 19 219 43 HOH HOH A . 
B 2 HOH 20 220 20 HOH HOH A . 
B 2 HOH 21 221 69 HOH HOH A . 
B 2 HOH 22 222 37 HOH HOH A . 
B 2 HOH 23 223 50 HOH HOH A . 
B 2 HOH 24 224 9  HOH HOH A . 
B 2 HOH 25 225 26 HOH HOH A . 
B 2 HOH 26 226 42 HOH HOH A . 
B 2 HOH 27 227 47 HOH HOH A . 
B 2 HOH 28 228 46 HOH HOH A . 
B 2 HOH 29 229 31 HOH HOH A . 
B 2 HOH 30 230 15 HOH HOH A . 
B 2 HOH 31 231 16 HOH HOH A . 
B 2 HOH 32 232 53 HOH HOH A . 
B 2 HOH 33 233 45 HOH HOH A . 
B 2 HOH 34 234 36 HOH HOH A . 
B 2 HOH 35 235 3  HOH HOH A . 
B 2 HOH 36 236 4  HOH HOH A . 
B 2 HOH 37 237 41 HOH HOH A . 
B 2 HOH 38 238 5  HOH HOH A . 
B 2 HOH 39 239 17 HOH HOH A . 
B 2 HOH 40 240 6  HOH HOH A . 
B 2 HOH 41 241 66 HOH HOH A . 
B 2 HOH 42 242 21 HOH HOH A . 
B 2 HOH 43 243 34 HOH HOH A . 
B 2 HOH 44 244 78 HOH HOH A . 
B 2 HOH 45 245 71 HOH HOH A . 
B 2 HOH 46 246 44 HOH HOH A . 
B 2 HOH 47 247 49 HOH HOH A . 
B 2 HOH 48 248 40 HOH HOH A . 
B 2 HOH 49 249 38 HOH HOH A . 
B 2 HOH 50 250 28 HOH HOH A . 
B 2 HOH 51 251 56 HOH HOH A . 
B 2 HOH 52 252 14 HOH HOH A . 
B 2 HOH 53 253 68 HOH HOH A . 
B 2 HOH 54 254 33 HOH HOH A . 
B 2 HOH 55 255 84 HOH HOH A . 
B 2 HOH 56 256 48 HOH HOH A . 
B 2 HOH 57 257 72 HOH HOH A . 
B 2 HOH 58 258 39 HOH HOH A . 
B 2 HOH 59 259 70 HOH HOH A . 
B 2 HOH 60 260 63 HOH HOH A . 
B 2 HOH 61 261 24 HOH HOH A . 
B 2 HOH 62 262 75 HOH HOH A . 
B 2 HOH 63 263 55 HOH HOH A . 
B 2 HOH 64 264 85 HOH HOH A . 
B 2 HOH 65 265 32 HOH HOH A . 
B 2 HOH 66 266 29 HOH HOH A . 
B 2 HOH 67 267 51 HOH HOH A . 
B 2 HOH 68 268 61 HOH HOH A . 
B 2 HOH 69 269 65 HOH HOH A . 
B 2 HOH 70 270 57 HOH HOH A . 
B 2 HOH 71 271 74 HOH HOH A . 
B 2 HOH 72 272 60 HOH HOH A . 
B 2 HOH 73 273 1  HOH HOH A . 
B 2 HOH 74 274 86 HOH HOH A . 
B 2 HOH 75 275 77 HOH HOH A . 
B 2 HOH 76 276 58 HOH HOH A . 
B 2 HOH 77 277 64 HOH HOH A . 
B 2 HOH 78 278 11 HOH HOH A . 
B 2 HOH 79 279 83 HOH HOH A . 
B 2 HOH 80 280 67 HOH HOH A . 
B 2 HOH 81 281 76 HOH HOH A . 
B 2 HOH 82 282 59 HOH HOH A . 
B 2 HOH 83 283 73 HOH HOH A . 
B 2 HOH 84 284 79 HOH HOH A . 
B 2 HOH 85 285 82 HOH HOH A . 
B 2 HOH 86 286 81 HOH HOH A . 
# 
loop_
_software.citation_id 
_software.classification 
_software.compiler_name 
_software.compiler_version 
_software.contact_author 
_software.contact_author_email 
_software.date 
_software.description 
_software.dependencies 
_software.hardware 
_software.language 
_software.location 
_software.mods 
_software.name 
_software.os 
_software.os_version 
_software.type 
_software.version 
_software.pdbx_ordinal 
? 'data processing' ? ? ? ? ? ? ? ? ? ? ? HKL-2000  ? ? ? .         1 
? 'data scaling'    ? ? ? ? ? ? ? ? ? ? ? SCALEPACK ? ? ? .         2 
? phasing           ? ? ? ? ? ? ? ? ? ? ? PHASER    ? ? ? .         3 
? 'model building'  ? ? ? ? ? ? ? ? ? ? ? Coot      ? ? ? .         4 
? refinement        ? ? ? ? ? ? ? ? ? ? ? PHENIX    ? ? ? 1.7.3_928 5 
? 'data reduction'  ? ? ? ? ? ? ? ? ? ? ? HKL-2000  ? ? ? .         6 
# 
_cell.angle_alpha                  90.00 
_cell.angle_alpha_esd              ? 
_cell.angle_beta                   90.00 
_cell.angle_beta_esd               ? 
_cell.angle_gamma                  90.00 
_cell.angle_gamma_esd              ? 
_cell.entry_id                     5F70 
_cell.details                      ? 
_cell.formula_units_Z              ? 
_cell.length_a                     27.787 
_cell.length_a_esd                 ? 
_cell.length_b                     33.773 
_cell.length_b_esd                 ? 
_cell.length_c                     86.875 
_cell.length_c_esd                 ? 
_cell.volume                       ? 
_cell.volume_esd                   ? 
_cell.Z_PDB                        4 
_cell.reciprocal_angle_alpha       ? 
_cell.reciprocal_angle_beta        ? 
_cell.reciprocal_angle_gamma       ? 
_cell.reciprocal_angle_alpha_esd   ? 
_cell.reciprocal_angle_beta_esd    ? 
_cell.reciprocal_angle_gamma_esd   ? 
_cell.reciprocal_length_a          ? 
_cell.reciprocal_length_b          ? 
_cell.reciprocal_length_c          ? 
_cell.reciprocal_length_a_esd      ? 
_cell.reciprocal_length_b_esd      ? 
_cell.reciprocal_length_c_esd      ? 
_cell.pdbx_unique_axis             ? 
# 
_symmetry.entry_id                         5F70 
_symmetry.cell_setting                     ? 
_symmetry.Int_Tables_number                19 
_symmetry.space_group_name_Hall            ? 
_symmetry.space_group_name_H-M             'P 21 21 21' 
_symmetry.pdbx_full_space_group_name_H-M   ? 
# 
_exptl.absorpt_coefficient_mu     ? 
_exptl.absorpt_correction_T_max   ? 
_exptl.absorpt_correction_T_min   ? 
_exptl.absorpt_correction_type    ? 
_exptl.absorpt_process_details    ? 
_exptl.entry_id                   5F70 
_exptl.crystals_number            ? 
_exptl.details                    ? 
_exptl.method                     'X-RAY DIFFRACTION' 
_exptl.method_details             ? 
# 
_exptl_crystal.colour                      ? 
_exptl_crystal.density_diffrn              ? 
_exptl_crystal.density_Matthews            1.79 
_exptl_crystal.density_method              ? 
_exptl_crystal.density_percent_sol         31.23 
_exptl_crystal.description                 ? 
_exptl_crystal.F_000                       ? 
_exptl_crystal.id                          1 
_exptl_crystal.preparation                 ? 
_exptl_crystal.size_max                    ? 
_exptl_crystal.size_mid                    ? 
_exptl_crystal.size_min                    ? 
_exptl_crystal.size_rad                    ? 
_exptl_crystal.colour_lustre               ? 
_exptl_crystal.colour_modifier             ? 
_exptl_crystal.colour_primary              ? 
_exptl_crystal.density_meas                ? 
_exptl_crystal.density_meas_esd            ? 
_exptl_crystal.density_meas_gt             ? 
_exptl_crystal.density_meas_lt             ? 
_exptl_crystal.density_meas_temp           ? 
_exptl_crystal.density_meas_temp_esd       ? 
_exptl_crystal.density_meas_temp_gt        ? 
_exptl_crystal.density_meas_temp_lt        ? 
_exptl_crystal.pdbx_crystal_image_url      ? 
_exptl_crystal.pdbx_crystal_image_format   ? 
_exptl_crystal.pdbx_mosaicity              ? 
_exptl_crystal.pdbx_mosaicity_esd          ? 
# 
_exptl_crystal_grow.apparatus       ? 
_exptl_crystal_grow.atmosphere      ? 
_exptl_crystal_grow.crystal_id      1 
_exptl_crystal_grow.details         ? 
_exptl_crystal_grow.method          'VAPOR DIFFUSION, SITTING DROP' 
_exptl_crystal_grow.method_ref      ? 
_exptl_crystal_grow.pH              ? 
_exptl_crystal_grow.pressure        ? 
_exptl_crystal_grow.pressure_esd    ? 
_exptl_crystal_grow.seeding         ? 
_exptl_crystal_grow.seeding_ref     ? 
_exptl_crystal_grow.temp            291 
_exptl_crystal_grow.temp_details    ? 
_exptl_crystal_grow.temp_esd        ? 
_exptl_crystal_grow.time            ? 
_exptl_crystal_grow.pdbx_details    '0.1M imidazole. 20%(v/v) Jeffamine ED-2001 (pH 7.0)' 
_exptl_crystal_grow.pdbx_pH_range   ? 
# 
_diffrn.ambient_environment    ? 
_diffrn.ambient_temp           100 
_diffrn.ambient_temp_details   ? 
_diffrn.ambient_temp_esd       ? 
_diffrn.crystal_id             1 
_diffrn.crystal_support        ? 
_diffrn.crystal_treatment      ? 
_diffrn.details                ? 
_diffrn.id                     1 
_diffrn.ambient_pressure       ? 
_diffrn.ambient_pressure_esd   ? 
_diffrn.ambient_pressure_gt    ? 
_diffrn.ambient_pressure_lt    ? 
_diffrn.ambient_temp_gt        ? 
_diffrn.ambient_temp_lt        ? 
# 
_diffrn_detector.details                      ? 
_diffrn_detector.detector                     CCD 
_diffrn_detector.diffrn_id                    1 
_diffrn_detector.type                         'MARMOSAIC 225 mm CCD' 
_diffrn_detector.area_resol_mean              ? 
_diffrn_detector.dtime                        ? 
_diffrn_detector.pdbx_frames_total            ? 
_diffrn_detector.pdbx_collection_time_total   ? 
_diffrn_detector.pdbx_collection_date         2014-09-28 
# 
_diffrn_radiation.collimation                      ? 
_diffrn_radiation.diffrn_id                        1 
_diffrn_radiation.filter_edge                      ? 
_diffrn_radiation.inhomogeneity                    ? 
_diffrn_radiation.monochromator                    ? 
_diffrn_radiation.polarisn_norm                    ? 
_diffrn_radiation.polarisn_ratio                   ? 
_diffrn_radiation.probe                            ? 
_diffrn_radiation.type                             ? 
_diffrn_radiation.xray_symbol                      ? 
_diffrn_radiation.wavelength_id                    1 
_diffrn_radiation.pdbx_monochromatic_or_laue_m_l   M 
_diffrn_radiation.pdbx_wavelength_list             ? 
_diffrn_radiation.pdbx_wavelength                  ? 
_diffrn_radiation.pdbx_diffrn_protocol             'SINGLE WAVELENGTH' 
_diffrn_radiation.pdbx_analyzer                    ? 
_diffrn_radiation.pdbx_scattering_type             x-ray 
# 
_diffrn_radiation_wavelength.id           1 
_diffrn_radiation_wavelength.wavelength   0.97972 
_diffrn_radiation_wavelength.wt           1.0 
# 
_diffrn_source.current                     ? 
_diffrn_source.details                     ? 
_diffrn_source.diffrn_id                   1 
_diffrn_source.power                       ? 
_diffrn_source.size                        ? 
_diffrn_source.source                      SYNCHROTRON 
_diffrn_source.target                      ? 
_diffrn_source.type                        'SSRF BEAMLINE BL17U' 
_diffrn_source.voltage                     ? 
_diffrn_source.take-off_angle              ? 
_diffrn_source.pdbx_wavelength_list        0.97972 
_diffrn_source.pdbx_wavelength             ? 
_diffrn_source.pdbx_synchrotron_beamline   BL17U 
_diffrn_source.pdbx_synchrotron_site       SSRF 
# 
_reflns.B_iso_Wilson_estimate            ? 
_reflns.entry_id                         5F70 
_reflns.data_reduction_details           ? 
_reflns.data_reduction_method            ? 
_reflns.d_resolution_high                1.8 
_reflns.d_resolution_low                 50 
_reflns.details                          ? 
_reflns.limit_h_max                      ? 
_reflns.limit_h_min                      ? 
_reflns.limit_k_max                      ? 
_reflns.limit_k_min                      ? 
_reflns.limit_l_max                      ? 
_reflns.limit_l_min                      ? 
_reflns.number_all                       ? 
_reflns.number_obs                       7934 
_reflns.observed_criterion               ? 
_reflns.observed_criterion_F_max         ? 
_reflns.observed_criterion_F_min         ? 
_reflns.observed_criterion_I_max         ? 
_reflns.observed_criterion_I_min         ? 
_reflns.observed_criterion_sigma_F       ? 
_reflns.observed_criterion_sigma_I       ? 
_reflns.percent_possible_obs             97.8 
_reflns.R_free_details                   ? 
_reflns.Rmerge_F_all                     ? 
_reflns.Rmerge_F_obs                     ? 
_reflns.Friedel_coverage                 ? 
_reflns.number_gt                        ? 
_reflns.threshold_expression             ? 
_reflns.pdbx_redundancy                  4 
_reflns.pdbx_Rmerge_I_obs                0.105 
_reflns.pdbx_Rmerge_I_all                ? 
_reflns.pdbx_Rsym_value                  0.105 
_reflns.pdbx_netI_over_av_sigmaI         ? 
_reflns.pdbx_netI_over_sigmaI            11.092 
_reflns.pdbx_res_netI_over_av_sigmaI_2   ? 
_reflns.pdbx_res_netI_over_sigmaI_2      ? 
_reflns.pdbx_chi_squared                 ? 
_reflns.pdbx_scaling_rejects             ? 
_reflns.pdbx_d_res_high_opt              ? 
_reflns.pdbx_d_res_low_opt               ? 
_reflns.pdbx_d_res_opt_method            ? 
_reflns.phase_calculation_details        ? 
_reflns.pdbx_Rrim_I_all                  ? 
_reflns.pdbx_Rpim_I_all                  ? 
_reflns.pdbx_d_opt                       ? 
_reflns.pdbx_number_measured_all         ? 
_reflns.pdbx_diffrn_id                   1 
_reflns.pdbx_ordinal                     1 
_reflns.pdbx_CC_half                     ? 
_reflns.pdbx_R_split                     ? 
# 
_reflns_shell.d_res_high                  1.8 
_reflns_shell.d_res_low                   1.86 
_reflns_shell.meanI_over_sigI_all         ? 
_reflns_shell.meanI_over_sigI_obs         2.000 
_reflns_shell.number_measured_all         ? 
_reflns_shell.number_measured_obs         ? 
_reflns_shell.number_possible             ? 
_reflns_shell.number_unique_all           ? 
_reflns_shell.number_unique_obs           ? 
_reflns_shell.percent_possible_all        95.5 
_reflns_shell.percent_possible_obs        ? 
_reflns_shell.Rmerge_F_all                ? 
_reflns_shell.Rmerge_F_obs                ? 
_reflns_shell.Rmerge_I_all                ? 
_reflns_shell.Rmerge_I_obs                0.469 
_reflns_shell.meanI_over_sigI_gt          ? 
_reflns_shell.meanI_over_uI_all           ? 
_reflns_shell.meanI_over_uI_gt            ? 
_reflns_shell.number_measured_gt          ? 
_reflns_shell.number_unique_gt            ? 
_reflns_shell.percent_possible_gt         ? 
_reflns_shell.Rmerge_F_gt                 ? 
_reflns_shell.Rmerge_I_gt                 ? 
_reflns_shell.pdbx_redundancy             4.0 
_reflns_shell.pdbx_Rsym_value             0.469 
_reflns_shell.pdbx_chi_squared            ? 
_reflns_shell.pdbx_netI_over_sigmaI_all   ? 
_reflns_shell.pdbx_netI_over_sigmaI_obs   ? 
_reflns_shell.pdbx_Rrim_I_all             ? 
_reflns_shell.pdbx_Rpim_I_all             ? 
_reflns_shell.pdbx_rejects                ? 
_reflns_shell.pdbx_ordinal                1 
_reflns_shell.pdbx_diffrn_id              1 
_reflns_shell.pdbx_CC_half                ? 
_reflns_shell.pdbx_R_split                ? 
# 
_refine.aniso_B[1][1]                            -8.8270 
_refine.aniso_B[1][2]                            0.0000 
_refine.aniso_B[1][3]                            0.0000 
_refine.aniso_B[2][2]                            8.7760 
_refine.aniso_B[2][3]                            -0.0000 
_refine.aniso_B[3][3]                            0.0510 
_refine.B_iso_max                                ? 
_refine.B_iso_mean                               ? 
_refine.B_iso_min                                ? 
_refine.correlation_coeff_Fo_to_Fc               ? 
_refine.correlation_coeff_Fo_to_Fc_free          ? 
_refine.details                                  ? 
_refine.diff_density_max                         ? 
_refine.diff_density_max_esd                     ? 
_refine.diff_density_min                         ? 
_refine.diff_density_min_esd                     ? 
_refine.diff_density_rms                         ? 
_refine.diff_density_rms_esd                     ? 
_refine.entry_id                                 5F70 
_refine.pdbx_refine_id                           'X-RAY DIFFRACTION' 
_refine.ls_abs_structure_details                 ? 
_refine.ls_abs_structure_Flack                   ? 
_refine.ls_abs_structure_Flack_esd               ? 
_refine.ls_abs_structure_Rogers                  ? 
_refine.ls_abs_structure_Rogers_esd              ? 
_refine.ls_d_res_high                            1.8 
_refine.ls_d_res_low                             26.466 
_refine.ls_extinction_coef                       ? 
_refine.ls_extinction_coef_esd                   ? 
_refine.ls_extinction_expression                 ? 
_refine.ls_extinction_method                     ? 
_refine.ls_goodness_of_fit_all                   ? 
_refine.ls_goodness_of_fit_all_esd               ? 
_refine.ls_goodness_of_fit_obs                   ? 
_refine.ls_goodness_of_fit_obs_esd               ? 
_refine.ls_hydrogen_treatment                    ? 
_refine.ls_matrix_type                           ? 
_refine.ls_number_constraints                    ? 
_refine.ls_number_parameters                     ? 
_refine.ls_number_reflns_all                     ? 
_refine.ls_number_reflns_obs                     7932 
_refine.ls_number_reflns_R_free                  366 
_refine.ls_number_reflns_R_work                  ? 
_refine.ls_number_restraints                     ? 
_refine.ls_percent_reflns_obs                    97.90 
_refine.ls_percent_reflns_R_free                 4.61 
_refine.ls_R_factor_all                          ? 
_refine.ls_R_factor_obs                          0.2000 
_refine.ls_R_factor_R_free                       0.2591 
_refine.ls_R_factor_R_free_error                 ? 
_refine.ls_R_factor_R_free_error_details         ? 
_refine.ls_R_factor_R_work                       0.1972 
_refine.ls_R_Fsqd_factor_obs                     ? 
_refine.ls_R_I_factor_obs                        ? 
_refine.ls_redundancy_reflns_all                 ? 
_refine.ls_redundancy_reflns_obs                 ? 
_refine.ls_restrained_S_all                      ? 
_refine.ls_restrained_S_obs                      ? 
_refine.ls_shift_over_esd_max                    ? 
_refine.ls_shift_over_esd_mean                   ? 
_refine.ls_structure_factor_coef                 ? 
_refine.ls_weighting_details                     ? 
_refine.ls_weighting_scheme                      ? 
_refine.ls_wR_factor_all                         ? 
_refine.ls_wR_factor_obs                         ? 
_refine.ls_wR_factor_R_free                      ? 
_refine.ls_wR_factor_R_work                      ? 
_refine.occupancy_max                            ? 
_refine.occupancy_min                            ? 
_refine.solvent_model_details                    'FLAT BULK SOLVENT MODEL' 
_refine.solvent_model_param_bsol                 48.043 
_refine.solvent_model_param_ksol                 0.359 
_refine.ls_R_factor_gt                           ? 
_refine.ls_goodness_of_fit_gt                    ? 
_refine.ls_goodness_of_fit_ref                   ? 
_refine.ls_shift_over_su_max                     ? 
_refine.ls_shift_over_su_max_lt                  ? 
_refine.ls_shift_over_su_mean                    ? 
_refine.ls_shift_over_su_mean_lt                 ? 
_refine.pdbx_ls_sigma_I                          ? 
_refine.pdbx_ls_sigma_F                          1.34 
_refine.pdbx_ls_sigma_Fsqd                       ? 
_refine.pdbx_data_cutoff_high_absF               ? 
_refine.pdbx_data_cutoff_high_rms_absF           ? 
_refine.pdbx_data_cutoff_low_absF                ? 
_refine.pdbx_isotropic_thermal_model             ? 
_refine.pdbx_ls_cross_valid_method               'FREE R-VALUE' 
_refine.pdbx_method_to_determine_struct          'MOLECULAR REPLACEMENT' 
_refine.pdbx_starting_model                      2OR8 
_refine.pdbx_stereochemistry_target_values       ML 
_refine.pdbx_R_Free_selection_details            ? 
_refine.pdbx_stereochem_target_val_spec_case     ? 
_refine.pdbx_overall_ESU_R                       ? 
_refine.pdbx_overall_ESU_R_Free                  ? 
_refine.pdbx_solvent_vdw_probe_radii             1.10 
_refine.pdbx_solvent_ion_probe_radii             ? 
_refine.pdbx_solvent_shrinkage_radii             0.86 
_refine.pdbx_real_space_R                        ? 
_refine.pdbx_density_correlation                 ? 
_refine.pdbx_pd_number_of_powder_patterns        ? 
_refine.pdbx_pd_number_of_points                 ? 
_refine.pdbx_pd_meas_number_of_points            ? 
_refine.pdbx_pd_proc_ls_prof_R_factor            ? 
_refine.pdbx_pd_proc_ls_prof_wR_factor           ? 
_refine.pdbx_pd_Marquardt_correlation_coeff      ? 
_refine.pdbx_pd_Fsqrd_R_factor                   ? 
_refine.pdbx_pd_ls_matrix_band_width             ? 
_refine.pdbx_overall_phase_error                 24.99 
_refine.pdbx_overall_SU_R_free_Cruickshank_DPI   ? 
_refine.pdbx_overall_SU_R_free_Blow_DPI          ? 
_refine.pdbx_overall_SU_R_Blow_DPI               ? 
_refine.pdbx_TLS_residual_ADP_flag               ? 
_refine.pdbx_diffrn_id                           1 
_refine.overall_SU_B                             ? 
_refine.overall_SU_ML                            0.22 
_refine.overall_SU_R_Cruickshank_DPI             ? 
_refine.overall_SU_R_free                        ? 
_refine.overall_FOM_free_R_set                   ? 
_refine.overall_FOM_work_R_set                   ? 
_refine.pdbx_average_fsc_overall                 ? 
_refine.pdbx_average_fsc_work                    ? 
_refine.pdbx_average_fsc_free                    ? 
# 
_refine_hist.pdbx_refine_id                   'X-RAY DIFFRACTION' 
_refine_hist.cycle_id                         LAST 
_refine_hist.pdbx_number_atoms_protein        795 
_refine_hist.pdbx_number_atoms_nucleic_acid   0 
_refine_hist.pdbx_number_atoms_ligand         0 
_refine_hist.number_atoms_solvent             86 
_refine_hist.number_atoms_total               881 
_refine_hist.d_res_high                       1.8 
_refine_hist.d_res_low                        26.466 
# 
loop_
_refine_ls_restr.pdbx_refine_id 
_refine_ls_restr.criterion 
_refine_ls_restr.dev_ideal 
_refine_ls_restr.dev_ideal_target 
_refine_ls_restr.number 
_refine_ls_restr.rejects 
_refine_ls_restr.type 
_refine_ls_restr.weight 
_refine_ls_restr.pdbx_restraint_function 
'X-RAY DIFFRACTION' ? 0.007  ? 814  ? f_bond_d           ? ? 
'X-RAY DIFFRACTION' ? 1.188  ? 1100 ? f_angle_d          ? ? 
'X-RAY DIFFRACTION' ? 14.538 ? 287  ? f_dihedral_angle_d ? ? 
'X-RAY DIFFRACTION' ? 0.090  ? 124  ? f_chiral_restr     ? ? 
'X-RAY DIFFRACTION' ? 0.005  ? 139  ? f_plane_restr      ? ? 
# 
loop_
_refine_ls_shell.pdbx_refine_id 
_refine_ls_shell.d_res_high 
_refine_ls_shell.d_res_low 
_refine_ls_shell.number_reflns_all 
_refine_ls_shell.number_reflns_obs 
_refine_ls_shell.number_reflns_R_free 
_refine_ls_shell.number_reflns_R_work 
_refine_ls_shell.percent_reflns_obs 
_refine_ls_shell.percent_reflns_R_free 
_refine_ls_shell.R_factor_all 
_refine_ls_shell.R_factor_obs 
_refine_ls_shell.R_factor_R_free 
_refine_ls_shell.R_factor_R_free_error 
_refine_ls_shell.R_factor_R_work 
_refine_ls_shell.redundancy_reflns_all 
_refine_ls_shell.redundancy_reflns_obs 
_refine_ls_shell.wR_factor_all 
_refine_ls_shell.wR_factor_obs 
_refine_ls_shell.wR_factor_R_free 
_refine_ls_shell.wR_factor_R_work 
_refine_ls_shell.pdbx_total_number_of_bins_used 
_refine_ls_shell.pdbx_phase_error 
_refine_ls_shell.pdbx_fsc_work 
_refine_ls_shell.pdbx_fsc_free 
'X-RAY DIFFRACTION' 1.7974 2.0574  . . 114 2449 98.00 . . . 0.2805 . 0.2265 . . . . . . . . . . 
'X-RAY DIFFRACTION' 2.0574 2.5917  . . 125 2536 99.00 . . . 0.3067 . 0.1889 . . . . . . . . . . 
'X-RAY DIFFRACTION' 2.5917 26.4690 . . 127 2581 97.00 . . . 0.2354 . 0.1937 . . . . . . . . . . 
# 
_struct.entry_id                     5F70 
_struct.title                        'Crystal structures of human TIM members' 
_struct.pdbx_model_details           ? 
_struct.pdbx_formula_weight          ? 
_struct.pdbx_formula_weight_method   ? 
_struct.pdbx_model_type_details      ? 
_struct.pdbx_CASP_flag               ? 
# 
_struct_keywords.entry_id        5F70 
_struct_keywords.text            'hTIM, Ebola virus, receptor, IMMUNE SYSTEM' 
_struct_keywords.pdbx_keywords   'IMMUNE SYSTEM' 
# 
loop_
_struct_asym.id 
_struct_asym.pdbx_blank_PDB_chainid_flag 
_struct_asym.pdbx_modified 
_struct_asym.entity_id 
_struct_asym.details 
A N N 1 ? 
B N N 2 ? 
# 
_struct_ref.id                         1 
_struct_ref.db_name                    UNP 
_struct_ref.db_code                    HAVR1_HUMAN 
_struct_ref.pdbx_db_accession          Q96D42 
_struct_ref.pdbx_db_isoform            ? 
_struct_ref.entity_id                  1 
_struct_ref.pdbx_seq_one_letter_code   
;SVKVGGEAGPSVTLPCHYSGAVTSMCWNRGSCSLFTCQNGIVWTNGTHVTYRKDTRYKLLGDLSRRDVSLTIENTAVSDS
GVYCCRVEHRGWFNDMKITVSLE
;
_struct_ref.pdbx_align_begin           21 
# 
_struct_ref_seq.align_id                      1 
_struct_ref_seq.ref_id                        1 
_struct_ref_seq.pdbx_PDB_id_code              5F70 
_struct_ref_seq.pdbx_strand_id                A 
_struct_ref_seq.seq_align_beg                 1 
_struct_ref_seq.pdbx_seq_align_beg_ins_code   ? 
_struct_ref_seq.seq_align_end                 103 
_struct_ref_seq.pdbx_seq_align_end_ins_code   ? 
_struct_ref_seq.pdbx_db_accession             Q96D42 
_struct_ref_seq.db_align_beg                  21 
_struct_ref_seq.pdbx_db_align_beg_ins_code    ? 
_struct_ref_seq.db_align_end                  123 
_struct_ref_seq.pdbx_db_align_end_ins_code    ? 
_struct_ref_seq.pdbx_auth_seq_align_beg       2 
_struct_ref_seq.pdbx_auth_seq_align_end       104 
# 
_pdbx_struct_assembly.id                   1 
_pdbx_struct_assembly.details              author_defined_assembly 
_pdbx_struct_assembly.method_details       ? 
_pdbx_struct_assembly.oligomeric_details   monomeric 
_pdbx_struct_assembly.oligomeric_count     1 
# 
loop_
_pdbx_struct_assembly_prop.biol_id 
_pdbx_struct_assembly_prop.type 
_pdbx_struct_assembly_prop.value 
_pdbx_struct_assembly_prop.details 
1 'ABSA (A^2)' 0    ? 
1 MORE         0    ? 
1 'SSA (A^2)'  5620 ? 
# 
_pdbx_struct_assembly_gen.assembly_id       1 
_pdbx_struct_assembly_gen.oper_expression   1 
_pdbx_struct_assembly_gen.asym_id_list      A,B 
# 
_pdbx_struct_oper_list.id                   1 
_pdbx_struct_oper_list.type                 'identity operation' 
_pdbx_struct_oper_list.name                 1_555 
_pdbx_struct_oper_list.symmetry_operation   x,y,z 
_pdbx_struct_oper_list.matrix[1][1]         1.0000000000 
_pdbx_struct_oper_list.matrix[1][2]         0.0000000000 
_pdbx_struct_oper_list.matrix[1][3]         0.0000000000 
_pdbx_struct_oper_list.vector[1]            0.0000000000 
_pdbx_struct_oper_list.matrix[2][1]         0.0000000000 
_pdbx_struct_oper_list.matrix[2][2]         1.0000000000 
_pdbx_struct_oper_list.matrix[2][3]         0.0000000000 
_pdbx_struct_oper_list.vector[2]            0.0000000000 
_pdbx_struct_oper_list.matrix[3][1]         0.0000000000 
_pdbx_struct_oper_list.matrix[3][2]         0.0000000000 
_pdbx_struct_oper_list.matrix[3][3]         1.0000000000 
_pdbx_struct_oper_list.vector[3]            0.0000000000 
# 
loop_
_struct_conf.conf_type_id 
_struct_conf.id 
_struct_conf.pdbx_PDB_helix_id 
_struct_conf.beg_label_comp_id 
_struct_conf.beg_label_asym_id 
_struct_conf.beg_label_seq_id 
_struct_conf.pdbx_beg_PDB_ins_code 
_struct_conf.end_label_comp_id 
_struct_conf.end_label_asym_id 
_struct_conf.end_label_seq_id 
_struct_conf.pdbx_end_PDB_ins_code 
_struct_conf.beg_auth_comp_id 
_struct_conf.beg_auth_asym_id 
_struct_conf.beg_auth_seq_id 
_struct_conf.end_auth_comp_id 
_struct_conf.end_auth_asym_id 
_struct_conf.end_auth_seq_id 
_struct_conf.pdbx_PDB_helix_class 
_struct_conf.details 
_struct_conf.pdbx_PDB_helix_length 
HELX_P HELX_P1 AA1 ASP A 62 ? ARG A 66 ? ASP A 63 ARG A 67 5 ? 5 
HELX_P HELX_P2 AA2 ALA A 76 ? SER A 80 ? ALA A 77 SER A 81 5 ? 5 
# 
_struct_conf_type.id          HELX_P 
_struct_conf_type.criteria    ? 
_struct_conf_type.reference   ? 
# 
loop_
_struct_conn.id 
_struct_conn.conn_type_id 
_struct_conn.pdbx_leaving_atom_flag 
_struct_conn.pdbx_PDB_id 
_struct_conn.ptnr1_label_asym_id 
_struct_conn.ptnr1_label_comp_id 
_struct_conn.ptnr1_label_seq_id 
_struct_conn.ptnr1_label_atom_id 
_struct_conn.pdbx_ptnr1_label_alt_id 
_struct_conn.pdbx_ptnr1_PDB_ins_code 
_struct_conn.pdbx_ptnr1_standard_comp_id 
_struct_conn.ptnr1_symmetry 
_struct_conn.ptnr2_label_asym_id 
_struct_conn.ptnr2_label_comp_id 
_struct_conn.ptnr2_label_seq_id 
_struct_conn.ptnr2_label_atom_id 
_struct_conn.pdbx_ptnr2_label_alt_id 
_struct_conn.pdbx_ptnr2_PDB_ins_code 
_struct_conn.ptnr1_auth_asym_id 
_struct_conn.ptnr1_auth_comp_id 
_struct_conn.ptnr1_auth_seq_id 
_struct_conn.ptnr2_auth_asym_id 
_struct_conn.ptnr2_auth_comp_id 
_struct_conn.ptnr2_auth_seq_id 
_struct_conn.ptnr2_symmetry 
_struct_conn.pdbx_ptnr3_label_atom_id 
_struct_conn.pdbx_ptnr3_label_seq_id 
_struct_conn.pdbx_ptnr3_label_comp_id 
_struct_conn.pdbx_ptnr3_label_asym_id 
_struct_conn.pdbx_ptnr3_label_alt_id 
_struct_conn.pdbx_ptnr3_PDB_ins_code 
_struct_conn.details 
_struct_conn.pdbx_dist_value 
_struct_conn.pdbx_value_order 
_struct_conn.pdbx_role 
disulf1 disulf ? ? A CYS 16 SG ? ? ? 1_555 A CYS 85 SG ? ? A CYS 17 A CYS 86 1_555 ? ? ? ? ? ? ? 2.037 ? ? 
disulf2 disulf ? ? A CYS 26 SG ? ? ? 1_555 A CYS 37 SG ? ? A CYS 27 A CYS 38 1_555 ? ? ? ? ? ? ? 2.044 ? ? 
disulf3 disulf ? ? A CYS 32 SG ? ? ? 1_555 A CYS 84 SG ? ? A CYS 33 A CYS 85 1_555 ? ? ? ? ? ? ? 2.049 ? ? 
# 
_struct_conn_type.id          disulf 
_struct_conn_type.criteria    ? 
_struct_conn_type.reference   ? 
# 
loop_
_pdbx_modification_feature.ordinal 
_pdbx_modification_feature.label_comp_id 
_pdbx_modification_feature.label_asym_id 
_pdbx_modification_feature.label_seq_id 
_pdbx_modification_feature.label_alt_id 
_pdbx_modification_feature.modified_residue_label_comp_id 
_pdbx_modification_feature.modified_residue_label_asym_id 
_pdbx_modification_feature.modified_residue_label_seq_id 
_pdbx_modification_feature.modified_residue_label_alt_id 
_pdbx_modification_feature.auth_comp_id 
_pdbx_modification_feature.auth_asym_id 
_pdbx_modification_feature.auth_seq_id 
_pdbx_modification_feature.PDB_ins_code 
_pdbx_modification_feature.symmetry 
_pdbx_modification_feature.modified_residue_auth_comp_id 
_pdbx_modification_feature.modified_residue_auth_asym_id 
_pdbx_modification_feature.modified_residue_auth_seq_id 
_pdbx_modification_feature.modified_residue_PDB_ins_code 
_pdbx_modification_feature.modified_residue_symmetry 
_pdbx_modification_feature.comp_id_linking_atom 
_pdbx_modification_feature.modified_residue_id_linking_atom 
_pdbx_modification_feature.modified_residue_id 
_pdbx_modification_feature.ref_pcm_id 
_pdbx_modification_feature.ref_comp_id 
_pdbx_modification_feature.type 
_pdbx_modification_feature.category 
1 CYS A 16 ? CYS A 85 ? CYS A 17 ? 1_555 CYS A 86 ? 1_555 SG SG . . . None 'Disulfide bridge' 
2 CYS A 26 ? CYS A 37 ? CYS A 27 ? 1_555 CYS A 38 ? 1_555 SG SG . . . None 'Disulfide bridge' 
3 CYS A 32 ? CYS A 84 ? CYS A 33 ? 1_555 CYS A 85 ? 1_555 SG SG . . . None 'Disulfide bridge' 
# 
loop_
_struct_sheet.id 
_struct_sheet.type 
_struct_sheet.number_strands 
_struct_sheet.details 
AA1 ? 6 ? 
AA2 ? 3 ? 
# 
loop_
_struct_sheet_order.sheet_id 
_struct_sheet_order.range_id_1 
_struct_sheet_order.range_id_2 
_struct_sheet_order.offset 
_struct_sheet_order.sense 
AA1 1 2 ? parallel      
AA1 2 3 ? anti-parallel 
AA1 3 4 ? anti-parallel 
AA1 4 5 ? anti-parallel 
AA1 5 6 ? anti-parallel 
AA2 1 2 ? anti-parallel 
AA2 2 3 ? anti-parallel 
# 
loop_
_struct_sheet_range.sheet_id 
_struct_sheet_range.id 
_struct_sheet_range.beg_label_comp_id 
_struct_sheet_range.beg_label_asym_id 
_struct_sheet_range.beg_label_seq_id 
_struct_sheet_range.pdbx_beg_PDB_ins_code 
_struct_sheet_range.end_label_comp_id 
_struct_sheet_range.end_label_asym_id 
_struct_sheet_range.end_label_seq_id 
_struct_sheet_range.pdbx_end_PDB_ins_code 
_struct_sheet_range.beg_auth_comp_id 
_struct_sheet_range.beg_auth_asym_id 
_struct_sheet_range.beg_auth_seq_id 
_struct_sheet_range.end_auth_comp_id 
_struct_sheet_range.end_auth_asym_id 
_struct_sheet_range.end_auth_seq_id 
AA1 1 VAL A 2  ? GLY A 6   ? VAL A 3  GLY A 7   
AA1 2 PHE A 93 ? LEU A 102 ? PHE A 94 LEU A 103 
AA1 3 GLY A 81 ? GLU A 88  ? GLY A 82 GLU A 89  
AA1 4 MET A 25 ? ARG A 29  ? MET A 26 ARG A 30  
AA1 5 GLY A 40 ? ASN A 45  ? GLY A 41 ASN A 46  
AA1 6 HIS A 48 ? ARG A 52  ? HIS A 49 ARG A 53  
AA2 1 VAL A 12 ? LEU A 14  ? VAL A 13 LEU A 15  
AA2 2 LEU A 70 ? ILE A 72  ? LEU A 71 ILE A 73  
AA2 3 TYR A 57 ? LYS A 58  ? TYR A 58 LYS A 59  
# 
loop_
_pdbx_struct_sheet_hbond.sheet_id 
_pdbx_struct_sheet_hbond.range_id_1 
_pdbx_struct_sheet_hbond.range_id_2 
_pdbx_struct_sheet_hbond.range_1_label_atom_id 
_pdbx_struct_sheet_hbond.range_1_label_comp_id 
_pdbx_struct_sheet_hbond.range_1_label_asym_id 
_pdbx_struct_sheet_hbond.range_1_label_seq_id 
_pdbx_struct_sheet_hbond.range_1_PDB_ins_code 
_pdbx_struct_sheet_hbond.range_1_auth_atom_id 
_pdbx_struct_sheet_hbond.range_1_auth_comp_id 
_pdbx_struct_sheet_hbond.range_1_auth_asym_id 
_pdbx_struct_sheet_hbond.range_1_auth_seq_id 
_pdbx_struct_sheet_hbond.range_2_label_atom_id 
_pdbx_struct_sheet_hbond.range_2_label_comp_id 
_pdbx_struct_sheet_hbond.range_2_label_asym_id 
_pdbx_struct_sheet_hbond.range_2_label_seq_id 
_pdbx_struct_sheet_hbond.range_2_PDB_ins_code 
_pdbx_struct_sheet_hbond.range_2_auth_atom_id 
_pdbx_struct_sheet_hbond.range_2_auth_comp_id 
_pdbx_struct_sheet_hbond.range_2_auth_asym_id 
_pdbx_struct_sheet_hbond.range_2_auth_seq_id 
AA1 1 2 N VAL A 4  ? N VAL A 5  O THR A 99 ? O THR A 100 
AA1 2 3 O ASN A 94 ? O ASN A 95 N VAL A 87 ? N VAL A 88  
AA1 3 4 O ARG A 86 ? O ARG A 87 N CYS A 26 ? N CYS A 27  
AA1 4 5 N TRP A 27 ? N TRP A 28 O ILE A 41 ? O ILE A 42  
AA1 5 6 N ASN A 45 ? N ASN A 46 O HIS A 48 ? O HIS A 49  
AA2 1 2 N LEU A 14 ? N LEU A 15 O LEU A 70 ? O LEU A 71  
AA2 2 3 O THR A 71 ? O THR A 72 N LYS A 58 ? N LYS A 59  
# 
_pdbx_entry_details.entry_id                   5F70 
_pdbx_entry_details.compound_details           ? 
_pdbx_entry_details.source_details             ? 
_pdbx_entry_details.nonpolymer_details         ? 
_pdbx_entry_details.sequence_details           ? 
_pdbx_entry_details.has_ligand_of_interest     ? 
_pdbx_entry_details.has_protein_modification   Y 
# 
loop_
_pdbx_validate_close_contact.id 
_pdbx_validate_close_contact.PDB_model_num 
_pdbx_validate_close_contact.auth_atom_id_1 
_pdbx_validate_close_contact.auth_asym_id_1 
_pdbx_validate_close_contact.auth_comp_id_1 
_pdbx_validate_close_contact.auth_seq_id_1 
_pdbx_validate_close_contact.PDB_ins_code_1 
_pdbx_validate_close_contact.label_alt_id_1 
_pdbx_validate_close_contact.auth_atom_id_2 
_pdbx_validate_close_contact.auth_asym_id_2 
_pdbx_validate_close_contact.auth_comp_id_2 
_pdbx_validate_close_contact.auth_seq_id_2 
_pdbx_validate_close_contact.PDB_ins_code_2 
_pdbx_validate_close_contact.label_alt_id_2 
_pdbx_validate_close_contact.dist 
1 1 O A HOH 257 ? ? O A HOH 277 ? ? 2.12 
2 1 O A HOH 253 ? ? O A HOH 279 ? ? 2.16 
# 
_pdbx_validate_torsion.id              1 
_pdbx_validate_torsion.PDB_model_num   1 
_pdbx_validate_torsion.auth_comp_id    THR 
_pdbx_validate_torsion.auth_asym_id    A 
_pdbx_validate_torsion.auth_seq_id     37 
_pdbx_validate_torsion.PDB_ins_code    ? 
_pdbx_validate_torsion.label_alt_id    ? 
_pdbx_validate_torsion.phi             -168.31 
_pdbx_validate_torsion.psi             -162.54 
# 
_pdbx_refine_tls.id               1 
_pdbx_refine_tls.pdbx_refine_id   'X-RAY DIFFRACTION' 
_pdbx_refine_tls.details          ? 
_pdbx_refine_tls.method           refined 
_pdbx_refine_tls.origin_x         0.3381 
_pdbx_refine_tls.origin_y         0.1952 
_pdbx_refine_tls.origin_z         -0.2617 
_pdbx_refine_tls.T[1][1]          0.1847 
_pdbx_refine_tls.T[1][1]_esd      ? 
_pdbx_refine_tls.T[1][2]          0.0010 
_pdbx_refine_tls.T[1][2]_esd      ? 
_pdbx_refine_tls.T[1][3]          0.0013 
_pdbx_refine_tls.T[1][3]_esd      ? 
_pdbx_refine_tls.T[2][2]          0.1639 
_pdbx_refine_tls.T[2][2]_esd      ? 
_pdbx_refine_tls.T[2][3]          0.0001 
_pdbx_refine_tls.T[2][3]_esd      ? 
_pdbx_refine_tls.T[3][3]          0.1708 
_pdbx_refine_tls.T[3][3]_esd      ? 
_pdbx_refine_tls.L[1][1]          0.7157 
_pdbx_refine_tls.L[1][1]_esd      ? 
_pdbx_refine_tls.L[1][2]          -0.0049 
_pdbx_refine_tls.L[1][2]_esd      ? 
_pdbx_refine_tls.L[1][3]          0.1063 
_pdbx_refine_tls.L[1][3]_esd      ? 
_pdbx_refine_tls.L[2][2]          0.4244 
_pdbx_refine_tls.L[2][2]_esd      ? 
_pdbx_refine_tls.L[2][3]          0.0242 
_pdbx_refine_tls.L[2][3]_esd      ? 
_pdbx_refine_tls.L[3][3]          0.4693 
_pdbx_refine_tls.L[3][3]_esd      ? 
_pdbx_refine_tls.S[1][1]          -0.0175 
_pdbx_refine_tls.S[1][1]_esd      ? 
_pdbx_refine_tls.S[1][2]          0.0018 
_pdbx_refine_tls.S[1][2]_esd      ? 
_pdbx_refine_tls.S[1][3]          -0.0130 
_pdbx_refine_tls.S[1][3]_esd      ? 
_pdbx_refine_tls.S[2][1]          -0.0579 
_pdbx_refine_tls.S[2][1]_esd      ? 
_pdbx_refine_tls.S[2][2]          -0.0186 
_pdbx_refine_tls.S[2][2]_esd      ? 
_pdbx_refine_tls.S[2][3]          -0.0273 
_pdbx_refine_tls.S[2][3]_esd      ? 
_pdbx_refine_tls.S[3][1]          -0.0465 
_pdbx_refine_tls.S[3][1]_esd      ? 
_pdbx_refine_tls.S[3][2]          -0.0236 
_pdbx_refine_tls.S[3][2]_esd      ? 
_pdbx_refine_tls.S[3][3]          0.0211 
_pdbx_refine_tls.S[3][3]_esd      ? 
# 
_pdbx_refine_tls_group.id                  1 
_pdbx_refine_tls_group.pdbx_refine_id      'X-RAY DIFFRACTION' 
_pdbx_refine_tls_group.refine_tls_id       1 
_pdbx_refine_tls_group.beg_label_asym_id   ? 
_pdbx_refine_tls_group.beg_label_seq_id    ? 
_pdbx_refine_tls_group.beg_auth_asym_id    ? 
_pdbx_refine_tls_group.beg_auth_seq_id     ? 
_pdbx_refine_tls_group.end_label_asym_id   ? 
_pdbx_refine_tls_group.end_label_seq_id    ? 
_pdbx_refine_tls_group.end_auth_asym_id    ? 
_pdbx_refine_tls_group.end_auth_seq_id     ? 
_pdbx_refine_tls_group.selection           ? 
_pdbx_refine_tls_group.selection_details   all 
# 
_pdbx_distant_solvent_atoms.id                                1 
_pdbx_distant_solvent_atoms.PDB_model_num                     1 
_pdbx_distant_solvent_atoms.auth_atom_id                      O 
_pdbx_distant_solvent_atoms.label_alt_id                      ? 
_pdbx_distant_solvent_atoms.auth_asym_id                      A 
_pdbx_distant_solvent_atoms.auth_comp_id                      HOH 
_pdbx_distant_solvent_atoms.auth_seq_id                       286 
_pdbx_distant_solvent_atoms.PDB_ins_code                      ? 
_pdbx_distant_solvent_atoms.neighbor_macromolecule_distance   6.01 
_pdbx_distant_solvent_atoms.neighbor_ligand_distance          . 
# 
loop_
_chem_comp_atom.comp_id 
_chem_comp_atom.atom_id 
_chem_comp_atom.type_symbol 
_chem_comp_atom.pdbx_aromatic_flag 
_chem_comp_atom.pdbx_stereo_config 
_chem_comp_atom.pdbx_ordinal 
ALA N    N N N 1   
ALA CA   C N S 2   
ALA C    C N N 3   
ALA O    O N N 4   
ALA CB   C N N 5   
ALA OXT  O N N 6   
ALA H    H N N 7   
ALA H2   H N N 8   
ALA HA   H N N 9   
ALA HB1  H N N 10  
ALA HB2  H N N 11  
ALA HB3  H N N 12  
ALA HXT  H N N 13  
ARG N    N N N 14  
ARG CA   C N S 15  
ARG C    C N N 16  
ARG O    O N N 17  
ARG CB   C N N 18  
ARG CG   C N N 19  
ARG CD   C N N 20  
ARG NE   N N N 21  
ARG CZ   C N N 22  
ARG NH1  N N N 23  
ARG NH2  N N N 24  
ARG OXT  O N N 25  
ARG H    H N N 26  
ARG H2   H N N 27  
ARG HA   H N N 28  
ARG HB2  H N N 29  
ARG HB3  H N N 30  
ARG HG2  H N N 31  
ARG HG3  H N N 32  
ARG HD2  H N N 33  
ARG HD3  H N N 34  
ARG HE   H N N 35  
ARG HH11 H N N 36  
ARG HH12 H N N 37  
ARG HH21 H N N 38  
ARG HH22 H N N 39  
ARG HXT  H N N 40  
ASN N    N N N 41  
ASN CA   C N S 42  
ASN C    C N N 43  
ASN O    O N N 44  
ASN CB   C N N 45  
ASN CG   C N N 46  
ASN OD1  O N N 47  
ASN ND2  N N N 48  
ASN OXT  O N N 49  
ASN H    H N N 50  
ASN H2   H N N 51  
ASN HA   H N N 52  
ASN HB2  H N N 53  
ASN HB3  H N N 54  
ASN HD21 H N N 55  
ASN HD22 H N N 56  
ASN HXT  H N N 57  
ASP N    N N N 58  
ASP CA   C N S 59  
ASP C    C N N 60  
ASP O    O N N 61  
ASP CB   C N N 62  
ASP CG   C N N 63  
ASP OD1  O N N 64  
ASP OD2  O N N 65  
ASP OXT  O N N 66  
ASP H    H N N 67  
ASP H2   H N N 68  
ASP HA   H N N 69  
ASP HB2  H N N 70  
ASP HB3  H N N 71  
ASP HD2  H N N 72  
ASP HXT  H N N 73  
CYS N    N N N 74  
CYS CA   C N R 75  
CYS C    C N N 76  
CYS O    O N N 77  
CYS CB   C N N 78  
CYS SG   S N N 79  
CYS OXT  O N N 80  
CYS H    H N N 81  
CYS H2   H N N 82  
CYS HA   H N N 83  
CYS HB2  H N N 84  
CYS HB3  H N N 85  
CYS HG   H N N 86  
CYS HXT  H N N 87  
GLN N    N N N 88  
GLN CA   C N S 89  
GLN C    C N N 90  
GLN O    O N N 91  
GLN CB   C N N 92  
GLN CG   C N N 93  
GLN CD   C N N 94  
GLN OE1  O N N 95  
GLN NE2  N N N 96  
GLN OXT  O N N 97  
GLN H    H N N 98  
GLN H2   H N N 99  
GLN HA   H N N 100 
GLN HB2  H N N 101 
GLN HB3  H N N 102 
GLN HG2  H N N 103 
GLN HG3  H N N 104 
GLN HE21 H N N 105 
GLN HE22 H N N 106 
GLN HXT  H N N 107 
GLU N    N N N 108 
GLU CA   C N S 109 
GLU C    C N N 110 
GLU O    O N N 111 
GLU CB   C N N 112 
GLU CG   C N N 113 
GLU CD   C N N 114 
GLU OE1  O N N 115 
GLU OE2  O N N 116 
GLU OXT  O N N 117 
GLU H    H N N 118 
GLU H2   H N N 119 
GLU HA   H N N 120 
GLU HB2  H N N 121 
GLU HB3  H N N 122 
GLU HG2  H N N 123 
GLU HG3  H N N 124 
GLU HE2  H N N 125 
GLU HXT  H N N 126 
GLY N    N N N 127 
GLY CA   C N N 128 
GLY C    C N N 129 
GLY O    O N N 130 
GLY OXT  O N N 131 
GLY H    H N N 132 
GLY H2   H N N 133 
GLY HA2  H N N 134 
GLY HA3  H N N 135 
GLY HXT  H N N 136 
HIS N    N N N 137 
HIS CA   C N S 138 
HIS C    C N N 139 
HIS O    O N N 140 
HIS CB   C N N 141 
HIS CG   C Y N 142 
HIS ND1  N Y N 143 
HIS CD2  C Y N 144 
HIS CE1  C Y N 145 
HIS NE2  N Y N 146 
HIS OXT  O N N 147 
HIS H    H N N 148 
HIS H2   H N N 149 
HIS HA   H N N 150 
HIS HB2  H N N 151 
HIS HB3  H N N 152 
HIS HD1  H N N 153 
HIS HD2  H N N 154 
HIS HE1  H N N 155 
HIS HE2  H N N 156 
HIS HXT  H N N 157 
HOH O    O N N 158 
HOH H1   H N N 159 
HOH H2   H N N 160 
ILE N    N N N 161 
ILE CA   C N S 162 
ILE C    C N N 163 
ILE O    O N N 164 
ILE CB   C N S 165 
ILE CG1  C N N 166 
ILE CG2  C N N 167 
ILE CD1  C N N 168 
ILE OXT  O N N 169 
ILE H    H N N 170 
ILE H2   H N N 171 
ILE HA   H N N 172 
ILE HB   H N N 173 
ILE HG12 H N N 174 
ILE HG13 H N N 175 
ILE HG21 H N N 176 
ILE HG22 H N N 177 
ILE HG23 H N N 178 
ILE HD11 H N N 179 
ILE HD12 H N N 180 
ILE HD13 H N N 181 
ILE HXT  H N N 182 
LEU N    N N N 183 
LEU CA   C N S 184 
LEU C    C N N 185 
LEU O    O N N 186 
LEU CB   C N N 187 
LEU CG   C N N 188 
LEU CD1  C N N 189 
LEU CD2  C N N 190 
LEU OXT  O N N 191 
LEU H    H N N 192 
LEU H2   H N N 193 
LEU HA   H N N 194 
LEU HB2  H N N 195 
LEU HB3  H N N 196 
LEU HG   H N N 197 
LEU HD11 H N N 198 
LEU HD12 H N N 199 
LEU HD13 H N N 200 
LEU HD21 H N N 201 
LEU HD22 H N N 202 
LEU HD23 H N N 203 
LEU HXT  H N N 204 
LYS N    N N N 205 
LYS CA   C N S 206 
LYS C    C N N 207 
LYS O    O N N 208 
LYS CB   C N N 209 
LYS CG   C N N 210 
LYS CD   C N N 211 
LYS CE   C N N 212 
LYS NZ   N N N 213 
LYS OXT  O N N 214 
LYS H    H N N 215 
LYS H2   H N N 216 
LYS HA   H N N 217 
LYS HB2  H N N 218 
LYS HB3  H N N 219 
LYS HG2  H N N 220 
LYS HG3  H N N 221 
LYS HD2  H N N 222 
LYS HD3  H N N 223 
LYS HE2  H N N 224 
LYS HE3  H N N 225 
LYS HZ1  H N N 226 
LYS HZ2  H N N 227 
LYS HZ3  H N N 228 
LYS HXT  H N N 229 
MET N    N N N 230 
MET CA   C N S 231 
MET C    C N N 232 
MET O    O N N 233 
MET CB   C N N 234 
MET CG   C N N 235 
MET SD   S N N 236 
MET CE   C N N 237 
MET OXT  O N N 238 
MET H    H N N 239 
MET H2   H N N 240 
MET HA   H N N 241 
MET HB2  H N N 242 
MET HB3  H N N 243 
MET HG2  H N N 244 
MET HG3  H N N 245 
MET HE1  H N N 246 
MET HE2  H N N 247 
MET HE3  H N N 248 
MET HXT  H N N 249 
PHE N    N N N 250 
PHE CA   C N S 251 
PHE C    C N N 252 
PHE O    O N N 253 
PHE CB   C N N 254 
PHE CG   C Y N 255 
PHE CD1  C Y N 256 
PHE CD2  C Y N 257 
PHE CE1  C Y N 258 
PHE CE2  C Y N 259 
PHE CZ   C Y N 260 
PHE OXT  O N N 261 
PHE H    H N N 262 
PHE H2   H N N 263 
PHE HA   H N N 264 
PHE HB2  H N N 265 
PHE HB3  H N N 266 
PHE HD1  H N N 267 
PHE HD2  H N N 268 
PHE HE1  H N N 269 
PHE HE2  H N N 270 
PHE HZ   H N N 271 
PHE HXT  H N N 272 
PRO N    N N N 273 
PRO CA   C N S 274 
PRO C    C N N 275 
PRO O    O N N 276 
PRO CB   C N N 277 
PRO CG   C N N 278 
PRO CD   C N N 279 
PRO OXT  O N N 280 
PRO H    H N N 281 
PRO HA   H N N 282 
PRO HB2  H N N 283 
PRO HB3  H N N 284 
PRO HG2  H N N 285 
PRO HG3  H N N 286 
PRO HD2  H N N 287 
PRO HD3  H N N 288 
PRO HXT  H N N 289 
SER N    N N N 290 
SER CA   C N S 291 
SER C    C N N 292 
SER O    O N N 293 
SER CB   C N N 294 
SER OG   O N N 295 
SER OXT  O N N 296 
SER H    H N N 297 
SER H2   H N N 298 
SER HA   H N N 299 
SER HB2  H N N 300 
SER HB3  H N N 301 
SER HG   H N N 302 
SER HXT  H N N 303 
THR N    N N N 304 
THR CA   C N S 305 
THR C    C N N 306 
THR O    O N N 307 
THR CB   C N R 308 
THR OG1  O N N 309 
THR CG2  C N N 310 
THR OXT  O N N 311 
THR H    H N N 312 
THR H2   H N N 313 
THR HA   H N N 314 
THR HB   H N N 315 
THR HG1  H N N 316 
THR HG21 H N N 317 
THR HG22 H N N 318 
THR HG23 H N N 319 
THR HXT  H N N 320 
TRP N    N N N 321 
TRP CA   C N S 322 
TRP C    C N N 323 
TRP O    O N N 324 
TRP CB   C N N 325 
TRP CG   C Y N 326 
TRP CD1  C Y N 327 
TRP CD2  C Y N 328 
TRP NE1  N Y N 329 
TRP CE2  C Y N 330 
TRP CE3  C Y N 331 
TRP CZ2  C Y N 332 
TRP CZ3  C Y N 333 
TRP CH2  C Y N 334 
TRP OXT  O N N 335 
TRP H    H N N 336 
TRP H2   H N N 337 
TRP HA   H N N 338 
TRP HB2  H N N 339 
TRP HB3  H N N 340 
TRP HD1  H N N 341 
TRP HE1  H N N 342 
TRP HE3  H N N 343 
TRP HZ2  H N N 344 
TRP HZ3  H N N 345 
TRP HH2  H N N 346 
TRP HXT  H N N 347 
TYR N    N N N 348 
TYR CA   C N S 349 
TYR C    C N N 350 
TYR O    O N N 351 
TYR CB   C N N 352 
TYR CG   C Y N 353 
TYR CD1  C Y N 354 
TYR CD2  C Y N 355 
TYR CE1  C Y N 356 
TYR CE2  C Y N 357 
TYR CZ   C Y N 358 
TYR OH   O N N 359 
TYR OXT  O N N 360 
TYR H    H N N 361 
TYR H2   H N N 362 
TYR HA   H N N 363 
TYR HB2  H N N 364 
TYR HB3  H N N 365 
TYR HD1  H N N 366 
TYR HD2  H N N 367 
TYR HE1  H N N 368 
TYR HE2  H N N 369 
TYR HH   H N N 370 
TYR HXT  H N N 371 
VAL N    N N N 372 
VAL CA   C N S 373 
VAL C    C N N 374 
VAL O    O N N 375 
VAL CB   C N N 376 
VAL CG1  C N N 377 
VAL CG2  C N N 378 
VAL OXT  O N N 379 
VAL H    H N N 380 
VAL H2   H N N 381 
VAL HA   H N N 382 
VAL HB   H N N 383 
VAL HG11 H N N 384 
VAL HG12 H N N 385 
VAL HG13 H N N 386 
VAL HG21 H N N 387 
VAL HG22 H N N 388 
VAL HG23 H N N 389 
VAL HXT  H N N 390 
# 
loop_
_chem_comp_bond.comp_id 
_chem_comp_bond.atom_id_1 
_chem_comp_bond.atom_id_2 
_chem_comp_bond.value_order 
_chem_comp_bond.pdbx_aromatic_flag 
_chem_comp_bond.pdbx_stereo_config 
_chem_comp_bond.pdbx_ordinal 
ALA N   CA   sing N N 1   
ALA N   H    sing N N 2   
ALA N   H2   sing N N 3   
ALA CA  C    sing N N 4   
ALA CA  CB   sing N N 5   
ALA CA  HA   sing N N 6   
ALA C   O    doub N N 7   
ALA C   OXT  sing N N 8   
ALA CB  HB1  sing N N 9   
ALA CB  HB2  sing N N 10  
ALA CB  HB3  sing N N 11  
ALA OXT HXT  sing N N 12  
ARG N   CA   sing N N 13  
ARG N   H    sing N N 14  
ARG N   H2   sing N N 15  
ARG CA  C    sing N N 16  
ARG CA  CB   sing N N 17  
ARG CA  HA   sing N N 18  
ARG C   O    doub N N 19  
ARG C   OXT  sing N N 20  
ARG CB  CG   sing N N 21  
ARG CB  HB2  sing N N 22  
ARG CB  HB3  sing N N 23  
ARG CG  CD   sing N N 24  
ARG CG  HG2  sing N N 25  
ARG CG  HG3  sing N N 26  
ARG CD  NE   sing N N 27  
ARG CD  HD2  sing N N 28  
ARG CD  HD3  sing N N 29  
ARG NE  CZ   sing N N 30  
ARG NE  HE   sing N N 31  
ARG CZ  NH1  sing N N 32  
ARG CZ  NH2  doub N N 33  
ARG NH1 HH11 sing N N 34  
ARG NH1 HH12 sing N N 35  
ARG NH2 HH21 sing N N 36  
ARG NH2 HH22 sing N N 37  
ARG OXT HXT  sing N N 38  
ASN N   CA   sing N N 39  
ASN N   H    sing N N 40  
ASN N   H2   sing N N 41  
ASN CA  C    sing N N 42  
ASN CA  CB   sing N N 43  
ASN CA  HA   sing N N 44  
ASN C   O    doub N N 45  
ASN C   OXT  sing N N 46  
ASN CB  CG   sing N N 47  
ASN CB  HB2  sing N N 48  
ASN CB  HB3  sing N N 49  
ASN CG  OD1  doub N N 50  
ASN CG  ND2  sing N N 51  
ASN ND2 HD21 sing N N 52  
ASN ND2 HD22 sing N N 53  
ASN OXT HXT  sing N N 54  
ASP N   CA   sing N N 55  
ASP N   H    sing N N 56  
ASP N   H2   sing N N 57  
ASP CA  C    sing N N 58  
ASP CA  CB   sing N N 59  
ASP CA  HA   sing N N 60  
ASP C   O    doub N N 61  
ASP C   OXT  sing N N 62  
ASP CB  CG   sing N N 63  
ASP CB  HB2  sing N N 64  
ASP CB  HB3  sing N N 65  
ASP CG  OD1  doub N N 66  
ASP CG  OD2  sing N N 67  
ASP OD2 HD2  sing N N 68  
ASP OXT HXT  sing N N 69  
CYS N   CA   sing N N 70  
CYS N   H    sing N N 71  
CYS N   H2   sing N N 72  
CYS CA  C    sing N N 73  
CYS CA  CB   sing N N 74  
CYS CA  HA   sing N N 75  
CYS C   O    doub N N 76  
CYS C   OXT  sing N N 77  
CYS CB  SG   sing N N 78  
CYS CB  HB2  sing N N 79  
CYS CB  HB3  sing N N 80  
CYS SG  HG   sing N N 81  
CYS OXT HXT  sing N N 82  
GLN N   CA   sing N N 83  
GLN N   H    sing N N 84  
GLN N   H2   sing N N 85  
GLN CA  C    sing N N 86  
GLN CA  CB   sing N N 87  
GLN CA  HA   sing N N 88  
GLN C   O    doub N N 89  
GLN C   OXT  sing N N 90  
GLN CB  CG   sing N N 91  
GLN CB  HB2  sing N N 92  
GLN CB  HB3  sing N N 93  
GLN CG  CD   sing N N 94  
GLN CG  HG2  sing N N 95  
GLN CG  HG3  sing N N 96  
GLN CD  OE1  doub N N 97  
GLN CD  NE2  sing N N 98  
GLN NE2 HE21 sing N N 99  
GLN NE2 HE22 sing N N 100 
GLN OXT HXT  sing N N 101 
GLU N   CA   sing N N 102 
GLU N   H    sing N N 103 
GLU N   H2   sing N N 104 
GLU CA  C    sing N N 105 
GLU CA  CB   sing N N 106 
GLU CA  HA   sing N N 107 
GLU C   O    doub N N 108 
GLU C   OXT  sing N N 109 
GLU CB  CG   sing N N 110 
GLU CB  HB2  sing N N 111 
GLU CB  HB3  sing N N 112 
GLU CG  CD   sing N N 113 
GLU CG  HG2  sing N N 114 
GLU CG  HG3  sing N N 115 
GLU CD  OE1  doub N N 116 
GLU CD  OE2  sing N N 117 
GLU OE2 HE2  sing N N 118 
GLU OXT HXT  sing N N 119 
GLY N   CA   sing N N 120 
GLY N   H    sing N N 121 
GLY N   H2   sing N N 122 
GLY CA  C    sing N N 123 
GLY CA  HA2  sing N N 124 
GLY CA  HA3  sing N N 125 
GLY C   O    doub N N 126 
GLY C   OXT  sing N N 127 
GLY OXT HXT  sing N N 128 
HIS N   CA   sing N N 129 
HIS N   H    sing N N 130 
HIS N   H2   sing N N 131 
HIS CA  C    sing N N 132 
HIS CA  CB   sing N N 133 
HIS CA  HA   sing N N 134 
HIS C   O    doub N N 135 
HIS C   OXT  sing N N 136 
HIS CB  CG   sing N N 137 
HIS CB  HB2  sing N N 138 
HIS CB  HB3  sing N N 139 
HIS CG  ND1  sing Y N 140 
HIS CG  CD2  doub Y N 141 
HIS ND1 CE1  doub Y N 142 
HIS ND1 HD1  sing N N 143 
HIS CD2 NE2  sing Y N 144 
HIS CD2 HD2  sing N N 145 
HIS CE1 NE2  sing Y N 146 
HIS CE1 HE1  sing N N 147 
HIS NE2 HE2  sing N N 148 
HIS OXT HXT  sing N N 149 
HOH O   H1   sing N N 150 
HOH O   H2   sing N N 151 
ILE N   CA   sing N N 152 
ILE N   H    sing N N 153 
ILE N   H2   sing N N 154 
ILE CA  C    sing N N 155 
ILE CA  CB   sing N N 156 
ILE CA  HA   sing N N 157 
ILE C   O    doub N N 158 
ILE C   OXT  sing N N 159 
ILE CB  CG1  sing N N 160 
ILE CB  CG2  sing N N 161 
ILE CB  HB   sing N N 162 
ILE CG1 CD1  sing N N 163 
ILE CG1 HG12 sing N N 164 
ILE CG1 HG13 sing N N 165 
ILE CG2 HG21 sing N N 166 
ILE CG2 HG22 sing N N 167 
ILE CG2 HG23 sing N N 168 
ILE CD1 HD11 sing N N 169 
ILE CD1 HD12 sing N N 170 
ILE CD1 HD13 sing N N 171 
ILE OXT HXT  sing N N 172 
LEU N   CA   sing N N 173 
LEU N   H    sing N N 174 
LEU N   H2   sing N N 175 
LEU CA  C    sing N N 176 
LEU CA  CB   sing N N 177 
LEU CA  HA   sing N N 178 
LEU C   O    doub N N 179 
LEU C   OXT  sing N N 180 
LEU CB  CG   sing N N 181 
LEU CB  HB2  sing N N 182 
LEU CB  HB3  sing N N 183 
LEU CG  CD1  sing N N 184 
LEU CG  CD2  sing N N 185 
LEU CG  HG   sing N N 186 
LEU CD1 HD11 sing N N 187 
LEU CD1 HD12 sing N N 188 
LEU CD1 HD13 sing N N 189 
LEU CD2 HD21 sing N N 190 
LEU CD2 HD22 sing N N 191 
LEU CD2 HD23 sing N N 192 
LEU OXT HXT  sing N N 193 
LYS N   CA   sing N N 194 
LYS N   H    sing N N 195 
LYS N   H2   sing N N 196 
LYS CA  C    sing N N 197 
LYS CA  CB   sing N N 198 
LYS CA  HA   sing N N 199 
LYS C   O    doub N N 200 
LYS C   OXT  sing N N 201 
LYS CB  CG   sing N N 202 
LYS CB  HB2  sing N N 203 
LYS CB  HB3  sing N N 204 
LYS CG  CD   sing N N 205 
LYS CG  HG2  sing N N 206 
LYS CG  HG3  sing N N 207 
LYS CD  CE   sing N N 208 
LYS CD  HD2  sing N N 209 
LYS CD  HD3  sing N N 210 
LYS CE  NZ   sing N N 211 
LYS CE  HE2  sing N N 212 
LYS CE  HE3  sing N N 213 
LYS NZ  HZ1  sing N N 214 
LYS NZ  HZ2  sing N N 215 
LYS NZ  HZ3  sing N N 216 
LYS OXT HXT  sing N N 217 
MET N   CA   sing N N 218 
MET N   H    sing N N 219 
MET N   H2   sing N N 220 
MET CA  C    sing N N 221 
MET CA  CB   sing N N 222 
MET CA  HA   sing N N 223 
MET C   O    doub N N 224 
MET C   OXT  sing N N 225 
MET CB  CG   sing N N 226 
MET CB  HB2  sing N N 227 
MET CB  HB3  sing N N 228 
MET CG  SD   sing N N 229 
MET CG  HG2  sing N N 230 
MET CG  HG3  sing N N 231 
MET SD  CE   sing N N 232 
MET CE  HE1  sing N N 233 
MET CE  HE2  sing N N 234 
MET CE  HE3  sing N N 235 
MET OXT HXT  sing N N 236 
PHE N   CA   sing N N 237 
PHE N   H    sing N N 238 
PHE N   H2   sing N N 239 
PHE CA  C    sing N N 240 
PHE CA  CB   sing N N 241 
PHE CA  HA   sing N N 242 
PHE C   O    doub N N 243 
PHE C   OXT  sing N N 244 
PHE CB  CG   sing N N 245 
PHE CB  HB2  sing N N 246 
PHE CB  HB3  sing N N 247 
PHE CG  CD1  doub Y N 248 
PHE CG  CD2  sing Y N 249 
PHE CD1 CE1  sing Y N 250 
PHE CD1 HD1  sing N N 251 
PHE CD2 CE2  doub Y N 252 
PHE CD2 HD2  sing N N 253 
PHE CE1 CZ   doub Y N 254 
PHE CE1 HE1  sing N N 255 
PHE CE2 CZ   sing Y N 256 
PHE CE2 HE2  sing N N 257 
PHE CZ  HZ   sing N N 258 
PHE OXT HXT  sing N N 259 
PRO N   CA   sing N N 260 
PRO N   CD   sing N N 261 
PRO N   H    sing N N 262 
PRO CA  C    sing N N 263 
PRO CA  CB   sing N N 264 
PRO CA  HA   sing N N 265 
PRO C   O    doub N N 266 
PRO C   OXT  sing N N 267 
PRO CB  CG   sing N N 268 
PRO CB  HB2  sing N N 269 
PRO CB  HB3  sing N N 270 
PRO CG  CD   sing N N 271 
PRO CG  HG2  sing N N 272 
PRO CG  HG3  sing N N 273 
PRO CD  HD2  sing N N 274 
PRO CD  HD3  sing N N 275 
PRO OXT HXT  sing N N 276 
SER N   CA   sing N N 277 
SER N   H    sing N N 278 
SER N   H2   sing N N 279 
SER CA  C    sing N N 280 
SER CA  CB   sing N N 281 
SER CA  HA   sing N N 282 
SER C   O    doub N N 283 
SER C   OXT  sing N N 284 
SER CB  OG   sing N N 285 
SER CB  HB2  sing N N 286 
SER CB  HB3  sing N N 287 
SER OG  HG   sing N N 288 
SER OXT HXT  sing N N 289 
THR N   CA   sing N N 290 
THR N   H    sing N N 291 
THR N   H2   sing N N 292 
THR CA  C    sing N N 293 
THR CA  CB   sing N N 294 
THR CA  HA   sing N N 295 
THR C   O    doub N N 296 
THR C   OXT  sing N N 297 
THR CB  OG1  sing N N 298 
THR CB  CG2  sing N N 299 
THR CB  HB   sing N N 300 
THR OG1 HG1  sing N N 301 
THR CG2 HG21 sing N N 302 
THR CG2 HG22 sing N N 303 
THR CG2 HG23 sing N N 304 
THR OXT HXT  sing N N 305 
TRP N   CA   sing N N 306 
TRP N   H    sing N N 307 
TRP N   H2   sing N N 308 
TRP CA  C    sing N N 309 
TRP CA  CB   sing N N 310 
TRP CA  HA   sing N N 311 
TRP C   O    doub N N 312 
TRP C   OXT  sing N N 313 
TRP CB  CG   sing N N 314 
TRP CB  HB2  sing N N 315 
TRP CB  HB3  sing N N 316 
TRP CG  CD1  doub Y N 317 
TRP CG  CD2  sing Y N 318 
TRP CD1 NE1  sing Y N 319 
TRP CD1 HD1  sing N N 320 
TRP CD2 CE2  doub Y N 321 
TRP CD2 CE3  sing Y N 322 
TRP NE1 CE2  sing Y N 323 
TRP NE1 HE1  sing N N 324 
TRP CE2 CZ2  sing Y N 325 
TRP CE3 CZ3  doub Y N 326 
TRP CE3 HE3  sing N N 327 
TRP CZ2 CH2  doub Y N 328 
TRP CZ2 HZ2  sing N N 329 
TRP CZ3 CH2  sing Y N 330 
TRP CZ3 HZ3  sing N N 331 
TRP CH2 HH2  sing N N 332 
TRP OXT HXT  sing N N 333 
TYR N   CA   sing N N 334 
TYR N   H    sing N N 335 
TYR N   H2   sing N N 336 
TYR CA  C    sing N N 337 
TYR CA  CB   sing N N 338 
TYR CA  HA   sing N N 339 
TYR C   O    doub N N 340 
TYR C   OXT  sing N N 341 
TYR CB  CG   sing N N 342 
TYR CB  HB2  sing N N 343 
TYR CB  HB3  sing N N 344 
TYR CG  CD1  doub Y N 345 
TYR CG  CD2  sing Y N 346 
TYR CD1 CE1  sing Y N 347 
TYR CD1 HD1  sing N N 348 
TYR CD2 CE2  doub Y N 349 
TYR CD2 HD2  sing N N 350 
TYR CE1 CZ   doub Y N 351 
TYR CE1 HE1  sing N N 352 
TYR CE2 CZ   sing Y N 353 
TYR CE2 HE2  sing N N 354 
TYR CZ  OH   sing N N 355 
TYR OH  HH   sing N N 356 
TYR OXT HXT  sing N N 357 
VAL N   CA   sing N N 358 
VAL N   H    sing N N 359 
VAL N   H2   sing N N 360 
VAL CA  C    sing N N 361 
VAL CA  CB   sing N N 362 
VAL CA  HA   sing N N 363 
VAL C   O    doub N N 364 
VAL C   OXT  sing N N 365 
VAL CB  CG1  sing N N 366 
VAL CB  CG2  sing N N 367 
VAL CB  HB   sing N N 368 
VAL CG1 HG11 sing N N 369 
VAL CG1 HG12 sing N N 370 
VAL CG1 HG13 sing N N 371 
VAL CG2 HG21 sing N N 372 
VAL CG2 HG22 sing N N 373 
VAL CG2 HG23 sing N N 374 
VAL OXT HXT  sing N N 375 
# 
loop_
_pdbx_audit_support.funding_organization 
_pdbx_audit_support.country 
_pdbx_audit_support.grant_number 
_pdbx_audit_support.ordinal 
'National Natural Science foundation of China'                           China 81590761    1 
'Strategic Priority Research Program of the Chinese Academy of Sciences' China XDB08020100 2 
# 
_pdbx_initial_refinement_model.id               1 
_pdbx_initial_refinement_model.entity_id_list   ? 
_pdbx_initial_refinement_model.type             'experimental model' 
_pdbx_initial_refinement_model.source_name      PDB 
_pdbx_initial_refinement_model.accession_code   2OR8 
_pdbx_initial_refinement_model.details          ? 
# 
_atom_sites.entry_id                    5F70 
_atom_sites.fract_transf_matrix[1][1]   -0.02385198 
_atom_sites.fract_transf_matrix[1][2]   -0.02480942 
_atom_sites.fract_transf_matrix[1][3]   0.01052197 
_atom_sites.fract_transf_matrix[2][1]   -0.00850117 
_atom_sites.fract_transf_matrix[2][2]   0.01760432 
_atom_sites.fract_transf_matrix[2][3]   0.02223760 
_atom_sites.fract_transf_matrix[3][1]   -0.00796086 
_atom_sites.fract_transf_matrix[3][2]   0.00476357 
_atom_sites.fract_transf_matrix[3][3]   -0.00681441 
_atom_sites.fract_transf_vector[1]      0.123861 
_atom_sites.fract_transf_vector[2]      -0.014941 
_atom_sites.fract_transf_vector[3]      -0.127553 
# 
loop_
_atom_type.symbol 
C 
N 
O 
S 
# 
loop_
_atom_site.group_PDB 
_atom_site.id 
_atom_site.type_symbol 
_atom_site.label_atom_id 
_atom_site.label_alt_id 
_atom_site.label_comp_id 
_atom_site.label_asym_id 
_atom_site.label_entity_id 
_atom_site.label_seq_id 
_atom_site.pdbx_PDB_ins_code 
_atom_site.Cartn_x 
_atom_site.Cartn_y 
_atom_site.Cartn_z 
_atom_site.occupancy 
_atom_site.B_iso_or_equiv 
_atom_site.pdbx_formal_charge 
_atom_site.auth_seq_id 
_atom_site.auth_comp_id 
_atom_site.auth_asym_id 
_atom_site.auth_atom_id 
_atom_site.pdbx_PDB_model_num 
ATOM   1   N N   . SER A 1 1   ? -14.613 -4.112  4.845   1.00 49.50 ? 2   SER A N   1 
ATOM   2   C CA  . SER A 1 1   ? -13.305 -3.744  5.379   1.00 47.38 ? 2   SER A CA  1 
ATOM   3   C C   . SER A 1 1   ? -12.288 -4.843  5.091   1.00 43.54 ? 2   SER A C   1 
ATOM   4   O O   . SER A 1 1   ? -12.391 -5.948  5.638   1.00 45.47 ? 2   SER A O   1 
ATOM   5   C CB  . SER A 1 1   ? -13.398 -3.492  6.884   1.00 51.40 ? 2   SER A CB  1 
ATOM   6   O OG  . SER A 1 1   ? -13.927 -4.623  7.558   1.00 52.49 ? 2   SER A OG  1 
ATOM   7   N N   . VAL A 1 2   ? -11.311 -4.547  4.233   1.00 30.08 ? 3   VAL A N   1 
ATOM   8   C CA  . VAL A 1 2   ? -10.367 -5.568  3.782   1.00 20.96 ? 3   VAL A CA  1 
ATOM   9   C C   . VAL A 1 2   ? -9.394  -5.948  4.889   1.00 23.62 ? 3   VAL A C   1 
ATOM   10  O O   . VAL A 1 2   ? -8.774  -5.074  5.521   1.00 22.02 ? 3   VAL A O   1 
ATOM   11  C CB  . VAL A 1 2   ? -9.572  -5.120  2.527   1.00 26.43 ? 3   VAL A CB  1 
ATOM   12  C CG1 . VAL A 1 2   ? -8.649  -6.229  2.044   1.00 19.13 ? 3   VAL A CG1 1 
ATOM   13  C CG2 . VAL A 1 2   ? -10.528 -4.696  1.406   1.00 31.26 ? 3   VAL A CG2 1 
ATOM   14  N N   . LYS A 1 3   ? -9.278  -7.254  5.123   1.00 20.73 ? 4   LYS A N   1 
ATOM   15  C CA  . LYS A 1 3   ? -8.294  -7.803  6.051   1.00 23.10 ? 4   LYS A CA  1 
ATOM   16  C C   . LYS A 1 3   ? -7.551  -8.943  5.378   1.00 20.17 ? 4   LYS A C   1 
ATOM   17  O O   . LYS A 1 3   ? -8.161  -9.811  4.741   1.00 22.20 ? 4   LYS A O   1 
ATOM   18  C CB  . LYS A 1 3   ? -8.944  -8.297  7.339   1.00 20.97 ? 4   LYS A CB  1 
ATOM   19  C CG  . LYS A 1 3   ? -7.949  -8.999  8.275   1.00 24.63 ? 4   LYS A CG  1 
ATOM   20  C CD  . LYS A 1 3   ? -8.528  -9.220  9.663   1.00 25.28 ? 4   LYS A CD  1 
ATOM   21  C CE  . LYS A 1 3   ? -7.634  -10.153 10.483  1.00 32.58 ? 4   LYS A CE  1 
ATOM   22  N NZ  . LYS A 1 3   ? -8.032  -10.239 11.921  1.00 30.33 ? 4   LYS A NZ  1 
ATOM   23  N N   . VAL A 1 4   ? -6.228  -8.924  5.498   1.00 20.21 ? 5   VAL A N   1 
ATOM   24  C CA  . VAL A 1 4   ? -5.399  -9.879  4.794   1.00 19.53 ? 5   VAL A CA  1 
ATOM   25  C C   . VAL A 1 4   ? -4.392  -10.492 5.751   1.00 20.70 ? 5   VAL A C   1 
ATOM   26  O O   . VAL A 1 4   ? -4.042  -9.892  6.763   1.00 20.00 ? 5   VAL A O   1 
ATOM   27  C CB  . VAL A 1 4   ? -4.642  -9.217  3.622   1.00 23.85 ? 5   VAL A CB  1 
ATOM   28  C CG1 . VAL A 1 4   ? -5.607  -8.529  2.696   1.00 23.27 ? 5   VAL A CG1 1 
ATOM   29  C CG2 . VAL A 1 4   ? -3.641  -8.213  4.144   1.00 23.47 ? 5   VAL A CG2 1 
ATOM   30  N N   . GLY A 1 5   ? -3.946  -11.703 5.432   1.00 26.69 ? 6   GLY A N   1 
ATOM   31  C CA  . GLY A 1 5   ? -2.922  -12.361 6.219   1.00 26.50 ? 6   GLY A CA  1 
ATOM   32  C C   . GLY A 1 5   ? -3.305  -13.752 6.689   1.00 24.95 ? 6   GLY A C   1 
ATOM   33  O O   . GLY A 1 5   ? -4.123  -14.428 6.068   1.00 30.25 ? 6   GLY A O   1 
ATOM   34  N N   . GLY A 1 6   ? -2.728  -14.149 7.817   1.00 23.10 ? 7   GLY A N   1 
ATOM   35  C CA  . GLY A 1 6   ? -2.843  -15.507 8.318   1.00 26.06 ? 7   GLY A CA  1 
ATOM   36  C C   . GLY A 1 6   ? -1.544  -15.887 8.999   1.00 22.23 ? 7   GLY A C   1 
ATOM   37  O O   . GLY A 1 6   ? -1.242  -15.395 10.087  1.00 25.33 ? 7   GLY A O   1 
ATOM   38  N N   . GLU A 1 7   ? -0.763  -16.743 8.345   1.00 27.56 ? 8   GLU A N   1 
ATOM   39  C CA  . GLU A 1 7   ? 0.545   -17.155 8.867   1.00 27.45 ? 8   GLU A CA  1 
ATOM   40  C C   . GLU A 1 7   ? 1.657   -16.194 8.483   1.00 26.99 ? 8   GLU A C   1 
ATOM   41  O O   . GLU A 1 7   ? 1.744   -15.771 7.322   1.00 26.29 ? 8   GLU A O   1 
ATOM   42  C CB  . GLU A 1 7   ? 0.941   -18.526 8.320   1.00 30.03 ? 8   GLU A CB  1 
ATOM   43  C CG  . GLU A 1 7   ? 0.192   -19.694 8.905   1.00 31.31 ? 8   GLU A CG  1 
ATOM   44  C CD  . GLU A 1 7   ? 0.734   -21.025 8.416   1.00 32.54 ? 8   GLU A CD  1 
ATOM   45  O OE1 . GLU A 1 7   ? 0.543   -21.353 7.229   1.00 30.54 ? 8   GLU A OE1 1 
ATOM   46  O OE2 . GLU A 1 7   ? 1.350   -21.747 9.226   1.00 40.21 ? 8   GLU A OE2 1 
ATOM   47  N N   . ALA A 1 8   ? 2.538   -15.892 9.433   1.00 23.06 ? 9   ALA A N   1 
ATOM   48  C CA  . ALA A 1 8   ? 3.756   -15.146 9.101   1.00 21.02 ? 9   ALA A CA  1 
ATOM   49  C C   . ALA A 1 8   ? 4.656   -16.081 8.312   1.00 25.87 ? 9   ALA A C   1 
ATOM   50  O O   . ALA A 1 8   ? 4.599   -17.302 8.488   1.00 26.76 ? 9   ALA A O   1 
ATOM   51  C CB  . ALA A 1 8   ? 4.461   -14.671 10.343  1.00 21.94 ? 9   ALA A CB  1 
ATOM   52  N N   . GLY A 1 9   ? 5.473   -15.513 7.437   1.00 26.21 ? 10  GLY A N   1 
ATOM   53  C CA  . GLY A 1 9   ? 6.370   -16.290 6.599   1.00 25.29 ? 10  GLY A CA  1 
ATOM   54  C C   . GLY A 1 9   ? 6.126   -16.030 5.121   1.00 29.31 ? 10  GLY A C   1 
ATOM   55  O O   . GLY A 1 9   ? 6.989   -15.474 4.440   1.00 30.17 ? 10  GLY A O   1 
ATOM   56  N N   . PRO A 1 10  ? 4.952   -16.442 4.614   1.00 28.21 ? 11  PRO A N   1 
ATOM   57  C CA  . PRO A 1 10  ? 4.601   -16.222 3.204   1.00 29.65 ? 11  PRO A CA  1 
ATOM   58  C C   . PRO A 1 10  ? 4.422   -14.752 2.871   1.00 27.42 ? 11  PRO A C   1 
ATOM   59  O O   . PRO A 1 10  ? 4.222   -13.932 3.758   1.00 26.01 ? 11  PRO A O   1 
ATOM   60  C CB  . PRO A 1 10  ? 3.241   -16.916 3.067   1.00 26.49 ? 11  PRO A CB  1 
ATOM   61  C CG  . PRO A 1 10  ? 3.222   -17.934 4.134   1.00 25.77 ? 11  PRO A CG  1 
ATOM   62  C CD  . PRO A 1 10  ? 3.995   -17.347 5.281   1.00 27.22 ? 11  PRO A CD  1 
ATOM   63  N N   . SER A 1 11  ? 4.460   -14.430 1.589   1.00 22.71 ? 12  SER A N   1 
ATOM   64  C CA  . SER A 1 11  ? 4.139   -13.080 1.165   1.00 22.92 ? 12  SER A CA  1 
ATOM   65  C C   . SER A 1 11  ? 2.667   -12.822 1.428   1.00 24.86 ? 12  SER A C   1 
ATOM   66  O O   . SER A 1 11  ? 1.861   -13.758 1.528   1.00 22.17 ? 12  SER A O   1 
ATOM   67  C CB  . SER A 1 11  ? 4.437   -12.899 -0.323  1.00 26.58 ? 12  SER A CB  1 
ATOM   68  O OG  . SER A 1 11  ? 3.444   -13.544 -1.105  1.00 32.52 ? 12  SER A OG  1 
ATOM   69  N N   . VAL A 1 12  ? 2.312   -11.549 1.554   1.00 24.82 ? 13  VAL A N   1 
ATOM   70  C CA  . VAL A 1 12  ? 0.907   -11.170 1.595   1.00 24.71 ? 13  VAL A CA  1 
ATOM   71  C C   . VAL A 1 12  ? 0.737   -9.981  0.659   1.00 25.27 ? 13  VAL A C   1 
ATOM   72  O O   . VAL A 1 12  ? 1.659   -9.177  0.493   1.00 24.39 ? 13  VAL A O   1 
ATOM   73  C CB  . VAL A 1 12  ? 0.433   -10.852 3.041   1.00 28.72 ? 13  VAL A CB  1 
ATOM   74  C CG1 . VAL A 1 12  ? 1.118   -9.616  3.578   1.00 26.02 ? 13  VAL A CG1 1 
ATOM   75  C CG2 . VAL A 1 12  ? -1.074  -10.688 3.090   1.00 31.34 ? 13  VAL A CG2 1 
ATOM   76  N N   . THR A 1 13  ? -0.415  -9.902  0.005   1.00 22.23 ? 14  THR A N   1 
ATOM   77  C CA  . THR A 1 13  ? -0.680  -8.805  -0.911  1.00 21.82 ? 14  THR A CA  1 
ATOM   78  C C   . THR A 1 13  ? -1.864  -8.007  -0.412  1.00 22.95 ? 14  THR A C   1 
ATOM   79  O O   . THR A 1 13  ? -2.913  -8.573  -0.088  1.00 23.72 ? 14  THR A O   1 
ATOM   80  C CB  . THR A 1 13  ? -0.928  -9.293  -2.347  1.00 22.78 ? 14  THR A CB  1 
ATOM   81  O OG1 . THR A 1 13  ? 0.248   -9.962  -2.823  1.00 25.87 ? 14  THR A OG1 1 
ATOM   82  C CG2 . THR A 1 13  ? -1.239  -8.112  -3.281  1.00 21.88 ? 14  THR A CG2 1 
ATOM   83  N N   . LEU A 1 14  ? -1.686  -6.694  -0.319  1.00 19.12 ? 15  LEU A N   1 
ATOM   84  C CA  . LEU A 1 14  ? -2.757  -5.830  0.129   1.00 19.80 ? 15  LEU A CA  1 
ATOM   85  C C   . LEU A 1 14  ? -3.347  -5.181  -1.110  1.00 19.72 ? 15  LEU A C   1 
ATOM   86  O O   . LEU A 1 14  ? -2.669  -4.426  -1.795  1.00 19.63 ? 15  LEU A O   1 
ATOM   87  C CB  . LEU A 1 14  ? -2.259  -4.745  1.089   1.00 16.09 ? 15  LEU A CB  1 
ATOM   88  C CG  . LEU A 1 14  ? -1.095  -4.864  2.080   1.00 24.49 ? 15  LEU A CG  1 
ATOM   89  C CD1 . LEU A 1 14  ? -1.261  -3.826  3.204   1.00 21.03 ? 15  LEU A CD1 1 
ATOM   90  C CD2 . LEU A 1 14  ? -0.850  -6.232  2.636   1.00 26.55 ? 15  LEU A CD2 1 
ATOM   91  N N   . PRO A 1 15  ? -4.611  -5.486  -1.418  1.00 20.56 ? 16  PRO A N   1 
ATOM   92  C CA  . PRO A 1 15  ? -5.125  -5.003  -2.707  1.00 19.71 ? 16  PRO A CA  1 
ATOM   93  C C   . PRO A 1 15  ? -5.495  -3.526  -2.707  1.00 18.82 ? 16  PRO A C   1 
ATOM   94  O O   . PRO A 1 15  ? -6.008  -2.979  -1.731  1.00 18.24 ? 16  PRO A O   1 
ATOM   95  C CB  . PRO A 1 15  ? -6.368  -5.877  -2.939  1.00 23.12 ? 16  PRO A CB  1 
ATOM   96  C CG  . PRO A 1 15  ? -6.770  -6.338  -1.587  1.00 23.98 ? 16  PRO A CG  1 
ATOM   97  C CD  . PRO A 1 15  ? -5.516  -6.457  -0.778  1.00 22.18 ? 16  PRO A CD  1 
ATOM   98  N N   . CYS A 1 16  ? -5.223  -2.879  -3.827  1.00 17.39 ? 17  CYS A N   1 
ATOM   99  C CA  . CYS A 1 16  ? -5.629  -1.504  -4.004  1.00 20.84 ? 17  CYS A CA  1 
ATOM   100 C C   . CYS A 1 16  ? -5.711  -1.194  -5.496  1.00 22.12 ? 17  CYS A C   1 
ATOM   101 O O   . CYS A 1 16  ? -4.690  -1.036  -6.172  1.00 22.00 ? 17  CYS A O   1 
ATOM   102 C CB  . CYS A 1 16  ? -4.662  -0.559  -3.292  1.00 17.34 ? 17  CYS A CB  1 
ATOM   103 S SG  . CYS A 1 16  ? -5.180  1.180   -3.317  1.00 23.32 ? 17  CYS A SG  1 
ATOM   104 N N   . HIS A 1 17  ? -6.943  -1.122  -5.995  1.00 22.52 ? 18  HIS A N   1 
ATOM   105 C CA  . HIS A 1 17  ? -7.226  -0.804  -7.395  1.00 23.05 ? 18  HIS A CA  1 
ATOM   106 C C   . HIS A 1 17  ? -8.115  0.425   -7.416  1.00 27.94 ? 18  HIS A C   1 
ATOM   107 O O   . HIS A 1 17  ? -9.272  0.348   -7.009  1.00 30.89 ? 18  HIS A O   1 
ATOM   108 C CB  . HIS A 1 17  ? -7.967  -1.970  -8.056  1.00 24.39 ? 18  HIS A CB  1 
ATOM   109 C CG  . HIS A 1 17  ? -7.249  -3.276  -7.950  1.00 22.47 ? 18  HIS A CG  1 
ATOM   110 N ND1 . HIS A 1 17  ? -7.302  -4.065  -6.821  1.00 27.46 ? 18  HIS A ND1 1 
ATOM   111 C CD2 . HIS A 1 17  ? -6.451  -3.930  -8.828  1.00 22.35 ? 18  HIS A CD2 1 
ATOM   112 C CE1 . HIS A 1 17  ? -6.574  -5.149  -7.009  1.00 26.22 ? 18  HIS A CE1 1 
ATOM   113 N NE2 . HIS A 1 17  ? -6.043  -5.091  -8.219  1.00 30.90 ? 18  HIS A NE2 1 
ATOM   114 N N   . TYR A 1 18  ? -7.587  1.551   -7.891  1.00 24.83 ? 19  TYR A N   1 
ATOM   115 C CA  . TYR A 1 18  ? -8.295  2.819   -7.761  1.00 28.89 ? 19  TYR A CA  1 
ATOM   116 C C   . TYR A 1 18  ? -8.960  3.308   -9.045  1.00 30.03 ? 19  TYR A C   1 
ATOM   117 O O   . TYR A 1 18  ? -8.767  2.741   -10.127 1.00 26.94 ? 19  TYR A O   1 
ATOM   118 C CB  . TYR A 1 18  ? -7.368  3.908   -7.208  1.00 27.16 ? 19  TYR A CB  1 
ATOM   119 C CG  . TYR A 1 18  ? -6.216  4.285   -8.121  1.00 25.88 ? 19  TYR A CG  1 
ATOM   120 C CD1 . TYR A 1 18  ? -6.348  5.302   -9.064  1.00 29.42 ? 19  TYR A CD1 1 
ATOM   121 C CD2 . TYR A 1 18  ? -4.987  3.642   -8.025  1.00 26.14 ? 19  TYR A CD2 1 
ATOM   122 C CE1 . TYR A 1 18  ? -5.291  5.660   -9.891  1.00 25.99 ? 19  TYR A CE1 1 
ATOM   123 C CE2 . TYR A 1 18  ? -3.925  3.992   -8.846  1.00 23.02 ? 19  TYR A CE2 1 
ATOM   124 C CZ  . TYR A 1 18  ? -4.087  4.999   -9.784  1.00 25.98 ? 19  TYR A CZ  1 
ATOM   125 O OH  . TYR A 1 18  ? -3.039  5.349   -10.603 1.00 25.30 ? 19  TYR A OH  1 
ATOM   126 N N   . SER A 1 19  ? -9.728  4.387   -8.903  1.00 35.43 ? 20  SER A N   1 
ATOM   127 C CA  . SER A 1 19  ? -10.493 4.963   -10.007 1.00 35.55 ? 20  SER A CA  1 
ATOM   128 C C   . SER A 1 19  ? -10.034 6.386   -10.280 1.00 36.28 ? 20  SER A C   1 
ATOM   129 O O   . SER A 1 19  ? -9.206  6.934   -9.542  1.00 36.68 ? 20  SER A O   1 
ATOM   130 C CB  . SER A 1 19  ? -11.989 4.953   -9.684  1.00 42.48 ? 20  SER A CB  1 
ATOM   131 O OG  . SER A 1 19  ? -12.260 5.754   -8.547  1.00 45.36 ? 20  SER A OG  1 
ATOM   132 N N   . GLY A 1 20  ? -10.575 6.985   -11.336 1.00 28.21 ? 21  GLY A N   1 
ATOM   133 C CA  . GLY A 1 20  ? -10.113 8.287   -11.786 1.00 31.45 ? 21  GLY A CA  1 
ATOM   134 C C   . GLY A 1 20  ? -8.843  8.176   -12.619 1.00 31.74 ? 21  GLY A C   1 
ATOM   135 O O   . GLY A 1 20  ? -8.486  7.092   -13.084 1.00 32.83 ? 21  GLY A O   1 
ATOM   136 N N   . ALA A 1 21  ? -8.143  9.289   -12.791 1.00 28.08 ? 22  ALA A N   1 
ATOM   137 C CA  . ALA A 1 21  ? -6.961  9.304   -13.633 1.00 29.05 ? 22  ALA A CA  1 
ATOM   138 C C   . ALA A 1 21  ? -5.804  8.574   -12.958 1.00 28.85 ? 22  ALA A C   1 
ATOM   139 O O   . ALA A 1 21  ? -5.740  8.502   -11.732 1.00 28.72 ? 22  ALA A O   1 
ATOM   140 C CB  . ALA A 1 21  ? -6.571  10.739  -13.970 1.00 32.41 ? 22  ALA A CB  1 
ATOM   141 N N   . VAL A 1 22  ? -4.905  8.018   -13.768 1.00 31.12 ? 23  VAL A N   1 
ATOM   142 C CA  . VAL A 1 22  ? -3.650  7.440   -13.279 1.00 29.20 ? 23  VAL A CA  1 
ATOM   143 C C   . VAL A 1 22  ? -2.847  8.523   -12.567 1.00 27.30 ? 23  VAL A C   1 
ATOM   144 O O   . VAL A 1 22  ? -2.639  9.604   -13.114 1.00 28.71 ? 23  VAL A O   1 
ATOM   145 C CB  . VAL A 1 22  ? -2.816  6.854   -14.450 1.00 30.69 ? 23  VAL A CB  1 
ATOM   146 C CG1 . VAL A 1 22  ? -1.392  6.538   -14.006 1.00 28.05 ? 23  VAL A CG1 1 
ATOM   147 C CG2 . VAL A 1 22  ? -3.505  5.620   -15.039 1.00 29.86 ? 23  VAL A CG2 1 
ATOM   148 N N   . THR A 1 23  ? -2.405  8.259   -11.339 1.00 23.46 ? 24  THR A N   1 
ATOM   149 C CA  . THR A 1 23  ? -1.751  9.317   -10.573 1.00 25.14 ? 24  THR A CA  1 
ATOM   150 C C   . THR A 1 23  ? -0.801  8.746   -9.513  1.00 25.43 ? 24  THR A C   1 
ATOM   151 O O   . THR A 1 23  ? -0.694  7.528   -9.365  1.00 23.71 ? 24  THR A O   1 
ATOM   152 C CB  . THR A 1 23  ? -2.811  10.229  -9.917  1.00 23.27 ? 24  THR A CB  1 
ATOM   153 O OG1 . THR A 1 23  ? -2.206  11.447  -9.469  1.00 21.89 ? 24  THR A OG1 1 
ATOM   154 C CG2 . THR A 1 23  ? -3.464  9.514   -8.746  1.00 29.32 ? 24  THR A CG2 1 
ATOM   155 N N   . SER A 1 24  ? -0.109  9.620   -8.787  1.00 25.04 ? 25  SER A N   1 
ATOM   156 C CA  . SER A 1 24  ? 0.851   9.175   -7.770  1.00 21.29 ? 25  SER A CA  1 
ATOM   157 C C   . SER A 1 24  ? 0.145   8.731   -6.498  1.00 23.07 ? 25  SER A C   1 
ATOM   158 O O   . SER A 1 24  ? -0.985  9.131   -6.229  1.00 21.16 ? 25  SER A O   1 
ATOM   159 C CB  . SER A 1 24  ? 1.836   10.293  -7.433  1.00 23.26 ? 25  SER A CB  1 
ATOM   160 O OG  . SER A 1 24  ? 2.452   10.796  -8.606  1.00 25.07 ? 25  SER A OG  1 
ATOM   161 N N   . MET A 1 25  ? 0.826   7.915   -5.699  1.00 21.66 ? 26  MET A N   1 
ATOM   162 C CA  . MET A 1 25  ? 0.222   7.359   -4.496  1.00 18.53 ? 26  MET A CA  1 
ATOM   163 C C   . MET A 1 25  ? 1.295   7.097   -3.435  1.00 18.19 ? 26  MET A C   1 
ATOM   164 O O   . MET A 1 25  ? 2.495   7.139   -3.728  1.00 17.62 ? 26  MET A O   1 
ATOM   165 C CB  . MET A 1 25  ? -0.524  6.056   -4.815  1.00 22.65 ? 26  MET A CB  1 
ATOM   166 C CG  . MET A 1 25  ? 0.385   4.864   -5.145  1.00 20.56 ? 26  MET A CG  1 
ATOM   167 S SD  . MET A 1 25  ? 1.001   3.977   -3.682  1.00 20.38 ? 26  MET A SD  1 
ATOM   168 C CE  . MET A 1 25  ? -0.541  3.474   -2.926  1.00 18.49 ? 26  MET A CE  1 
ATOM   169 N N   . CYS A 1 26  ? 0.852   6.838   -2.208  1.00 22.89 ? 27  CYS A N   1 
ATOM   170 C CA  . CYS A 1 26  ? 1.751   6.352   -1.167  1.00 17.39 ? 27  CYS A CA  1 
ATOM   171 C C   . CYS A 1 26  ? 1.075   5.259   -0.341  1.00 18.88 ? 27  CYS A C   1 
ATOM   172 O O   . CYS A 1 26  ? -0.151  5.247   -0.190  1.00 19.24 ? 27  CYS A O   1 
ATOM   173 C CB  . CYS A 1 26  ? 2.280   7.491   -0.279  1.00 21.37 ? 27  CYS A CB  1 
ATOM   174 S SG  . CYS A 1 26  ? 1.050   8.458   0.655   1.00 22.54 ? 27  CYS A SG  1 
ATOM   175 N N   . TRP A 1 27  ? 1.882   4.310   0.136   1.00 19.37 ? 28  TRP A N   1 
ATOM   176 C CA  . TRP A 1 27  ? 1.435   3.319   1.101   1.00 16.48 ? 28  TRP A CA  1 
ATOM   177 C C   . TRP A 1 27  ? 1.888   3.770   2.471   1.00 17.57 ? 28  TRP A C   1 
ATOM   178 O O   . TRP A 1 27  ? 3.060   4.122   2.660   1.00 17.60 ? 28  TRP A O   1 
ATOM   179 C CB  . TRP A 1 27  ? 2.030   1.937   0.798   1.00 13.74 ? 28  TRP A CB  1 
ATOM   180 C CG  . TRP A 1 27  ? 1.232   1.186   -0.201  1.00 16.48 ? 28  TRP A CG  1 
ATOM   181 C CD1 . TRP A 1 27  ? 1.459   1.098   -1.541  1.00 15.77 ? 28  TRP A CD1 1 
ATOM   182 C CD2 . TRP A 1 27  ? 0.044   0.431   0.057   1.00 15.87 ? 28  TRP A CD2 1 
ATOM   183 N NE1 . TRP A 1 27  ? 0.494   0.319   -2.139  1.00 14.57 ? 28  TRP A NE1 1 
ATOM   184 C CE2 . TRP A 1 27  ? -0.389  -0.101  -1.177  1.00 17.72 ? 28  TRP A CE2 1 
ATOM   185 C CE3 . TRP A 1 27  ? -0.684  0.140   1.213   1.00 16.89 ? 28  TRP A CE3 1 
ATOM   186 C CZ2 . TRP A 1 27  ? -1.518  -0.908  -1.287  1.00 16.47 ? 28  TRP A CZ2 1 
ATOM   187 C CZ3 . TRP A 1 27  ? -1.811  -0.665  1.103   1.00 15.27 ? 28  TRP A CZ3 1 
ATOM   188 C CH2 . TRP A 1 27  ? -2.214  -1.179  -0.135  1.00 16.19 ? 28  TRP A CH2 1 
ATOM   189 N N   . ASN A 1 28  ? 0.957   3.769   3.417   1.00 18.91 ? 29  ASN A N   1 
ATOM   190 C CA  . ASN A 1 28  ? 1.261   4.142   4.788   1.00 20.21 ? 29  ASN A CA  1 
ATOM   191 C C   . ASN A 1 28  ? 1.275   2.904   5.666   1.00 19.16 ? 29  ASN A C   1 
ATOM   192 O O   . ASN A 1 28  ? 0.380   2.055   5.571   1.00 17.21 ? 29  ASN A O   1 
ATOM   193 C CB  . ASN A 1 28  ? 0.223   5.141   5.319   1.00 22.96 ? 29  ASN A CB  1 
ATOM   194 C CG  . ASN A 1 28  ? 0.684   5.833   6.601   1.00 23.69 ? 29  ASN A CG  1 
ATOM   195 O OD1 . ASN A 1 28  ? 1.643   6.610   6.585   1.00 21.04 ? 29  ASN A OD1 1 
ATOM   196 N ND2 . ASN A 1 28  ? 0.003   5.549   7.715   1.00 22.10 ? 29  ASN A ND2 1 
ATOM   197 N N   . ARG A 1 29  ? 2.293   2.786   6.513   1.00 17.70 ? 30  ARG A N   1 
ATOM   198 C CA  . ARG A 1 29  ? 2.286   1.714   7.492   1.00 18.27 ? 30  ARG A CA  1 
ATOM   199 C C   . ARG A 1 29  ? 1.666   2.307   8.745   1.00 18.85 ? 30  ARG A C   1 
ATOM   200 O O   . ARG A 1 29  ? 2.353   2.901   9.541   1.00 21.56 ? 30  ARG A O   1 
ATOM   201 C CB  . ARG A 1 29  ? 3.697   1.191   7.776   1.00 17.17 ? 30  ARG A CB  1 
ATOM   202 C CG  . ARG A 1 29  ? 3.677   -0.079  8.643   1.00 21.32 ? 30  ARG A CG  1 
ATOM   203 C CD  . ARG A 1 29  ? 5.046   -0.728  8.756   1.00 23.98 ? 30  ARG A CD  1 
ATOM   204 N NE  . ARG A 1 29  ? 5.033   -1.807  9.752   1.00 20.45 ? 30  ARG A NE  1 
ATOM   205 C CZ  . ARG A 1 29  ? 6.118   -2.432  10.201  1.00 25.93 ? 30  ARG A CZ  1 
ATOM   206 N NH1 . ARG A 1 29  ? 7.313   -2.083  9.763   1.00 22.46 ? 30  ARG A NH1 1 
ATOM   207 N NH2 . ARG A 1 29  ? 6.012   -3.406  11.104  1.00 25.48 ? 30  ARG A NH2 1 
ATOM   208 N N   . GLY A 1 30  ? 0.352   2.191   8.889   1.00 19.29 ? 31  GLY A N   1 
ATOM   209 C CA  . GLY A 1 30  ? -0.354  2.839   9.982   1.00 17.88 ? 31  GLY A CA  1 
ATOM   210 C C   . GLY A 1 30  ? -1.710  3.230   9.456   1.00 22.49 ? 31  GLY A C   1 
ATOM   211 O O   . GLY A 1 30  ? -1.982  3.042   8.273   1.00 20.12 ? 31  GLY A O   1 
ATOM   212 N N   . SER A 1 31  ? -2.565  3.758   10.324  1.00 28.66 ? 32  SER A N   1 
ATOM   213 C CA  . SER A 1 31  ? -3.914  4.136   9.911   1.00 26.85 ? 32  SER A CA  1 
ATOM   214 C C   . SER A 1 31  ? -3.840  5.250   8.879   1.00 27.12 ? 32  SER A C   1 
ATOM   215 O O   . SER A 1 31  ? -2.835  5.933   8.761   1.00 27.98 ? 32  SER A O   1 
ATOM   216 C CB  . SER A 1 31  ? -4.765  4.572   11.107  1.00 32.47 ? 32  SER A CB  1 
ATOM   217 O OG  . SER A 1 31  ? -5.266  3.449   11.822  1.00 34.57 ? 32  SER A OG  1 
ATOM   218 N N   . CYS A 1 32  ? -4.910  5.419   8.118   1.00 24.92 ? 33  CYS A N   1 
ATOM   219 C CA  . CYS A 1 32  ? -4.943  6.454   7.106   1.00 26.63 ? 33  CYS A CA  1 
ATOM   220 C C   . CYS A 1 32  ? -4.790  7.821   7.762   1.00 32.13 ? 33  CYS A C   1 
ATOM   221 O O   . CYS A 1 32  ? -5.464  8.137   8.742   1.00 29.15 ? 33  CYS A O   1 
ATOM   222 C CB  . CYS A 1 32  ? -6.230  6.362   6.285   1.00 26.91 ? 33  CYS A CB  1 
ATOM   223 S SG  . CYS A 1 32  ? -6.299  4.882   5.228   1.00 24.06 ? 33  CYS A SG  1 
ATOM   224 N N   . SER A 1 33  ? -3.847  8.598   7.244   1.00 38.03 ? 34  SER A N   1 
ATOM   225 C CA  . SER A 1 33  ? -3.634  9.963   7.702   1.00 40.68 ? 34  SER A CA  1 
ATOM   226 C C   . SER A 1 33  ? -4.613  10.862  6.944   1.00 43.00 ? 34  SER A C   1 
ATOM   227 O O   . SER A 1 33  ? -5.147  10.477  5.902   1.00 41.18 ? 34  SER A O   1 
ATOM   228 C CB  . SER A 1 33  ? -2.182  10.403  7.455   1.00 39.05 ? 34  SER A CB  1 
ATOM   229 O OG  . SER A 1 33  ? -1.236  9.360   7.719   1.00 37.21 ? 34  SER A OG  1 
ATOM   230 N N   . LEU A 1 34  ? -4.868  12.053  7.468   1.00 46.60 ? 35  LEU A N   1 
ATOM   231 C CA  . LEU A 1 34  ? -5.801  12.957  6.811   1.00 47.16 ? 35  LEU A CA  1 
ATOM   232 C C   . LEU A 1 34  ? -5.219  13.593  5.546   1.00 45.70 ? 35  LEU A C   1 
ATOM   233 O O   . LEU A 1 34  ? -5.931  13.788  4.561   1.00 46.07 ? 35  LEU A O   1 
ATOM   234 C CB  . LEU A 1 34  ? -6.299  14.044  7.772   1.00 52.79 ? 35  LEU A CB  1 
ATOM   235 C CG  . LEU A 1 34  ? -5.725  14.112  9.189   1.00 52.43 ? 35  LEU A CG  1 
ATOM   236 C CD1 . LEU A 1 34  ? -4.316  14.706  9.203   1.00 53.69 ? 35  LEU A CD1 1 
ATOM   237 C CD2 . LEU A 1 34  ? -6.663  14.898  10.099  1.00 45.19 ? 35  LEU A CD2 1 
ATOM   238 N N   . PHE A 1 35  ? -3.933  13.914  5.557   1.00 38.19 ? 36  PHE A N   1 
ATOM   239 C CA  . PHE A 1 35  ? -3.395  14.695  4.448   1.00 37.69 ? 36  PHE A CA  1 
ATOM   240 C C   . PHE A 1 35  ? -2.105  14.206  3.773   1.00 38.67 ? 36  PHE A C   1 
ATOM   241 O O   . PHE A 1 35  ? -1.589  14.862  2.876   1.00 33.19 ? 36  PHE A O   1 
ATOM   242 C CB  . PHE A 1 35  ? -3.349  16.198  4.791   1.00 48.55 ? 36  PHE A CB  1 
ATOM   243 C CG  . PHE A 1 35  ? -2.299  16.584  5.804   1.00 55.43 ? 36  PHE A CG  1 
ATOM   244 C CD1 . PHE A 1 35  ? -1.632  15.630  6.566   1.00 55.25 ? 36  PHE A CD1 1 
ATOM   245 C CD2 . PHE A 1 35  ? -1.984  17.928  5.995   1.00 62.37 ? 36  PHE A CD2 1 
ATOM   246 C CE1 . PHE A 1 35  ? -0.663  16.010  7.491   1.00 58.74 ? 36  PHE A CE1 1 
ATOM   247 C CE2 . PHE A 1 35  ? -1.023  18.317  6.920   1.00 57.32 ? 36  PHE A CE2 1 
ATOM   248 C CZ  . PHE A 1 35  ? -0.360  17.359  7.669   1.00 64.83 ? 36  PHE A CZ  1 
ATOM   249 N N   . THR A 1 36  ? -1.609  13.046  4.185   1.00 33.62 ? 37  THR A N   1 
ATOM   250 C CA  . THR A 1 36  ? -0.455  12.428  3.532   1.00 28.05 ? 37  THR A CA  1 
ATOM   251 C C   . THR A 1 36  ? -0.310  10.990  4.035   1.00 28.89 ? 37  THR A C   1 
ATOM   252 O O   . THR A 1 36  ? -1.260  10.422  4.565   1.00 29.89 ? 37  THR A O   1 
ATOM   253 C CB  . THR A 1 36  ? 0.840   13.231  3.781   1.00 34.36 ? 37  THR A CB  1 
ATOM   254 O OG1 . THR A 1 36  ? 1.873   12.765  2.907   1.00 33.93 ? 37  THR A OG1 1 
ATOM   255 C CG2 . THR A 1 36  ? 1.293   13.131  5.244   1.00 33.88 ? 37  THR A CG2 1 
ATOM   256 N N   . CYS A 1 37  ? 0.853   10.386  3.843   1.00 28.84 ? 38  CYS A N   1 
ATOM   257 C CA  . CYS A 1 37  ? 1.168   9.152   4.547   1.00 25.43 ? 38  CYS A CA  1 
ATOM   258 C C   . CYS A 1 37  ? 2.199   9.502   5.616   1.00 23.48 ? 38  CYS A C   1 
ATOM   259 O O   . CYS A 1 37  ? 3.375   9.624   5.311   1.00 26.91 ? 38  CYS A O   1 
ATOM   260 C CB  . CYS A 1 37  ? 1.738   8.108   3.582   1.00 24.27 ? 38  CYS A CB  1 
ATOM   261 S SG  . CYS A 1 37  ? 0.555   7.445   2.360   1.00 21.71 ? 38  CYS A SG  1 
ATOM   262 N N   . GLN A 1 38  ? 1.764   9.674   6.864   1.00 27.03 ? 39  GLN A N   1 
ATOM   263 C CA  . GLN A 1 38  ? 2.683   10.107  7.926   1.00 25.74 ? 39  GLN A CA  1 
ATOM   264 C C   . GLN A 1 38  ? 3.813   9.109   8.191   1.00 25.13 ? 39  GLN A C   1 
ATOM   265 O O   . GLN A 1 38  ? 4.887   9.478   8.687   1.00 21.63 ? 39  GLN A O   1 
ATOM   266 C CB  . GLN A 1 38  ? 1.933   10.400  9.220   1.00 29.92 ? 39  GLN A CB  1 
ATOM   267 C CG  . GLN A 1 38  ? 0.882   11.480  9.098   1.00 32.20 ? 39  GLN A CG  1 
ATOM   268 C CD  . GLN A 1 38  ? -0.229  11.297  10.119  1.00 44.29 ? 39  GLN A CD  1 
ATOM   269 O OE1 . GLN A 1 38  ? -0.697  10.174  10.347  1.00 42.84 ? 39  GLN A OE1 1 
ATOM   270 N NE2 . GLN A 1 38  ? -0.652  12.395  10.742  1.00 52.31 ? 39  GLN A NE2 1 
ATOM   271 N N   . ASN A 1 39  ? 3.565   7.841   7.877   1.00 21.67 ? 40  ASN A N   1 
ATOM   272 C CA  . ASN A 1 39  ? 4.636   6.854   7.890   1.00 19.43 ? 40  ASN A CA  1 
ATOM   273 C C   . ASN A 1 39  ? 4.686   6.134   6.553   1.00 20.20 ? 40  ASN A C   1 
ATOM   274 O O   . ASN A 1 39  ? 4.471   4.936   6.480   1.00 19.36 ? 40  ASN A O   1 
ATOM   275 C CB  . ASN A 1 39  ? 4.474   5.861   9.048   1.00 18.63 ? 40  ASN A CB  1 
ATOM   276 C CG  . ASN A 1 39  ? 5.690   4.966   9.224   1.00 19.46 ? 40  ASN A CG  1 
ATOM   277 O OD1 . ASN A 1 39  ? 6.821   5.386   8.988   1.00 21.35 ? 40  ASN A OD1 1 
ATOM   278 N ND2 . ASN A 1 39  ? 5.458   3.715   9.617   1.00 19.63 ? 40  ASN A ND2 1 
ATOM   279 N N   . GLY A 1 40  ? 4.970   6.883   5.489   1.00 21.86 ? 41  GLY A N   1 
ATOM   280 C CA  . GLY A 1 40  ? 4.980   6.320   4.151   1.00 23.36 ? 41  GLY A CA  1 
ATOM   281 C C   . GLY A 1 40  ? 6.064   5.276   3.976   1.00 22.70 ? 41  GLY A C   1 
ATOM   282 O O   . GLY A 1 40  ? 7.227   5.508   4.316   1.00 22.70 ? 41  GLY A O   1 
ATOM   283 N N   . ILE A 1 41  ? 5.690   4.108   3.468   1.00 17.73 ? 42  ILE A N   1 
ATOM   284 C CA  . ILE A 1 41  ? 6.673   3.057   3.223   1.00 17.50 ? 42  ILE A CA  1 
ATOM   285 C C   . ILE A 1 41  ? 6.915   2.827   1.739   1.00 17.12 ? 42  ILE A C   1 
ATOM   286 O O   . ILE A 1 41  ? 7.889   2.192   1.353   1.00 18.55 ? 42  ILE A O   1 
ATOM   287 C CB  . ILE A 1 41  ? 6.274   1.741   3.908   1.00 17.26 ? 42  ILE A CB  1 
ATOM   288 C CG1 . ILE A 1 41  ? 4.854   1.351   3.499   1.00 16.46 ? 42  ILE A CG1 1 
ATOM   289 C CG2 . ILE A 1 41  ? 6.369   1.915   5.412   1.00 18.84 ? 42  ILE A CG2 1 
ATOM   290 C CD1 . ILE A 1 41  ? 4.398   -0.016  4.023   1.00 17.29 ? 42  ILE A CD1 1 
ATOM   291 N N   . VAL A 1 42  ? 6.000   3.321   0.914   1.00 15.59 ? 43  VAL A N   1 
ATOM   292 C CA  . VAL A 1 42  ? 6.170   3.290   -0.528  1.00 16.07 ? 43  VAL A CA  1 
ATOM   293 C C   . VAL A 1 42  ? 5.637   4.591   -1.121  1.00 18.11 ? 43  VAL A C   1 
ATOM   294 O O   . VAL A 1 42  ? 4.582   5.064   -0.724  1.00 15.24 ? 43  VAL A O   1 
ATOM   295 C CB  . VAL A 1 42  ? 5.399   2.122   -1.181  1.00 14.61 ? 43  VAL A CB  1 
ATOM   296 C CG1 . VAL A 1 42  ? 5.497   2.217   -2.695  1.00 18.03 ? 43  VAL A CG1 1 
ATOM   297 C CG2 . VAL A 1 42  ? 5.914   0.755   -0.689  1.00 14.11 ? 43  VAL A CG2 1 
ATOM   298 N N   . TRP A 1 43  ? 6.379   5.152   -2.072  1.00 21.38 ? 44  TRP A N   1 
ATOM   299 C CA  . TRP A 1 43  ? 5.945   6.340   -2.807  1.00 21.39 ? 44  TRP A CA  1 
ATOM   300 C C   . TRP A 1 43  ? 6.113   6.116   -4.300  1.00 23.17 ? 44  TRP A C   1 
ATOM   301 O O   . TRP A 1 43  ? 7.148   5.615   -4.742  1.00 21.73 ? 44  TRP A O   1 
ATOM   302 C CB  . TRP A 1 43  ? 6.780   7.556   -2.387  1.00 21.89 ? 44  TRP A CB  1 
ATOM   303 C CG  . TRP A 1 43  ? 6.469   8.066   -1.014  1.00 25.26 ? 44  TRP A CG  1 
ATOM   304 C CD1 . TRP A 1 43  ? 7.004   7.628   0.168   1.00 23.88 ? 44  TRP A CD1 1 
ATOM   305 C CD2 . TRP A 1 43  ? 5.555   9.120   -0.675  1.00 27.64 ? 44  TRP A CD2 1 
ATOM   306 N NE1 . TRP A 1 43  ? 6.470   8.340   1.217   1.00 27.47 ? 44  TRP A NE1 1 
ATOM   307 C CE2 . TRP A 1 43  ? 5.583   9.262   0.726   1.00 27.80 ? 44  TRP A CE2 1 
ATOM   308 C CE3 . TRP A 1 43  ? 4.716   9.954   -1.423  1.00 32.66 ? 44  TRP A CE3 1 
ATOM   309 C CZ2 . TRP A 1 43  ? 4.795   10.202  1.401   1.00 33.26 ? 44  TRP A CZ2 1 
ATOM   310 C CZ3 . TRP A 1 43  ? 3.929   10.889  -0.748  1.00 38.60 ? 44  TRP A CZ3 1 
ATOM   311 C CH2 . TRP A 1 43  ? 3.976   11.001  0.650   1.00 31.93 ? 44  TRP A CH2 1 
ATOM   312 N N   . THR A 1 44  ? 5.099   6.498   -5.071  1.00 20.59 ? 45  THR A N   1 
ATOM   313 C CA  . THR A 1 44  ? 5.197   6.480   -6.516  1.00 21.93 ? 45  THR A CA  1 
ATOM   314 C C   . THR A 1 44  ? 5.155   7.913   -7.029  1.00 27.44 ? 45  THR A C   1 
ATOM   315 O O   . THR A 1 44  ? 4.588   8.804   -6.403  1.00 27.36 ? 45  THR A O   1 
ATOM   316 C CB  . THR A 1 44  ? 4.041   5.713   -7.165  1.00 25.92 ? 45  THR A CB  1 
ATOM   317 O OG1 . THR A 1 44  ? 2.815   6.433   -6.968  1.00 21.51 ? 45  THR A OG1 1 
ATOM   318 C CG2 . THR A 1 44  ? 3.916   4.309   -6.578  1.00 23.42 ? 45  THR A CG2 1 
ATOM   319 N N   . ASN A 1 45  ? 5.775   8.128   -8.174  1.00 22.18 ? 46  ASN A N   1 
ATOM   320 C CA  . ASN A 1 45  ? 5.666   9.398   -8.867  1.00 27.18 ? 46  ASN A CA  1 
ATOM   321 C C   . ASN A 1 45  ? 5.222   9.005   -10.253 1.00 24.91 ? 46  ASN A C   1 
ATOM   322 O O   . ASN A 1 45  ? 5.994   8.438   -11.014 1.00 26.16 ? 46  ASN A O   1 
ATOM   323 C CB  . ASN A 1 45  ? 7.021   10.083  -8.901  1.00 28.90 ? 46  ASN A CB  1 
ATOM   324 C CG  . ASN A 1 45  ? 6.949   11.505  -9.405  1.00 31.46 ? 46  ASN A CG  1 
ATOM   325 O OD1 . ASN A 1 45  ? 6.043   12.260  -9.059  1.00 32.46 ? 46  ASN A OD1 1 
ATOM   326 N ND2 . ASN A 1 45  ? 7.907   11.875  -10.229 1.00 33.05 ? 46  ASN A ND2 1 
ATOM   327 N N   . GLY A 1 46  ? 3.961   9.266   -10.563 1.00 28.60 ? 47  GLY A N   1 
ATOM   328 C CA  . GLY A 1 46  ? 3.370   8.689   -11.750 1.00 24.61 ? 47  GLY A CA  1 
ATOM   329 C C   . GLY A 1 46  ? 3.347   7.184   -11.545 1.00 31.16 ? 47  GLY A C   1 
ATOM   330 O O   . GLY A 1 46  ? 3.019   6.719   -10.453 1.00 29.03 ? 47  GLY A O   1 
ATOM   331 N N   . THR A 1 47  ? 3.734   6.435   -12.576 1.00 29.70 ? 48  THR A N   1 
ATOM   332 C CA  . THR A 1 47  ? 3.628   4.979   -12.573 1.00 30.88 ? 48  THR A CA  1 
ATOM   333 C C   . THR A 1 47  ? 4.898   4.246   -12.152 1.00 34.96 ? 48  THR A C   1 
ATOM   334 O O   . THR A 1 47  ? 5.093   3.087   -12.506 1.00 36.45 ? 48  THR A O   1 
ATOM   335 C CB  . THR A 1 47  ? 3.250   4.449   -13.958 1.00 30.63 ? 48  THR A CB  1 
ATOM   336 O OG1 . THR A 1 47  ? 4.311   4.732   -14.879 1.00 31.48 ? 48  THR A OG1 1 
ATOM   337 C CG2 . THR A 1 47  ? 1.967   5.102   -14.441 1.00 26.76 ? 48  THR A CG2 1 
ATOM   338 N N   . HIS A 1 48  ? 5.774   4.903   -11.411 1.00 37.12 ? 49  HIS A N   1 
ATOM   339 C CA  . HIS A 1 48  ? 6.945   4.184   -10.949 1.00 40.32 ? 49  HIS A CA  1 
ATOM   340 C C   . HIS A 1 48  ? 7.305   4.537   -9.510  1.00 33.71 ? 49  HIS A C   1 
ATOM   341 O O   . HIS A 1 48  ? 7.124   5.675   -9.066  1.00 31.03 ? 49  HIS A O   1 
ATOM   342 C CB  . HIS A 1 48  ? 8.096   4.287   -11.969 1.00 39.13 ? 49  HIS A CB  1 
ATOM   343 C CG  . HIS A 1 48  ? 9.318   4.989   -11.467 1.00 42.10 ? 49  HIS A CG  1 
ATOM   344 N ND1 . HIS A 1 48  ? 10.555  4.380   -11.429 1.00 41.43 ? 49  HIS A ND1 1 
ATOM   345 C CD2 . HIS A 1 48  ? 9.506   6.248   -11.010 1.00 39.49 ? 49  HIS A CD2 1 
ATOM   346 C CE1 . HIS A 1 48  ? 11.446  5.223   -10.942 1.00 42.39 ? 49  HIS A CE1 1 
ATOM   347 N NE2 . HIS A 1 48  ? 10.835  6.367   -10.680 1.00 45.73 ? 49  HIS A NE2 1 
ATOM   348 N N   . VAL A 1 49  ? 7.736   3.516   -8.775  1.00 31.00 ? 50  VAL A N   1 
ATOM   349 C CA  . VAL A 1 49  ? 8.085   3.652   -7.374  1.00 26.35 ? 50  VAL A CA  1 
ATOM   350 C C   . VAL A 1 49  ? 9.388   4.422   -7.221  1.00 28.66 ? 50  VAL A C   1 
ATOM   351 O O   . VAL A 1 49  ? 10.427  4.027   -7.758  1.00 27.06 ? 50  VAL A O   1 
ATOM   352 C CB  . VAL A 1 49  ? 8.231   2.276   -6.711  1.00 25.14 ? 50  VAL A CB  1 
ATOM   353 C CG1 . VAL A 1 49  ? 8.545   2.426   -5.228  1.00 23.73 ? 50  VAL A CG1 1 
ATOM   354 C CG2 . VAL A 1 49  ? 6.960   1.464   -6.920  1.00 25.18 ? 50  VAL A CG2 1 
ATOM   355 N N   . THR A 1 50  ? 9.334   5.522   -6.483  1.00 22.27 ? 51  THR A N   1 
ATOM   356 C CA  . THR A 1 50  ? 10.525  6.336   -6.284  1.00 25.70 ? 51  THR A CA  1 
ATOM   357 C C   . THR A 1 50  ? 11.159  6.088   -4.927  1.00 21.57 ? 51  THR A C   1 
ATOM   358 O O   . THR A 1 50  ? 12.346  6.312   -4.749  1.00 25.90 ? 51  THR A O   1 
ATOM   359 C CB  . THR A 1 50  ? 10.209  7.816   -6.458  1.00 23.61 ? 51  THR A CB  1 
ATOM   360 O OG1 . THR A 1 50  ? 9.090   8.167   -5.634  1.00 21.24 ? 51  THR A OG1 1 
ATOM   361 C CG2 . THR A 1 50  ? 9.843   8.078   -7.897  1.00 28.50 ? 51  THR A CG2 1 
ATOM   362 N N   . TYR A 1 51  ? 10.356  5.625   -3.973  1.00 21.11 ? 52  TYR A N   1 
ATOM   363 C CA  . TYR A 1 51  ? 10.854  5.243   -2.653  1.00 18.92 ? 52  TYR A CA  1 
ATOM   364 C C   . TYR A 1 51  ? 10.203  3.957   -2.153  1.00 20.78 ? 52  TYR A C   1 
ATOM   365 O O   . TYR A 1 51  ? 8.993   3.759   -2.304  1.00 19.54 ? 52  TYR A O   1 
ATOM   366 C CB  . TYR A 1 51  ? 10.577  6.341   -1.628  1.00 18.98 ? 52  TYR A CB  1 
ATOM   367 C CG  . TYR A 1 51  ? 11.024  5.968   -0.229  1.00 21.22 ? 52  TYR A CG  1 
ATOM   368 C CD1 . TYR A 1 51  ? 12.358  6.077   0.135   1.00 22.17 ? 52  TYR A CD1 1 
ATOM   369 C CD2 . TYR A 1 51  ? 10.120  5.506   0.724   1.00 16.86 ? 52  TYR A CD2 1 
ATOM   370 C CE1 . TYR A 1 51  ? 12.785  5.739   1.394   1.00 21.48 ? 52  TYR A CE1 1 
ATOM   371 C CE2 . TYR A 1 51  ? 10.544  5.161   2.005   1.00 20.11 ? 52  TYR A CE2 1 
ATOM   372 C CZ  . TYR A 1 51  ? 11.881  5.288   2.329   1.00 22.09 ? 52  TYR A CZ  1 
ATOM   373 O OH  . TYR A 1 51  ? 12.342  4.960   3.579   1.00 25.22 ? 52  TYR A OH  1 
ATOM   374 N N   . ARG A 1 52  ? 11.008  3.094   -1.540  1.00 22.46 ? 53  ARG A N   1 
ATOM   375 C CA  . ARG A 1 52  ? 10.459  2.004   -0.726  1.00 22.80 ? 53  ARG A CA  1 
ATOM   376 C C   . ARG A 1 52  ? 11.328  1.762   0.498   1.00 27.27 ? 53  ARG A C   1 
ATOM   377 O O   . ARG A 1 52  ? 12.552  1.712   0.402   1.00 23.80 ? 53  ARG A O   1 
ATOM   378 C CB  . ARG A 1 52  ? 10.275  0.713   -1.533  1.00 27.79 ? 53  ARG A CB  1 
ATOM   379 C CG  . ARG A 1 52  ? 11.533  0.157   -2.189  1.00 31.07 ? 53  ARG A CG  1 
ATOM   380 C CD  . ARG A 1 52  ? 11.239  -1.234  -2.734  1.00 32.10 ? 53  ARG A CD  1 
ATOM   381 N NE  . ARG A 1 52  ? 11.919  -1.525  -3.992  1.00 38.13 ? 53  ARG A NE  1 
ATOM   382 C CZ  . ARG A 1 52  ? 11.804  -2.680  -4.647  1.00 42.90 ? 53  ARG A CZ  1 
ATOM   383 N NH1 . ARG A 1 52  ? 11.032  -3.640  -4.157  1.00 35.64 ? 53  ARG A NH1 1 
ATOM   384 N NH2 . ARG A 1 52  ? 12.457  -2.881  -5.788  1.00 44.05 ? 53  ARG A NH2 1 
ATOM   385 N N   . LYS A 1 53  ? 10.682  1.604   1.649   1.00 20.46 ? 54  LYS A N   1 
ATOM   386 C CA  . LYS A 1 53  ? 11.391  1.565   2.918   1.00 22.51 ? 54  LYS A CA  1 
ATOM   387 C C   . LYS A 1 53  ? 12.120  0.241   3.097   1.00 30.44 ? 54  LYS A C   1 
ATOM   388 O O   . LYS A 1 53  ? 13.208  0.177   3.688   1.00 28.22 ? 54  LYS A O   1 
ATOM   389 C CB  . LYS A 1 53  ? 10.402  1.781   4.064   1.00 26.47 ? 54  LYS A CB  1 
ATOM   390 C CG  . LYS A 1 53  ? 10.810  1.116   5.366   1.00 25.88 ? 54  LYS A CG  1 
ATOM   391 C CD  . LYS A 1 53  ? 10.882  2.119   6.479   1.00 31.51 ? 54  LYS A CD  1 
ATOM   392 C CE  . LYS A 1 53  ? 12.217  2.809   6.495   1.00 34.97 ? 54  LYS A CE  1 
ATOM   393 N NZ  . LYS A 1 53  ? 13.213  2.063   7.326   1.00 36.65 ? 54  LYS A NZ  1 
ATOM   394 N N   . ASP A 1 54  ? 11.500  -0.809  2.574   1.00 30.62 ? 55  ASP A N   1 
ATOM   395 C CA  . ASP A 1 54  ? 11.978  -2.173  2.726   1.00 27.38 ? 55  ASP A CA  1 
ATOM   396 C C   . ASP A 1 54  ? 11.997  -2.825  1.348   1.00 32.37 ? 55  ASP A C   1 
ATOM   397 O O   . ASP A 1 54  ? 11.063  -2.691  0.549   1.00 27.78 ? 55  ASP A O   1 
ATOM   398 C CB  . ASP A 1 54  ? 11.052  -2.934  3.682   1.00 30.04 ? 55  ASP A CB  1 
ATOM   399 C CG  . ASP A 1 54  ? 11.716  -4.163  4.322   1.00 35.30 ? 55  ASP A CG  1 
ATOM   400 O OD1 . ASP A 1 54  ? 11.472  -4.405  5.531   1.00 32.22 ? 55  ASP A OD1 1 
ATOM   401 O OD2 . ASP A 1 54  ? 12.458  -4.886  3.618   1.00 35.64 ? 55  ASP A OD2 1 
ATOM   402 N N   . THR A 1 55  ? 13.083  -3.525  1.068   1.00 32.64 ? 56  THR A N   1 
ATOM   403 C CA  . THR A 1 55  ? 13.201  -4.307  -0.147  1.00 28.87 ? 56  THR A CA  1 
ATOM   404 C C   . THR A 1 55  ? 12.106  -5.385  -0.219  1.00 24.07 ? 56  THR A C   1 
ATOM   405 O O   . THR A 1 55  ? 11.798  -5.900  -1.296  1.00 24.91 ? 56  THR A O   1 
ATOM   406 C CB  . THR A 1 55  ? 14.570  -4.974  -0.167  1.00 33.16 ? 56  THR A CB  1 
ATOM   407 O OG1 . THR A 1 55  ? 14.585  -6.008  -1.160  1.00 34.16 ? 56  THR A OG1 1 
ATOM   408 C CG2 . THR A 1 55  ? 14.849  -5.553  1.219   1.00 24.37 ? 56  THR A CG2 1 
ATOM   409 N N   . ARG A 1 56  ? 11.520  -5.720  0.928   1.00 24.10 ? 57  ARG A N   1 
ATOM   410 C CA  . ARG A 1 56  ? 10.416  -6.675  0.968   1.00 21.54 ? 57  ARG A CA  1 
ATOM   411 C C   . ARG A 1 56  ? 9.133   -6.122  0.376   1.00 20.76 ? 57  ARG A C   1 
ATOM   412 O O   . ARG A 1 56  ? 8.196   -6.880  0.121   1.00 20.31 ? 57  ARG A O   1 
ATOM   413 C CB  . ARG A 1 56  ? 10.130  -7.122  2.404   1.00 21.67 ? 57  ARG A CB  1 
ATOM   414 C CG  . ARG A 1 56  ? 11.196  -7.986  2.997   1.00 21.04 ? 57  ARG A CG  1 
ATOM   415 C CD  . ARG A 1 56  ? 10.850  -8.336  4.421   1.00 19.91 ? 57  ARG A CD  1 
ATOM   416 N NE  . ARG A 1 56  ? 10.482  -7.161  5.212   1.00 18.01 ? 57  ARG A NE  1 
ATOM   417 C CZ  . ARG A 1 56  ? 9.434   -7.129  6.031   1.00 22.22 ? 57  ARG A CZ  1 
ATOM   418 N NH1 . ARG A 1 56  ? 8.659   -8.208  6.160   1.00 20.69 ? 57  ARG A NH1 1 
ATOM   419 N NH2 . ARG A 1 56  ? 9.161   -6.038  6.733   1.00 17.64 ? 57  ARG A NH2 1 
ATOM   420 N N   . TYR A 1 57  ? 9.076   -4.807  0.166   1.00 18.17 ? 58  TYR A N   1 
ATOM   421 C CA  . TYR A 1 57  ? 7.841   -4.185  -0.326  1.00 19.90 ? 58  TYR A CA  1 
ATOM   422 C C   . TYR A 1 57  ? 7.896   -4.080  -1.838  1.00 19.63 ? 58  TYR A C   1 
ATOM   423 O O   . TYR A 1 57  ? 8.813   -3.476  -2.367  1.00 17.11 ? 58  TYR A O   1 
ATOM   424 C CB  . TYR A 1 57  ? 7.668   -2.784  0.253   1.00 19.71 ? 58  TYR A CB  1 
ATOM   425 C CG  . TYR A 1 57  ? 7.509   -2.718  1.750   1.00 20.37 ? 58  TYR A CG  1 
ATOM   426 C CD1 . TYR A 1 57  ? 7.928   -1.602  2.458   1.00 20.24 ? 58  TYR A CD1 1 
ATOM   427 C CD2 . TYR A 1 57  ? 6.933   -3.763  2.458   1.00 18.22 ? 58  TYR A CD2 1 
ATOM   428 C CE1 . TYR A 1 57  ? 7.783   -1.519  3.827   1.00 18.89 ? 58  TYR A CE1 1 
ATOM   429 C CE2 . TYR A 1 57  ? 6.785   -3.697  3.829   1.00 21.12 ? 58  TYR A CE2 1 
ATOM   430 C CZ  . TYR A 1 57  ? 7.210   -2.576  4.514   1.00 24.12 ? 58  TYR A CZ  1 
ATOM   431 O OH  . TYR A 1 57  ? 7.061   -2.512  5.887   1.00 20.81 ? 58  TYR A OH  1 
ATOM   432 N N   . LYS A 1 58  ? 6.921   -4.667  -2.531  1.00 20.72 ? 59  LYS A N   1 
ATOM   433 C CA  . LYS A 1 58  ? 6.874   -4.618  -3.997  1.00 21.51 ? 59  LYS A CA  1 
ATOM   434 C C   . LYS A 1 58  ? 5.498   -4.217  -4.508  1.00 19.49 ? 59  LYS A C   1 
ATOM   435 O O   . LYS A 1 58  ? 4.467   -4.646  -3.966  1.00 22.21 ? 59  LYS A O   1 
ATOM   436 C CB  . LYS A 1 58  ? 7.171   -5.991  -4.597  1.00 21.63 ? 59  LYS A CB  1 
ATOM   437 C CG  . LYS A 1 58  ? 8.146   -6.838  -3.836  1.00 28.48 ? 59  LYS A CG  1 
ATOM   438 C CD  . LYS A 1 58  ? 9.551   -6.555  -4.277  1.00 32.26 ? 59  LYS A CD  1 
ATOM   439 C CE  . LYS A 1 58  ? 10.475  -7.588  -3.670  1.00 32.98 ? 59  LYS A CE  1 
ATOM   440 N NZ  . LYS A 1 58  ? 11.860  -7.321  -4.055  1.00 31.96 ? 59  LYS A NZ  1 
ATOM   441 N N   . LEU A 1 59  ? 5.472   -3.429  -5.573  1.00 20.69 ? 60  LEU A N   1 
ATOM   442 C CA  . LEU A 1 59  ? 4.229   -3.172  -6.278  1.00 21.25 ? 60  LEU A CA  1 
ATOM   443 C C   . LEU A 1 59  ? 4.297   -3.964  -7.571  1.00 22.59 ? 60  LEU A C   1 
ATOM   444 O O   . LEU A 1 59  ? 4.962   -3.549  -8.508  1.00 22.21 ? 60  LEU A O   1 
ATOM   445 C CB  . LEU A 1 59  ? 4.085   -1.682  -6.568  1.00 24.68 ? 60  LEU A CB  1 
ATOM   446 C CG  . LEU A 1 59  ? 3.189   -0.891  -5.612  1.00 25.93 ? 60  LEU A CG  1 
ATOM   447 C CD1 . LEU A 1 59  ? 3.560   -1.111  -4.145  1.00 22.32 ? 60  LEU A CD1 1 
ATOM   448 C CD2 . LEU A 1 59  ? 3.171   0.601   -5.961  1.00 22.65 ? 60  LEU A CD2 1 
ATOM   449 N N   . LEU A 1 60  ? 3.629   -5.112  -7.610  1.00 22.40 ? 61  LEU A N   1 
ATOM   450 C CA  . LEU A 1 60  ? 3.820   -6.064  -8.702  1.00 25.02 ? 61  LEU A CA  1 
ATOM   451 C C   . LEU A 1 60  ? 2.765   -5.960  -9.790  1.00 23.37 ? 61  LEU A C   1 
ATOM   452 O O   . LEU A 1 60  ? 2.879   -6.604  -10.831 1.00 26.19 ? 61  LEU A O   1 
ATOM   453 C CB  . LEU A 1 60  ? 3.863   -7.499  -8.165  1.00 22.85 ? 61  LEU A CB  1 
ATOM   454 C CG  . LEU A 1 60  ? 4.956   -7.724  -7.117  1.00 25.07 ? 61  LEU A CG  1 
ATOM   455 C CD1 . LEU A 1 60  ? 4.953   -9.140  -6.599  1.00 27.27 ? 61  LEU A CD1 1 
ATOM   456 C CD2 . LEU A 1 60  ? 6.324   -7.374  -7.691  1.00 24.90 ? 61  LEU A CD2 1 
ATOM   457 N N   . GLY A 1 61  ? 1.735   -5.158  -9.546  1.00 26.67 ? 62  GLY A N   1 
ATOM   458 C CA  . GLY A 1 61  ? 0.633   -5.051  -10.482 1.00 22.57 ? 62  GLY A CA  1 
ATOM   459 C C   . GLY A 1 61  ? 0.934   -4.045  -11.569 1.00 24.94 ? 62  GLY A C   1 
ATOM   460 O O   . GLY A 1 61  ? 2.003   -3.442  -11.582 1.00 22.03 ? 62  GLY A O   1 
ATOM   461 N N   . ASP A 1 62  ? -0.023  -3.858  -12.475 1.00 21.44 ? 63  ASP A N   1 
ATOM   462 C CA  . ASP A 1 62  ? 0.101   -2.893  -13.556 1.00 22.82 ? 63  ASP A CA  1 
ATOM   463 C C   . ASP A 1 62  ? -0.258  -1.496  -13.061 1.00 25.11 ? 63  ASP A C   1 
ATOM   464 O O   . ASP A 1 62  ? -1.437  -1.133  -13.010 1.00 23.11 ? 63  ASP A O   1 
ATOM   465 C CB  . ASP A 1 62  ? -0.840  -3.293  -14.699 1.00 23.47 ? 63  ASP A CB  1 
ATOM   466 C CG  . ASP A 1 62  ? -0.583  -2.511  -15.975 1.00 32.14 ? 63  ASP A CG  1 
ATOM   467 O OD1 . ASP A 1 62  ? 0.093   -1.458  -15.923 1.00 28.53 ? 63  ASP A OD1 1 
ATOM   468 O OD2 . ASP A 1 62  ? -1.076  -2.954  -17.034 1.00 34.69 ? 63  ASP A OD2 1 
ATOM   469 N N   . LEU A 1 63  ? 0.754   -0.714  -12.693 1.00 22.77 ? 64  LEU A N   1 
ATOM   470 C CA  . LEU A 1 63  ? 0.515   0.647   -12.219 1.00 23.98 ? 64  LEU A CA  1 
ATOM   471 C C   . LEU A 1 63  ? -0.092  1.522   -13.310 1.00 24.08 ? 64  LEU A C   1 
ATOM   472 O O   . LEU A 1 63  ? -0.809  2.476   -13.022 1.00 23.76 ? 64  LEU A O   1 
ATOM   473 C CB  . LEU A 1 63  ? 1.801   1.290   -11.684 1.00 24.45 ? 64  LEU A CB  1 
ATOM   474 C CG  . LEU A 1 63  ? 2.302   0.845   -10.304 1.00 26.76 ? 64  LEU A CG  1 
ATOM   475 C CD1 . LEU A 1 63  ? 3.101   -0.437  -10.415 1.00 26.98 ? 64  LEU A CD1 1 
ATOM   476 C CD2 . LEU A 1 63  ? 3.144   1.934   -9.640  1.00 23.89 ? 64  LEU A CD2 1 
ATOM   477 N N   . SER A 1 64  ? 0.191   1.205   -14.570 1.00 23.60 ? 65  SER A N   1 
ATOM   478 C CA  . SER A 1 64  ? -0.379  2.008   -15.653 1.00 26.57 ? 65  SER A CA  1 
ATOM   479 C C   . SER A 1 64  ? -1.886  1.770   -15.737 1.00 25.66 ? 65  SER A C   1 
ATOM   480 O O   . SER A 1 64  ? -2.632  2.596   -16.265 1.00 26.63 ? 65  SER A O   1 
ATOM   481 C CB  . SER A 1 64  ? 0.298   1.720   -16.996 1.00 28.88 ? 65  SER A CB  1 
ATOM   482 O OG  . SER A 1 64  ? -0.060  0.439   -17.477 1.00 28.30 ? 65  SER A OG  1 
ATOM   483 N N   . ARG A 1 65  ? -2.335  0.642   -15.192 1.00 21.06 ? 66  ARG A N   1 
ATOM   484 C CA  . ARG A 1 65  ? -3.759  0.371   -15.109 1.00 22.31 ? 66  ARG A CA  1 
ATOM   485 C C   . ARG A 1 65  ? -4.252  0.412   -13.660 1.00 27.04 ? 66  ARG A C   1 
ATOM   486 O O   . ARG A 1 65  ? -5.170  -0.313  -13.281 1.00 20.79 ? 66  ARG A O   1 
ATOM   487 C CB  . ARG A 1 65  ? -4.100  -0.951  -15.795 1.00 27.36 ? 66  ARG A CB  1 
ATOM   488 C CG  . ARG A 1 65  ? -3.464  -1.051  -17.168 1.00 28.97 ? 66  ARG A CG  1 
ATOM   489 C CD  . ARG A 1 65  ? -4.312  -1.788  -18.170 1.00 33.32 ? 66  ARG A CD  1 
ATOM   490 N NE  . ARG A 1 65  ? -3.576  -2.104  -19.396 1.00 37.04 ? 66  ARG A NE  1 
ATOM   491 C CZ  . ARG A 1 65  ? -3.115  -1.207  -20.271 1.00 44.20 ? 66  ARG A CZ  1 
ATOM   492 N NH1 . ARG A 1 65  ? -3.304  0.096   -20.078 1.00 45.69 ? 66  ARG A NH1 1 
ATOM   493 N NH2 . ARG A 1 65  ? -2.467  -1.613  -21.358 1.00 40.07 ? 66  ARG A NH2 1 
ATOM   494 N N   . ARG A 1 66  ? -3.634  1.283   -12.862 1.00 23.57 ? 67  ARG A N   1 
ATOM   495 C CA  . ARG A 1 66  ? -4.174  1.655   -11.551 1.00 24.69 ? 67  ARG A CA  1 
ATOM   496 C C   . ARG A 1 66  ? -4.198  0.523   -10.525 1.00 21.92 ? 67  ARG A C   1 
ATOM   497 O O   . ARG A 1 66  ? -5.013  0.538   -9.592  1.00 22.46 ? 67  ARG A O   1 
ATOM   498 C CB  . ARG A 1 66  ? -5.575  2.258   -11.699 1.00 23.46 ? 67  ARG A CB  1 
ATOM   499 C CG  . ARG A 1 66  ? -5.636  3.324   -12.772 1.00 27.11 ? 67  ARG A CG  1 
ATOM   500 C CD  . ARG A 1 66  ? -6.998  3.985   -12.830 1.00 29.41 ? 67  ARG A CD  1 
ATOM   501 N NE  . ARG A 1 66  ? -8.057  3.025   -13.095 1.00 27.98 ? 67  ARG A NE  1 
ATOM   502 C CZ  . ARG A 1 66  ? -9.335  3.357   -13.247 1.00 36.14 ? 67  ARG A CZ  1 
ATOM   503 N NH1 . ARG A 1 66  ? -9.700  4.633   -13.167 1.00 31.66 ? 67  ARG A NH1 1 
ATOM   504 N NH2 . ARG A 1 66  ? -10.248 2.421   -13.484 1.00 35.44 ? 67  ARG A NH2 1 
ATOM   505 N N   . ASP A 1 67  ? -3.313  -0.455  -10.695 1.00 21.08 ? 68  ASP A N   1 
ATOM   506 C CA  . ASP A 1 67  ? -3.137  -1.497  -9.675  1.00 21.68 ? 68  ASP A CA  1 
ATOM   507 C C   . ASP A 1 67  ? -1.894  -1.202  -8.839  1.00 20.73 ? 68  ASP A C   1 
ATOM   508 O O   . ASP A 1 67  ? -0.772  -1.514  -9.238  1.00 21.32 ? 68  ASP A O   1 
ATOM   509 C CB  . ASP A 1 67  ? -3.007  -2.876  -10.323 1.00 24.27 ? 68  ASP A CB  1 
ATOM   510 C CG  . ASP A 1 67  ? -2.924  -3.999  -9.303  1.00 23.12 ? 68  ASP A CG  1 
ATOM   511 O OD1 . ASP A 1 67  ? -2.880  -3.714  -8.083  1.00 24.98 ? 68  ASP A OD1 1 
ATOM   512 O OD2 . ASP A 1 67  ? -2.903  -5.177  -9.728  1.00 24.04 ? 68  ASP A OD2 1 
ATOM   513 N N   . VAL A 1 68  ? -2.104  -0.613  -7.670  1.00 19.46 ? 69  VAL A N   1 
ATOM   514 C CA  . VAL A 1 68  ? -0.994  -0.282  -6.788  1.00 19.69 ? 69  VAL A CA  1 
ATOM   515 C C   . VAL A 1 68  ? -0.990  -1.161  -5.537  1.00 20.41 ? 69  VAL A C   1 
ATOM   516 O O   . VAL A 1 68  ? -0.529  -0.740  -4.472  1.00 18.99 ? 69  VAL A O   1 
ATOM   517 C CB  . VAL A 1 68  ? -1.019  1.205   -6.404  1.00 17.40 ? 69  VAL A CB  1 
ATOM   518 C CG1 . VAL A 1 68  ? -0.634  2.056   -7.623  1.00 23.55 ? 69  VAL A CG1 1 
ATOM   519 C CG2 . VAL A 1 68  ? -2.406  1.607   -5.904  1.00 20.90 ? 69  VAL A CG2 1 
ATOM   520 N N   . SER A 1 69  ? -1.520  -2.375  -5.680  1.00 17.58 ? 70  SER A N   1 
ATOM   521 C CA  . SER A 1 69  ? -1.555  -3.341  -4.595  1.00 16.39 ? 70  SER A CA  1 
ATOM   522 C C   . SER A 1 69  ? -0.129  -3.558  -4.107  1.00 19.77 ? 70  SER A C   1 
ATOM   523 O O   . SER A 1 69  ? 0.812   -3.625  -4.905  1.00 18.45 ? 70  SER A O   1 
ATOM   524 C CB  . SER A 1 69  ? -2.141  -4.678  -5.070  1.00 18.46 ? 70  SER A CB  1 
ATOM   525 O OG  . SER A 1 69  ? -3.429  -4.510  -5.637  1.00 16.32 ? 70  SER A OG  1 
ATOM   526 N N   . LEU A 1 70  ? 0.020   -3.652  -2.792  1.00 18.58 ? 71  LEU A N   1 
ATOM   527 C CA  . LEU A 1 70  ? 1.329   -3.830  -2.167  1.00 15.26 ? 71  LEU A CA  1 
ATOM   528 C C   . LEU A 1 70  ? 1.517   -5.277  -1.759  1.00 19.01 ? 71  LEU A C   1 
ATOM   529 O O   . LEU A 1 70  ? 0.679   -5.839  -1.049  1.00 17.69 ? 71  LEU A O   1 
ATOM   530 C CB  . LEU A 1 70  ? 1.449   -2.945  -0.920  1.00 14.94 ? 71  LEU A CB  1 
ATOM   531 C CG  . LEU A 1 70  ? 2.637   -3.211  0.019   1.00 15.31 ? 71  LEU A CG  1 
ATOM   532 C CD1 . LEU A 1 70  ? 3.931   -2.730  -0.619  1.00 15.92 ? 71  LEU A CD1 1 
ATOM   533 C CD2 . LEU A 1 70  ? 2.458   -2.552  1.383   1.00 15.18 ? 71  LEU A CD2 1 
ATOM   534 N N   . THR A 1 71  ? 2.620   -5.871  -2.197  1.00 18.04 ? 72  THR A N   1 
ATOM   535 C CA  . THR A 1 71  ? 3.015   -7.191  -1.740  1.00 18.76 ? 72  THR A CA  1 
ATOM   536 C C   . THR A 1 71  ? 4.127   -7.039  -0.706  1.00 17.97 ? 72  THR A C   1 
ATOM   537 O O   . THR A 1 71  ? 5.117   -6.343  -0.941  1.00 16.34 ? 72  THR A O   1 
ATOM   538 C CB  . THR A 1 71  ? 3.538   -8.041  -2.913  1.00 19.78 ? 72  THR A CB  1 
ATOM   539 O OG1 . THR A 1 71  ? 2.515   -8.173  -3.909  1.00 18.09 ? 72  THR A OG1 1 
ATOM   540 C CG2 . THR A 1 71  ? 3.983   -9.417  -2.434  1.00 20.06 ? 72  THR A CG2 1 
ATOM   541 N N   . ILE A 1 72  ? 3.970   -7.684  0.446   1.00 17.26 ? 73  ILE A N   1 
ATOM   542 C CA  . ILE A 1 72  ? 5.022   -7.698  1.441   1.00 17.66 ? 73  ILE A CA  1 
ATOM   543 C C   . ILE A 1 72  ? 5.599   -9.100  1.453   1.00 23.92 ? 73  ILE A C   1 
ATOM   544 O O   . ILE A 1 72  ? 4.918   -10.043 1.837   1.00 19.02 ? 73  ILE A O   1 
ATOM   545 C CB  . ILE A 1 72  ? 4.493   -7.397  2.851   1.00 18.28 ? 73  ILE A CB  1 
ATOM   546 C CG1 . ILE A 1 72  ? 3.697   -6.089  2.874   1.00 16.98 ? 73  ILE A CG1 1 
ATOM   547 C CG2 . ILE A 1 72  ? 5.649   -7.364  3.857   1.00 21.51 ? 73  ILE A CG2 1 
ATOM   548 C CD1 . ILE A 1 72  ? 3.102   -5.766  4.229   1.00 16.42 ? 73  ILE A CD1 1 
ATOM   549 N N   . GLU A 1 73  ? 6.841   -9.235  1.018   1.00 22.75 ? 74  GLU A N   1 
ATOM   550 C CA  . GLU A 1 73  ? 7.493   -10.536 0.985   1.00 25.35 ? 74  GLU A CA  1 
ATOM   551 C C   . GLU A 1 73  ? 8.052   -10.878 2.363   1.00 23.07 ? 74  GLU A C   1 
ATOM   552 O O   . GLU A 1 73  ? 8.280   -9.991  3.186   1.00 21.69 ? 74  GLU A O   1 
ATOM   553 C CB  . GLU A 1 73  ? 8.639   -10.514 -0.029  1.00 26.40 ? 74  GLU A CB  1 
ATOM   554 C CG  . GLU A 1 73  ? 8.274   -9.892  -1.368  1.00 33.79 ? 74  GLU A CG  1 
ATOM   555 C CD  . GLU A 1 73  ? 7.972   -10.925 -2.437  1.00 40.13 ? 74  GLU A CD  1 
ATOM   556 O OE1 . GLU A 1 73  ? 7.950   -12.136 -2.104  1.00 44.88 ? 74  GLU A OE1 1 
ATOM   557 O OE2 . GLU A 1 73  ? 7.758   -10.524 -3.611  1.00 41.45 ? 74  GLU A OE2 1 
ATOM   558 N N   . ASN A 1 74  ? 8.270   -12.165 2.611   1.00 22.38 ? 75  ASN A N   1 
ATOM   559 C CA  . ASN A 1 74  ? 8.965   -12.600 3.820   1.00 21.21 ? 75  ASN A CA  1 
ATOM   560 C C   . ASN A 1 74  ? 8.417   -11.984 5.106   1.00 22.91 ? 75  ASN A C   1 
ATOM   561 O O   . ASN A 1 74  ? 9.142   -11.332 5.855   1.00 23.48 ? 75  ASN A O   1 
ATOM   562 C CB  . ASN A 1 74  ? 10.455  -12.309 3.663   1.00 22.28 ? 75  ASN A CB  1 
ATOM   563 C CG  . ASN A 1 74  ? 11.086  -13.193 2.614   1.00 27.81 ? 75  ASN A CG  1 
ATOM   564 O OD1 . ASN A 1 74  ? 10.726  -14.368 2.500   1.00 32.30 ? 75  ASN A OD1 1 
ATOM   565 N ND2 . ASN A 1 74  ? 11.986  -12.636 1.812   1.00 25.28 ? 75  ASN A ND2 1 
ATOM   566 N N   . THR A 1 75  ? 7.123   -12.191 5.336   1.00 23.83 ? 76  THR A N   1 
ATOM   567 C CA  . THR A 1 75  ? 6.412   -11.510 6.411   1.00 19.98 ? 76  THR A CA  1 
ATOM   568 C C   . THR A 1 75  ? 6.804   -12.032 7.793   1.00 25.48 ? 76  THR A C   1 
ATOM   569 O O   . THR A 1 75  ? 7.237   -13.175 7.942   1.00 25.70 ? 76  THR A O   1 
ATOM   570 C CB  . THR A 1 75  ? 4.897   -11.643 6.230   1.00 18.73 ? 76  THR A CB  1 
ATOM   571 O OG1 . THR A 1 75  ? 4.545   -13.032 6.243   1.00 20.32 ? 76  THR A OG1 1 
ATOM   572 C CG2 . THR A 1 75  ? 4.462   -11.033 4.905   1.00 18.66 ? 76  THR A CG2 1 
ATOM   573 N N   . ALA A 1 76  ? 6.658   -11.170 8.795   1.00 21.76 ? 77  ALA A N   1 
ATOM   574 C CA  . ALA A 1 76  ? 6.913   -11.526 10.185  1.00 22.67 ? 77  ALA A CA  1 
ATOM   575 C C   . ALA A 1 76  ? 5.718   -11.058 10.999  1.00 21.20 ? 77  ALA A C   1 
ATOM   576 O O   . ALA A 1 76  ? 4.942   -10.241 10.522  1.00 18.20 ? 77  ALA A O   1 
ATOM   577 C CB  . ALA A 1 76  ? 8.174   -10.844 10.672  1.00 22.94 ? 77  ALA A CB  1 
ATOM   578 N N   . VAL A 1 77  ? 5.563   -11.573 12.219  1.00 17.49 ? 78  VAL A N   1 
ATOM   579 C CA  . VAL A 1 77  ? 4.440   -11.158 13.062  1.00 20.46 ? 78  VAL A CA  1 
ATOM   580 C C   . VAL A 1 77  ? 4.360   -9.637  13.160  1.00 20.67 ? 78  VAL A C   1 
ATOM   581 O O   . VAL A 1 77  ? 3.281   -9.055  13.091  1.00 17.62 ? 78  VAL A O   1 
ATOM   582 C CB  . VAL A 1 77  ? 4.549   -11.744 14.473  1.00 25.55 ? 78  VAL A CB  1 
ATOM   583 C CG1 . VAL A 1 77  ? 3.499   -11.129 15.385  1.00 29.76 ? 78  VAL A CG1 1 
ATOM   584 C CG2 . VAL A 1 77  ? 4.388   -13.252 14.418  1.00 24.45 ? 78  VAL A CG2 1 
ATOM   585 N N   . SER A 1 78  ? 5.526   -9.002  13.276  1.00 22.13 ? 79  SER A N   1 
ATOM   586 C CA  . SER A 1 78  ? 5.601   -7.559  13.492  1.00 25.30 ? 79  SER A CA  1 
ATOM   587 C C   . SER A 1 78  ? 5.079   -6.733  12.318  1.00 21.54 ? 79  SER A C   1 
ATOM   588 O O   . SER A 1 78  ? 4.888   -5.520  12.455  1.00 24.35 ? 79  SER A O   1 
ATOM   589 C CB  . SER A 1 78  ? 7.042   -7.143  13.815  1.00 26.00 ? 79  SER A CB  1 
ATOM   590 O OG  . SER A 1 78  ? 7.906   -7.467  12.741  1.00 24.04 ? 79  SER A OG  1 
ATOM   591 N N   . ASP A 1 79  ? 4.869   -7.374  11.167  1.00 18.29 ? 80  ASP A N   1 
ATOM   592 C CA  . ASP A 1 79  ? 4.262   -6.693  10.007  1.00 17.21 ? 80  ASP A CA  1 
ATOM   593 C C   . ASP A 1 79  ? 2.764   -6.480  10.209  1.00 23.76 ? 80  ASP A C   1 
ATOM   594 O O   . ASP A 1 79  ? 2.128   -5.713  9.472   1.00 19.20 ? 80  ASP A O   1 
ATOM   595 C CB  . ASP A 1 79  ? 4.484   -7.491  8.718   1.00 17.80 ? 80  ASP A CB  1 
ATOM   596 C CG  . ASP A 1 79  ? 5.934   -7.457  8.248   1.00 17.89 ? 80  ASP A CG  1 
ATOM   597 O OD1 . ASP A 1 79  ? 6.573   -6.402  8.401   1.00 17.06 ? 80  ASP A OD1 1 
ATOM   598 O OD2 . ASP A 1 79  ? 6.425   -8.476  7.720   1.00 19.86 ? 80  ASP A OD2 1 
ATOM   599 N N   . SER A 1 80  ? 2.189   -7.180  11.185  1.00 18.37 ? 81  SER A N   1 
ATOM   600 C CA  . SER A 1 80  ? 0.772   -6.998  11.484  1.00 19.98 ? 81  SER A CA  1 
ATOM   601 C C   . SER A 1 80  ? 0.525   -5.538  11.826  1.00 19.62 ? 81  SER A C   1 
ATOM   602 O O   . SER A 1 80  ? 1.375   -4.889  12.438  1.00 18.16 ? 81  SER A O   1 
ATOM   603 C CB  . SER A 1 80  ? 0.334   -7.873  12.659  1.00 21.13 ? 81  SER A CB  1 
ATOM   604 O OG  . SER A 1 80  ? 0.643   -9.227  12.418  1.00 20.44 ? 81  SER A OG  1 
ATOM   605 N N   . GLY A 1 81  ? -0.633  -5.031  11.415  1.00 20.94 ? 82  GLY A N   1 
ATOM   606 C CA  . GLY A 1 81  ? -1.016  -3.653  11.674  1.00 19.27 ? 82  GLY A CA  1 
ATOM   607 C C   . GLY A 1 81  ? -1.984  -3.152  10.625  1.00 20.84 ? 82  GLY A C   1 
ATOM   608 O O   . GLY A 1 81  ? -2.414  -3.908  9.756   1.00 20.12 ? 82  GLY A O   1 
ATOM   609 N N   . VAL A 1 82  ? -2.329  -1.874  10.713  1.00 17.91 ? 83  VAL A N   1 
ATOM   610 C CA  . VAL A 1 82  ? -3.161  -1.236  9.714   1.00 19.12 ? 83  VAL A CA  1 
ATOM   611 C C   . VAL A 1 82  ? -2.259  -0.553  8.697   1.00 19.82 ? 83  VAL A C   1 
ATOM   612 O O   . VAL A 1 82  ? -1.213  -0.008  9.052   1.00 17.47 ? 83  VAL A O   1 
ATOM   613 C CB  . VAL A 1 82  ? -4.094  -0.200  10.356  1.00 26.41 ? 83  VAL A CB  1 
ATOM   614 C CG1 . VAL A 1 82  ? -4.921  0.513   9.295   1.00 23.11 ? 83  VAL A CG1 1 
ATOM   615 C CG2 . VAL A 1 82  ? -5.002  -0.885  11.373  1.00 24.79 ? 83  VAL A CG2 1 
ATOM   616 N N   . TYR A 1 83  ? -2.665  -0.603  7.432   1.00 16.85 ? 84  TYR A N   1 
ATOM   617 C CA  . TYR A 1 83  ? -1.950  0.065   6.356   1.00 15.68 ? 84  TYR A CA  1 
ATOM   618 C C   . TYR A 1 83  ? -2.952  0.893   5.586   1.00 17.48 ? 84  TYR A C   1 
ATOM   619 O O   . TYR A 1 83  ? -4.160  0.621   5.626   1.00 16.77 ? 84  TYR A O   1 
ATOM   620 C CB  . TYR A 1 83  ? -1.335  -0.965  5.412   1.00 14.78 ? 84  TYR A CB  1 
ATOM   621 C CG  . TYR A 1 83  ? -0.210  -1.753  6.041   1.00 16.11 ? 84  TYR A CG  1 
ATOM   622 C CD1 . TYR A 1 83  ? -0.468  -2.738  7.003   1.00 17.47 ? 84  TYR A CD1 1 
ATOM   623 C CD2 . TYR A 1 83  ? 1.113   -1.518  5.676   1.00 17.11 ? 84  TYR A CD2 1 
ATOM   624 C CE1 . TYR A 1 83  ? 0.571   -3.462  7.583   1.00 17.45 ? 84  TYR A CE1 1 
ATOM   625 C CE2 . TYR A 1 83  ? 2.153   -2.234  6.250   1.00 16.07 ? 84  TYR A CE2 1 
ATOM   626 C CZ  . TYR A 1 83  ? 1.870   -3.212  7.205   1.00 15.81 ? 84  TYR A CZ  1 
ATOM   627 O OH  . TYR A 1 83  ? 2.912   -3.917  7.773   1.00 16.64 ? 84  TYR A OH  1 
ATOM   628 N N   . CYS A 1 84  ? -2.456  1.885   4.861   1.00 19.86 ? 85  CYS A N   1 
ATOM   629 C CA  . CYS A 1 84  ? -3.343  2.720   4.067   1.00 19.58 ? 85  CYS A CA  1 
ATOM   630 C C   . CYS A 1 84  ? -2.793  2.938   2.660   1.00 19.70 ? 85  CYS A C   1 
ATOM   631 O O   . CYS A 1 84  ? -1.646  3.351   2.477   1.00 17.97 ? 85  CYS A O   1 
ATOM   632 C CB  . CYS A 1 84  ? -3.573  4.062   4.753   1.00 23.53 ? 85  CYS A CB  1 
ATOM   633 S SG  . CYS A 1 84  ? -4.773  5.118   3.880   1.00 22.68 ? 85  CYS A SG  1 
ATOM   634 N N   . CYS A 1 85  ? -3.626  2.635   1.671   1.00 21.31 ? 86  CYS A N   1 
ATOM   635 C CA  . CYS A 1 85  ? -3.311  2.933   0.285   1.00 24.31 ? 86  CYS A CA  1 
ATOM   636 C C   . CYS A 1 85  ? -3.883  4.311   0.010   1.00 21.54 ? 86  CYS A C   1 
ATOM   637 O O   . CYS A 1 85  ? -5.089  4.478   -0.002  1.00 21.00 ? 86  CYS A O   1 
ATOM   638 C CB  . CYS A 1 85  ? -3.971  1.900   -0.639  1.00 22.93 ? 86  CYS A CB  1 
ATOM   639 S SG  . CYS A 1 85  ? -3.660  2.172   -2.392  1.00 21.66 ? 86  CYS A SG  1 
ATOM   640 N N   . ARG A 1 86  ? -3.027  5.306   -0.184  1.00 20.27 ? 87  ARG A N   1 
ATOM   641 C CA  . ARG A 1 86  ? -3.507  6.661   -0.418  1.00 18.51 ? 87  ARG A CA  1 
ATOM   642 C C   . ARG A 1 86  ? -3.164  7.120   -1.831  1.00 20.51 ? 87  ARG A C   1 
ATOM   643 O O   . ARG A 1 86  ? -1.999  7.251   -2.182  1.00 20.26 ? 87  ARG A O   1 
ATOM   644 C CB  . ARG A 1 86  ? -2.930  7.629   0.617   1.00 22.47 ? 87  ARG A CB  1 
ATOM   645 C CG  . ARG A 1 86  ? -3.308  9.085   0.389   1.00 22.15 ? 87  ARG A CG  1 
ATOM   646 C CD  . ARG A 1 86  ? -2.535  10.028  1.303   1.00 27.35 ? 87  ARG A CD  1 
ATOM   647 N NE  . ARG A 1 86  ? -2.951  11.418  1.131   1.00 27.12 ? 87  ARG A NE  1 
ATOM   648 C CZ  . ARG A 1 86  ? -3.870  12.019  1.881   1.00 31.92 ? 87  ARG A CZ  1 
ATOM   649 N NH1 . ARG A 1 86  ? -4.469  11.357  2.864   1.00 33.06 ? 87  ARG A NH1 1 
ATOM   650 N NH2 . ARG A 1 86  ? -4.194  13.282  1.645   1.00 34.97 ? 87  ARG A NH2 1 
ATOM   651 N N   . VAL A 1 87  ? -4.196  7.352   -2.638  1.00 19.47 ? 88  VAL A N   1 
ATOM   652 C CA  . VAL A 1 87  ? -4.005  7.722   -4.033  1.00 20.83 ? 88  VAL A CA  1 
ATOM   653 C C   . VAL A 1 87  ? -4.327  9.195   -4.222  1.00 19.97 ? 88  VAL A C   1 
ATOM   654 O O   . VAL A 1 87  ? -5.450  9.619   -3.991  1.00 19.84 ? 88  VAL A O   1 
ATOM   655 C CB  . VAL A 1 87  ? -4.914  6.895   -4.943  1.00 23.78 ? 88  VAL A CB  1 
ATOM   656 C CG1 . VAL A 1 87  ? -4.802  7.380   -6.362  1.00 25.69 ? 88  VAL A CG1 1 
ATOM   657 C CG2 . VAL A 1 87  ? -4.568  5.409   -4.827  1.00 24.96 ? 88  VAL A CG2 1 
ATOM   658 N N   . GLU A 1 88  ? -3.337  9.966   -4.644  1.00 24.16 ? 89  GLU A N   1 
ATOM   659 C CA  . GLU A 1 88  ? -3.471  11.420  -4.661  1.00 23.69 ? 89  GLU A CA  1 
ATOM   660 C C   . GLU A 1 88  ? -3.729  12.009  -6.045  1.00 24.55 ? 89  GLU A C   1 
ATOM   661 O O   . GLU A 1 88  ? -2.849  12.047  -6.895  1.00 27.45 ? 89  GLU A O   1 
ATOM   662 C CB  . GLU A 1 88  ? -2.265  12.072  -3.971  1.00 28.51 ? 89  GLU A CB  1 
ATOM   663 C CG  . GLU A 1 88  ? -2.223  11.762  -2.456  1.00 29.64 ? 89  GLU A CG  1 
ATOM   664 C CD  . GLU A 1 88  ? -1.001  12.323  -1.742  1.00 43.85 ? 89  GLU A CD  1 
ATOM   665 O OE1 . GLU A 1 88  ? -1.139  12.732  -0.565  1.00 42.27 ? 89  GLU A OE1 1 
ATOM   666 O OE2 . GLU A 1 88  ? 0.098   12.343  -2.342  1.00 44.43 ? 89  GLU A OE2 1 
ATOM   667 N N   . HIS A 1 89  ? -4.960  12.461  -6.253  1.00 25.74 ? 90  HIS A N   1 
ATOM   668 C CA  . HIS A 1 89  ? -5.347  13.053  -7.521  1.00 24.34 ? 90  HIS A CA  1 
ATOM   669 C C   . HIS A 1 89  ? -5.220  14.559  -7.385  1.00 27.76 ? 90  HIS A C   1 
ATOM   670 O O   . HIS A 1 89  ? -4.640  15.054  -6.407  1.00 26.09 ? 90  HIS A O   1 
ATOM   671 C CB  . HIS A 1 89  ? -6.786  12.674  -7.878  1.00 26.70 ? 90  HIS A CB  1 
ATOM   672 C CG  . HIS A 1 89  ? -6.995  11.205  -8.082  1.00 29.01 ? 90  HIS A CG  1 
ATOM   673 N ND1 . HIS A 1 89  ? -6.765  10.581  -9.290  1.00 25.29 ? 90  HIS A ND1 1 
ATOM   674 C CD2 . HIS A 1 89  ? -7.397  10.234  -7.228  1.00 27.65 ? 90  HIS A CD2 1 
ATOM   675 C CE1 . HIS A 1 89  ? -7.016  9.290   -9.171  1.00 26.18 ? 90  HIS A CE1 1 
ATOM   676 N NE2 . HIS A 1 89  ? -7.411  9.055   -7.933  1.00 30.38 ? 90  HIS A NE2 1 
ATOM   677 N N   . ARG A 1 90  ? -5.778  15.286  -8.350  1.00 25.97 ? 91  ARG A N   1 
ATOM   678 C CA  . ARG A 1 90  ? -5.691  16.745  -8.342  1.00 29.46 ? 91  ARG A CA  1 
ATOM   679 C C   . ARG A 1 90  ? -6.776  17.365  -7.474  1.00 29.20 ? 91  ARG A C   1 
ATOM   680 O O   . ARG A 1 90  ? -7.880  17.617  -7.952  1.00 30.06 ? 91  ARG A O   1 
ATOM   681 C CB  . ARG A 1 90  ? -5.832  17.295  -9.761  1.00 33.66 ? 91  ARG A CB  1 
ATOM   682 C CG  . ARG A 1 90  ? -4.780  16.827  -10.750 1.00 38.18 ? 91  ARG A CG  1 
ATOM   683 C CD  . ARG A 1 90  ? -5.103  17.368  -12.143 1.00 38.65 ? 91  ARG A CD  1 
ATOM   684 N NE  . ARG A 1 90  ? -4.299  16.733  -13.180 1.00 46.47 ? 91  ARG A NE  1 
ATOM   685 C CZ  . ARG A 1 90  ? -4.327  17.076  -14.466 1.00 49.50 ? 91  ARG A CZ  1 
ATOM   686 N NH1 . ARG A 1 90  ? -5.120  18.061  -14.873 1.00 42.74 ? 91  ARG A NH1 1 
ATOM   687 N NH2 . ARG A 1 90  ? -3.558  16.436  -15.343 1.00 45.54 ? 91  ARG A NH2 1 
ATOM   688 N N   . GLY A 1 91  ? -6.460  17.632  -6.212  1.00 24.25 ? 92  GLY A N   1 
ATOM   689 C CA  . GLY A 1 91  ? -7.396  18.321  -5.334  1.00 27.29 ? 92  GLY A CA  1 
ATOM   690 C C   . GLY A 1 91  ? -8.257  17.388  -4.509  1.00 25.82 ? 92  GLY A C   1 
ATOM   691 O O   . GLY A 1 91  ? -9.104  17.824  -3.728  1.00 23.23 ? 92  GLY A O   1 
ATOM   692 N N   . TRP A 1 92  ? -8.029  16.092  -4.692  1.00 24.28 ? 93  TRP A N   1 
ATOM   693 C CA  . TRP A 1 92  ? -8.735  15.068  -3.941  1.00 25.51 ? 93  TRP A CA  1 
ATOM   694 C C   . TRP A 1 92  ? -7.926  13.778  -3.900  1.00 25.78 ? 93  TRP A C   1 
ATOM   695 O O   . TRP A 1 92  ? -7.003  13.556  -4.695  1.00 20.17 ? 93  TRP A O   1 
ATOM   696 C CB  . TRP A 1 92  ? -10.122 14.801  -4.537  1.00 26.85 ? 93  TRP A CB  1 
ATOM   697 C CG  . TRP A 1 92  ? -10.076 14.196  -5.910  1.00 26.49 ? 93  TRP A CG  1 
ATOM   698 C CD1 . TRP A 1 92  ? -9.782  14.835  -7.074  1.00 27.56 ? 93  TRP A CD1 1 
ATOM   699 C CD2 . TRP A 1 92  ? -10.327 12.828  -6.257  1.00 26.10 ? 93  TRP A CD2 1 
ATOM   700 N NE1 . TRP A 1 92  ? -9.842  13.957  -8.126  1.00 28.49 ? 93  TRP A NE1 1 
ATOM   701 C CE2 . TRP A 1 92  ? -10.175 12.718  -7.652  1.00 28.21 ? 93  TRP A CE2 1 
ATOM   702 C CE3 . TRP A 1 92  ? -10.674 11.690  -5.525  1.00 31.14 ? 93  TRP A CE3 1 
ATOM   703 C CZ2 . TRP A 1 92  ? -10.354 11.511  -8.333  1.00 31.39 ? 93  TRP A CZ2 1 
ATOM   704 C CZ3 . TRP A 1 92  ? -10.853 10.492  -6.204  1.00 33.72 ? 93  TRP A CZ3 1 
ATOM   705 C CH2 . TRP A 1 92  ? -10.690 10.414  -7.592  1.00 37.18 ? 93  TRP A CH2 1 
ATOM   706 N N   . PHE A 1 93  ? -8.277  12.927  -2.949  1.00 28.26 ? 94  PHE A N   1 
ATOM   707 C CA  . PHE A 1 93  ? -7.604  11.649  -2.809  1.00 26.82 ? 94  PHE A CA  1 
ATOM   708 C C   . PHE A 1 93  ? -8.623  10.567  -2.530  1.00 27.56 ? 94  PHE A C   1 
ATOM   709 O O   . PHE A 1 93  ? -9.776  10.846  -2.202  1.00 20.81 ? 94  PHE A O   1 
ATOM   710 C CB  . PHE A 1 93  ? -6.569  11.696  -1.678  1.00 26.46 ? 94  PHE A CB  1 
ATOM   711 C CG  . PHE A 1 93  ? -7.160  11.985  -0.327  1.00 28.41 ? 94  PHE A CG  1 
ATOM   712 C CD1 . PHE A 1 93  ? -7.385  10.961  0.581   1.00 28.54 ? 94  PHE A CD1 1 
ATOM   713 C CD2 . PHE A 1 93  ? -7.484  13.286  0.038   1.00 31.33 ? 94  PHE A CD2 1 
ATOM   714 C CE1 . PHE A 1 93  ? -7.930  11.230  1.820   1.00 32.44 ? 94  PHE A CE1 1 
ATOM   715 C CE2 . PHE A 1 93  ? -8.032  13.556  1.276   1.00 32.43 ? 94  PHE A CE2 1 
ATOM   716 C CZ  . PHE A 1 93  ? -8.254  12.529  2.168   1.00 29.89 ? 94  PHE A CZ  1 
ATOM   717 N N   . ASN A 1 94  ? -8.174  9.332   -2.684  1.00 28.22 ? 95  ASN A N   1 
ATOM   718 C CA  . ASN A 1 94  ? -8.931  8.166   -2.275  1.00 28.51 ? 95  ASN A CA  1 
ATOM   719 C C   . ASN A 1 94  ? -8.025  7.402   -1.344  1.00 25.16 ? 95  ASN A C   1 
ATOM   720 O O   . ASN A 1 94  ? -6.851  7.225   -1.637  1.00 25.26 ? 95  ASN A O   1 
ATOM   721 C CB  . ASN A 1 94  ? -9.230  7.298   -3.481  1.00 30.81 ? 95  ASN A CB  1 
ATOM   722 C CG  . ASN A 1 94  ? -10.485 7.717   -4.198  1.00 44.27 ? 95  ASN A CG  1 
ATOM   723 O OD1 . ASN A 1 94  ? -11.137 8.694   -3.815  1.00 45.21 ? 95  ASN A OD1 1 
ATOM   724 N ND2 . ASN A 1 94  ? -10.841 6.981   -5.246  1.00 39.72 ? 95  ASN A ND2 1 
ATOM   725 N N   . ASP A 1 95  ? -8.536  6.974   -0.206  1.00 26.25 ? 96  ASP A N   1 
ATOM   726 C CA  . ASP A 1 95  ? -7.716  6.107   0.617   1.00 22.77 ? 96  ASP A CA  1 
ATOM   727 C C   . ASP A 1 95  ? -8.457  4.841   0.999   1.00 26.25 ? 96  ASP A C   1 
ATOM   728 O O   . ASP A 1 95  ? -9.687  4.827   1.078   1.00 25.51 ? 96  ASP A O   1 
ATOM   729 C CB  . ASP A 1 95  ? -7.124  6.832   1.823   1.00 26.17 ? 96  ASP A CB  1 
ATOM   730 C CG  . ASP A 1 95  ? -8.165  7.486   2.707   1.00 32.03 ? 96  ASP A CG  1 
ATOM   731 O OD1 . ASP A 1 95  ? -9.380  7.297   2.478   1.00 31.28 ? 96  ASP A OD1 1 
ATOM   732 O OD2 . ASP A 1 95  ? -7.742  8.193   3.656   1.00 31.62 ? 96  ASP A OD2 1 
ATOM   733 N N   . MET A 1 96  ? -7.700  3.768   1.194   1.00 19.41 ? 97  MET A N   1 
ATOM   734 C CA  . MET A 1 96  ? -8.292  2.479   1.513   1.00 20.61 ? 97  MET A CA  1 
ATOM   735 C C   . MET A 1 96  ? -7.549  1.894   2.699   1.00 19.34 ? 97  MET A C   1 
ATOM   736 O O   . MET A 1 96  ? -6.334  1.715   2.645   1.00 16.95 ? 97  MET A O   1 
ATOM   737 C CB  . MET A 1 96  ? -8.192  1.540   0.312   1.00 21.00 ? 97  MET A CB  1 
ATOM   738 C CG  . MET A 1 96  ? -8.680  2.162   -1.003  1.00 34.37 ? 97  MET A CG  1 
ATOM   739 S SD  . MET A 1 96  ? -8.673  1.007   -2.392  1.00 48.38 ? 97  MET A SD  1 
ATOM   740 C CE  . MET A 1 96  ? -9.003  2.124   -3.760  1.00 30.78 ? 97  MET A CE  1 
ATOM   741 N N   . LYS A 1 97  ? -8.282  1.635   3.777   1.00 21.31 ? 98  LYS A N   1 
ATOM   742 C CA  . LYS A 1 97  ? -7.706  1.041   4.971   1.00 19.73 ? 98  LYS A CA  1 
ATOM   743 C C   . LYS A 1 97  ? -7.649  -0.472  4.819   1.00 20.57 ? 98  LYS A C   1 
ATOM   744 O O   . LYS A 1 97  ? -8.625  -1.110  4.437   1.00 22.42 ? 98  LYS A O   1 
ATOM   745 C CB  . LYS A 1 97  ? -8.543  1.414   6.194   1.00 20.53 ? 98  LYS A CB  1 
ATOM   746 C CG  . LYS A 1 97  ? -8.103  0.743   7.489   1.00 27.71 ? 98  LYS A CG  1 
ATOM   747 C CD  . LYS A 1 97  ? -9.024  1.112   8.653   1.00 25.92 ? 98  LYS A CD  1 
ATOM   748 C CE  . LYS A 1 97  ? -8.703  0.292   9.903   1.00 38.71 ? 98  LYS A CE  1 
ATOM   749 N NZ  . LYS A 1 97  ? -9.400  0.789   11.132  1.00 40.31 ? 98  LYS A NZ  1 
ATOM   750 N N   . ILE A 1 98  ? -6.507  -1.060  5.136   1.00 21.88 ? 99  ILE A N   1 
ATOM   751 C CA  . ILE A 1 98  ? -6.361  -2.507  5.032   1.00 21.06 ? 99  ILE A CA  1 
ATOM   752 C C   . ILE A 1 98  ? -5.710  -3.012  6.302   1.00 24.34 ? 99  ILE A C   1 
ATOM   753 O O   . ILE A 1 98  ? -4.712  -2.446  6.741   1.00 23.39 ? 99  ILE A O   1 
ATOM   754 C CB  . ILE A 1 98  ? -5.466  -2.865  3.841   1.00 25.57 ? 99  ILE A CB  1 
ATOM   755 C CG1 . ILE A 1 98  ? -6.136  -2.425  2.541   1.00 27.72 ? 99  ILE A CG1 1 
ATOM   756 C CG2 . ILE A 1 98  ? -5.165  -4.354  3.816   1.00 23.16 ? 99  ILE A CG2 1 
ATOM   757 C CD1 . ILE A 1 98  ? -5.268  -2.557  1.352   1.00 24.63 ? 99  ILE A CD1 1 
ATOM   758 N N   . THR A 1 99  ? -6.277  -4.058  6.900   1.00 23.36 ? 100 THR A N   1 
ATOM   759 C CA  . THR A 1 99  ? -5.699  -4.649  8.104   1.00 24.24 ? 100 THR A CA  1 
ATOM   760 C C   . THR A 1 99  ? -4.889  -5.899  7.761   1.00 23.87 ? 100 THR A C   1 
ATOM   761 O O   . THR A 1 99  ? -5.320  -6.730  6.958   1.00 23.26 ? 100 THR A O   1 
ATOM   762 C CB  . THR A 1 99  ? -6.797  -5.011  9.144   1.00 27.17 ? 100 THR A CB  1 
ATOM   763 O OG1 . THR A 1 99  ? -7.435  -3.813  9.591   1.00 27.17 ? 100 THR A OG1 1 
ATOM   764 C CG2 . THR A 1 99  ? -6.191  -5.722  10.347  1.00 28.65 ? 100 THR A CG2 1 
ATOM   765 N N   . VAL A 1 100 ? -3.703  -6.008  8.356   1.00 20.48 ? 101 VAL A N   1 
ATOM   766 C CA  . VAL A 1 100 ? -2.840  -7.162  8.159   1.00 21.16 ? 101 VAL A CA  1 
ATOM   767 C C   . VAL A 1 100 ? -2.654  -7.860  9.495   1.00 22.74 ? 101 VAL A C   1 
ATOM   768 O O   . VAL A 1 100 ? -2.283  -7.223  10.485  1.00 20.07 ? 101 VAL A O   1 
ATOM   769 C CB  . VAL A 1 100 ? -1.461  -6.746  7.639   1.00 20.90 ? 101 VAL A CB  1 
ATOM   770 C CG1 . VAL A 1 100 ? -0.557  -7.955  7.526   1.00 19.91 ? 101 VAL A CG1 1 
ATOM   771 C CG2 . VAL A 1 100 ? -1.600  -6.041  6.285   1.00 17.50 ? 101 VAL A CG2 1 
ATOM   772 N N   . SER A 1 101 ? -2.921  -9.161  9.519   1.00 19.77 ? 102 SER A N   1 
ATOM   773 C CA  . SER A 1 101 ? -2.767  -9.941  10.731  1.00 18.82 ? 102 SER A CA  1 
ATOM   774 C C   . SER A 1 101 ? -2.013  -11.225 10.398  1.00 21.82 ? 102 SER A C   1 
ATOM   775 O O   . SER A 1 101 ? -2.440  -12.014 9.540   1.00 19.23 ? 102 SER A O   1 
ATOM   776 C CB  . SER A 1 101 ? -4.137  -10.238 11.346  1.00 23.56 ? 102 SER A CB  1 
ATOM   777 O OG  . SER A 1 101 ? -3.995  -10.808 12.637  1.00 30.58 ? 102 SER A OG  1 
ATOM   778 N N   . LEU A 1 102 ? -0.882  -11.409 11.080  1.00 18.58 ? 103 LEU A N   1 
ATOM   779 C CA  . LEU A 1 102 ? 0.058   -12.487 10.810  1.00 21.40 ? 103 LEU A CA  1 
ATOM   780 C C   . LEU A 1 102 ? 0.526   -13.108 12.120  1.00 23.25 ? 103 LEU A C   1 
ATOM   781 O O   . LEU A 1 102 ? 1.023   -12.414 12.997  1.00 21.23 ? 103 LEU A O   1 
ATOM   782 C CB  . LEU A 1 102 ? 1.275   -11.929 10.076  1.00 23.45 ? 103 LEU A CB  1 
ATOM   783 C CG  . LEU A 1 102 ? 0.991   -11.313 8.708   1.00 22.49 ? 103 LEU A CG  1 
ATOM   784 C CD1 . LEU A 1 102 ? 2.067   -10.315 8.353   1.00 20.73 ? 103 LEU A CD1 1 
ATOM   785 C CD2 . LEU A 1 102 ? 0.911   -12.421 7.663   1.00 24.39 ? 103 LEU A CD2 1 
ATOM   786 N N   . GLU A 1 103 ? 0.387   -14.418 12.247  1.00 22.95 ? 104 GLU A N   1 
ATOM   787 C CA  . GLU A 1 103 ? 0.763   -15.085 13.488  1.00 29.88 ? 104 GLU A CA  1 
ATOM   788 C C   . GLU A 1 103 ? 1.926   -16.050 13.288  1.00 31.24 ? 104 GLU A C   1 
ATOM   789 O O   . GLU A 1 103 ? 2.659   -16.367 14.233  1.00 31.27 ? 104 GLU A O   1 
ATOM   790 C CB  . GLU A 1 103 ? -0.443  -15.831 14.070  1.00 32.54 ? 104 GLU A CB  1 
ATOM   791 C CG  . GLU A 1 103 ? -1.000  -16.883 13.133  1.00 37.34 ? 104 GLU A CG  1 
ATOM   792 C CD  . GLU A 1 103 ? -2.249  -17.554 13.679  1.00 39.68 ? 104 GLU A CD  1 
ATOM   793 O OE1 . GLU A 1 103 ? -2.119  -18.422 14.568  1.00 43.47 ? 104 GLU A OE1 1 
ATOM   794 O OE2 . GLU A 1 103 ? -3.353  -17.199 13.220  1.00 38.88 ? 104 GLU A OE2 1 
ATOM   795 O OXT . GLU A 1 103 ? 2.152   -16.538 12.182  1.00 31.50 ? 104 GLU A OXT 1 
HETATM 796 O O   . HOH B 2 .   ? -3.822  2.194   13.120  1.00 34.96 ? 201 HOH A O   1 
HETATM 797 O O   . HOH B 2 .   ? -2.567  -10.131 14.338  1.00 27.87 ? 202 HOH A O   1 
HETATM 798 O O   . HOH B 2 .   ? -1.580  8.023   10.488  1.00 44.77 ? 203 HOH A O   1 
HETATM 799 O O   . HOH B 2 .   ? -10.253 5.065   -6.462  1.00 49.06 ? 204 HOH A O   1 
HETATM 800 O O   . HOH B 2 .   ? -8.883  6.786   -6.681  1.00 41.39 ? 205 HOH A O   1 
HETATM 801 O O   . HOH B 2 .   ? -2.432  -5.442  -12.143 1.00 26.74 ? 206 HOH A O   1 
HETATM 802 O O   . HOH B 2 .   ? 5.577   -4.116  7.076   1.00 26.01 ? 207 HOH A O   1 
HETATM 803 O O   . HOH B 2 .   ? 1.199   -12.123 -1.966  1.00 27.57 ? 208 HOH A O   1 
HETATM 804 O O   . HOH B 2 .   ? -3.412  2.481   -19.242 1.00 40.01 ? 209 HOH A O   1 
HETATM 805 O O   . HOH B 2 .   ? 8.236   -6.033  10.278  1.00 26.23 ? 210 HOH A O   1 
HETATM 806 O O   . HOH B 2 .   ? -3.230  -14.799 11.547  1.00 38.23 ? 211 HOH A O   1 
HETATM 807 O O   . HOH B 2 .   ? 13.068  -9.451  -3.342  1.00 29.22 ? 212 HOH A O   1 
HETATM 808 O O   . HOH B 2 .   ? -4.727  8.948   3.880   1.00 33.25 ? 213 HOH A O   1 
HETATM 809 O O   . HOH B 2 .   ? 0.916   12.600  -9.616  1.00 29.35 ? 214 HOH A O   1 
HETATM 810 O O   . HOH B 2 .   ? -8.531  10.030  5.290   1.00 48.01 ? 215 HOH A O   1 
HETATM 811 O O   . HOH B 2 .   ? 0.603   -23.739 6.228   1.00 24.39 ? 216 HOH A O   1 
HETATM 812 O O   . HOH B 2 .   ? 8.838   3.908   8.298   1.00 24.75 ? 217 HOH A O   1 
HETATM 813 O O   . HOH B 2 .   ? -0.911  3.852   -10.517 1.00 23.43 ? 218 HOH A O   1 
HETATM 814 O O   . HOH B 2 .   ? 14.640  0.159   0.274   1.00 31.44 ? 219 HOH A O   1 
HETATM 815 O O   . HOH B 2 .   ? 11.236  -10.752 7.333   1.00 25.70 ? 220 HOH A O   1 
HETATM 816 O O   . HOH B 2 .   ? 12.951  -6.010  6.999   1.00 40.86 ? 221 HOH A O   1 
HETATM 817 O O   . HOH B 2 .   ? 3.685   5.977   -17.129 1.00 38.77 ? 222 HOH A O   1 
HETATM 818 O O   . HOH B 2 .   ? 9.065   -14.638 9.180   1.00 38.89 ? 223 HOH A O   1 
HETATM 819 O O   . HOH B 2 .   ? -7.622  0.253   -14.150 1.00 28.37 ? 224 HOH A O   1 
HETATM 820 O O   . HOH B 2 .   ? 1.001   5.465   -9.121  1.00 29.52 ? 225 HOH A O   1 
HETATM 821 O O   . HOH B 2 .   ? 10.175  -8.654  13.542  1.00 41.03 ? 226 HOH A O   1 
HETATM 822 O O   . HOH B 2 .   ? -9.383  -3.232  7.824   1.00 38.66 ? 227 HOH A O   1 
HETATM 823 O O   . HOH B 2 .   ? 15.608  -0.306  2.558   1.00 43.05 ? 228 HOH A O   1 
HETATM 824 O O   . HOH B 2 .   ? 4.030   -18.209 11.178  1.00 38.40 ? 229 HOH A O   1 
HETATM 825 O O   . HOH B 2 .   ? -8.693  -2.610  -1.781  1.00 26.04 ? 230 HOH A O   1 
HETATM 826 O O   . HOH B 2 .   ? 9.481   4.716   5.609   1.00 26.39 ? 231 HOH A O   1 
HETATM 827 O O   . HOH B 2 .   ? -2.304  -7.373  -8.226  1.00 39.56 ? 232 HOH A O   1 
HETATM 828 O O   . HOH B 2 .   ? -9.383  11.652  -12.198 1.00 41.49 ? 233 HOH A O   1 
HETATM 829 O O   . HOH B 2 .   ? 8.134   -13.780 0.375   1.00 38.44 ? 234 HOH A O   1 
HETATM 830 O O   . HOH B 2 .   ? 1.749   -6.170  -5.671  1.00 22.74 ? 235 HOH A O   1 
HETATM 831 O O   . HOH B 2 .   ? 1.011   -3.003  -7.677  1.00 20.13 ? 236 HOH A O   1 
HETATM 832 O O   . HOH B 2 .   ? 4.782   -3.735  -11.355 1.00 28.76 ? 237 HOH A O   1 
HETATM 833 O O   . HOH B 2 .   ? 7.325   10.287  -5.090  1.00 23.44 ? 238 HOH A O   1 
HETATM 834 O O   . HOH B 2 .   ? 1.467   -16.069 -0.028  1.00 28.10 ? 239 HOH A O   1 
HETATM 835 O O   . HOH B 2 .   ? -9.026  -1.378  -4.103  1.00 26.05 ? 240 HOH A O   1 
HETATM 836 O O   . HOH B 2 .   ? 3.946   12.712  -7.136  1.00 42.96 ? 241 HOH A O   1 
HETATM 837 O O   . HOH B 2 .   ? 2.822   -2.710  11.319  1.00 23.24 ? 242 HOH A O   1 
HETATM 838 O O   . HOH B 2 .   ? -2.378  7.805   4.890   1.00 29.81 ? 243 HOH A O   1 
HETATM 839 O O   . HOH B 2 .   ? 5.157   -14.312 -3.276  1.00 49.69 ? 244 HOH A O   1 
HETATM 840 O O   . HOH B 2 .   ? -8.404  15.292  4.687   1.00 42.64 ? 245 HOH A O   1 
HETATM 841 O O   . HOH B 2 .   ? -3.317  -13.344 13.914  1.00 32.10 ? 246 HOH A O   1 
HETATM 842 O O   . HOH B 2 .   ? 5.590   -12.143 -4.798  1.00 39.11 ? 247 HOH A O   1 
HETATM 843 O O   . HOH B 2 .   ? -2.159  -12.285 0.134   1.00 30.22 ? 248 HOH A O   1 
HETATM 844 O O   . HOH B 2 .   ? 14.151  -6.859  5.037   1.00 35.67 ? 249 HOH A O   1 
HETATM 845 O O   . HOH B 2 .   ? -7.545  4.294   8.892   1.00 32.94 ? 250 HOH A O   1 
HETATM 846 O O   . HOH B 2 .   ? -10.822 16.605  -1.616  1.00 42.25 ? 251 HOH A O   1 
HETATM 847 O O   . HOH B 2 .   ? -0.293  11.312  -13.825 1.00 29.19 ? 252 HOH A O   1 
HETATM 848 O O   . HOH B 2 .   ? -4.862  3.759   -17.900 1.00 44.84 ? 253 HOH A O   1 
HETATM 849 O O   . HOH B 2 .   ? 7.749   -10.693 14.385  1.00 37.48 ? 254 HOH A O   1 
HETATM 850 O O   . HOH B 2 .   ? -10.255 14.300  -1.141  1.00 41.56 ? 255 HOH A O   1 
HETATM 851 O O   . HOH B 2 .   ? 3.590   -1.306  -13.532 1.00 34.45 ? 256 HOH A O   1 
HETATM 852 O O   . HOH B 2 .   ? -12.158 -0.072  10.229  1.00 46.22 ? 257 HOH A O   1 
HETATM 853 O O   . HOH B 2 .   ? 9.745   -16.603 5.005   1.00 34.05 ? 258 HOH A O   1 
HETATM 854 O O   . HOH B 2 .   ? -4.374  13.526  -15.040 1.00 39.32 ? 259 HOH A O   1 
HETATM 855 O O   . HOH B 2 .   ? 2.927   -16.291 -2.295  1.00 36.82 ? 260 HOH A O   1 
HETATM 856 O O   . HOH B 2 .   ? 7.590   -13.847 12.576  1.00 33.60 ? 261 HOH A O   1 
HETATM 857 O O   . HOH B 2 .   ? 12.053  -5.430  -7.543  1.00 40.09 ? 262 HOH A O   1 
HETATM 858 O O   . HOH B 2 .   ? 15.214  -3.419  3.561   1.00 42.54 ? 263 HOH A O   1 
HETATM 859 O O   . HOH B 2 .   ? -11.935 3.093   -0.269  1.00 40.49 ? 264 HOH A O   1 
HETATM 860 O O   . HOH B 2 .   ? -3.554  12.578  -12.417 1.00 38.75 ? 265 HOH A O   1 
HETATM 861 O O   . HOH B 2 .   ? 13.589  -15.862 2.530   1.00 36.83 ? 266 HOH A O   1 
HETATM 862 O O   . HOH B 2 .   ? 0.820   6.677   10.632  1.00 32.59 ? 267 HOH A O   1 
HETATM 863 O O   . HOH B 2 .   ? 10.206  9.572   -11.360 1.00 34.56 ? 268 HOH A O   1 
HETATM 864 O O   . HOH B 2 .   ? 14.593  -2.026  5.896   1.00 39.97 ? 269 HOH A O   1 
HETATM 865 O O   . HOH B 2 .   ? 13.422  -14.509 4.614   1.00 27.13 ? 270 HOH A O   1 
HETATM 866 O O   . HOH B 2 .   ? 12.486  9.331   -9.986  1.00 42.90 ? 271 HOH A O   1 
HETATM 867 O O   . HOH B 2 .   ? -7.172  1.417   -16.128 1.00 36.70 ? 272 HOH A O   1 
HETATM 868 O O   . HOH B 2 .   ? -7.652  13.460  -11.353 1.00 29.13 ? 273 HOH A O   1 
HETATM 869 O O   . HOH B 2 .   ? -8.940  16.657  -0.147  1.00 55.42 ? 274 HOH A O   1 
HETATM 870 O O   . HOH B 2 .   ? -11.458 -2.242  10.229  1.00 50.14 ? 275 HOH A O   1 
HETATM 871 O O   . HOH B 2 .   ? 13.912  -10.295 -5.379  1.00 29.62 ? 276 HOH A O   1 
HETATM 872 O O   . HOH B 2 .   ? -13.347 -0.912  8.692   1.00 41.69 ? 277 HOH A O   1 
HETATM 873 O O   . HOH B 2 .   ? -0.003  -7.716  -6.931  1.00 26.90 ? 278 HOH A O   1 
HETATM 874 O O   . HOH B 2 .   ? -6.306  2.380   -18.714 1.00 61.32 ? 279 HOH A O   1 
HETATM 875 O O   . HOH B 2 .   ? 1.222   9.411   -14.399 1.00 43.24 ? 280 HOH A O   1 
HETATM 876 O O   . HOH B 2 .   ? 1.671   8.058   -16.161 1.00 30.67 ? 281 HOH A O   1 
HETATM 877 O O   . HOH B 2 .   ? 17.051  -2.194  3.589   1.00 52.23 ? 282 HOH A O   1 
HETATM 878 O O   . HOH B 2 .   ? -0.574  -17.365 0.292   1.00 35.51 ? 283 HOH A O   1 
HETATM 879 O O   . HOH B 2 .   ? 4.098   15.403  -6.404  1.00 45.12 ? 284 HOH A O   1 
HETATM 880 O O   . HOH B 2 .   ? 12.093  -10.398 -7.559  1.00 36.74 ? 285 HOH A O   1 
HETATM 881 O O   . HOH B 2 .   ? 18.323  -4.054  4.620   1.00 45.34 ? 286 HOH A O   1 
# 
loop_
_atom_site_anisotrop.id 
_atom_site_anisotrop.type_symbol 
_atom_site_anisotrop.pdbx_label_atom_id 
_atom_site_anisotrop.pdbx_label_alt_id 
_atom_site_anisotrop.pdbx_label_comp_id 
_atom_site_anisotrop.pdbx_label_asym_id 
_atom_site_anisotrop.pdbx_label_seq_id 
_atom_site_anisotrop.pdbx_PDB_ins_code 
_atom_site_anisotrop.U[1][1] 
_atom_site_anisotrop.U[2][2] 
_atom_site_anisotrop.U[3][3] 
_atom_site_anisotrop.U[1][2] 
_atom_site_anisotrop.U[1][3] 
_atom_site_anisotrop.U[2][3] 
_atom_site_anisotrop.pdbx_auth_seq_id 
_atom_site_anisotrop.pdbx_auth_comp_id 
_atom_site_anisotrop.pdbx_auth_asym_id 
_atom_site_anisotrop.pdbx_auth_atom_id 
1   N N   . SER A 1   ? 0.6063 0.6535 0.6212 -0.0015 -0.0052 -0.0048 2   SER A N   
2   C CA  . SER A 1   ? 0.5823 0.6245 0.5933 -0.0007 -0.0042 -0.0038 2   SER A CA  
3   C C   . SER A 1   ? 0.5357 0.5718 0.5469 -0.0035 -0.0037 -0.0015 2   SER A C   
4   O O   . SER A 1   ? 0.5583 0.5967 0.5726 -0.0064 -0.0027 0.0010  2   SER A O   
5   C CB  . SER A 1   ? 0.6308 0.6800 0.6423 -0.0005 -0.0025 -0.0028 2   SER A CB  
6   O OG  . SER A 1   ? 0.6412 0.6963 0.6567 -0.0038 -0.0012 -0.0002 2   SER A OG  
7   N N   . VAL A 2   ? 0.3690 0.3971 0.3766 -0.0024 -0.0043 -0.0022 3   VAL A N   
8   C CA  . VAL A 2   ? 0.2555 0.2777 0.2633 -0.0045 -0.0038 -0.0007 3   VAL A CA  
9   C C   . VAL A 2   ? 0.2891 0.3111 0.2974 -0.0055 -0.0025 0.0020  3   VAL A C   
10  O O   . VAL A 2   ? 0.2696 0.2917 0.2753 -0.0038 -0.0021 0.0020  3   VAL A O   
11  C CB  . VAL A 2   ? 0.3285 0.3432 0.3325 -0.0030 -0.0046 -0.0024 3   VAL A CB  
12  C CG1 . VAL A 2   ? 0.2376 0.2467 0.2424 -0.0048 -0.0039 -0.0014 3   VAL A CG1 
13  C CG2 . VAL A 2   ? 0.3900 0.4050 0.3928 -0.0018 -0.0063 -0.0049 3   VAL A CG2 
14  N N   . LYS A 3   ? 0.2515 0.2730 0.2631 -0.0081 -0.0019 0.0044  4   LYS A N   
15  C CA  . LYS A 3   ? 0.2814 0.3022 0.2939 -0.0092 -0.0009 0.0076  4   LYS A CA  
16  C C   . LYS A 3   ? 0.2458 0.2601 0.2604 -0.0106 -0.0009 0.0085  4   LYS A C   
17  O O   . LYS A 3   ? 0.2710 0.2840 0.2884 -0.0123 -0.0013 0.0081  4   LYS A O   
18  C CB  . LYS A 3   ? 0.2512 0.2791 0.2662 -0.0110 0.0000  0.0106  4   LYS A CB  
19  C CG  . LYS A 3   ? 0.2978 0.3247 0.3134 -0.0122 0.0006  0.0146  4   LYS A CG  
20  C CD  . LYS A 3   ? 0.3030 0.3379 0.3196 -0.0136 0.0015  0.0178  4   LYS A CD  
21  C CE  . LYS A 3   ? 0.3954 0.4291 0.4134 -0.0152 0.0018  0.0226  4   LYS A CE  
22  N NZ  . LYS A 3   ? 0.3645 0.4063 0.3816 -0.0164 0.0027  0.0260  4   LYS A NZ  
23  N N   . VAL A 4   ? 0.2480 0.2582 0.2616 -0.0097 -0.0004 0.0094  5   VAL A N   
24  C CA  . VAL A 4   ? 0.2408 0.2447 0.2564 -0.0103 -0.0003 0.0097  5   VAL A CA  
25  C C   . VAL A 4   ? 0.2552 0.2585 0.2729 -0.0108 0.0001  0.0133  5   VAL A C   
26  O O   . VAL A 4   ? 0.2456 0.2526 0.2618 -0.0102 0.0003  0.0149  5   VAL A O   
27  C CB  . VAL A 4   ? 0.2984 0.2973 0.3106 -0.0083 -0.0002 0.0067  5   VAL A CB  
28  C CG1 . VAL A 4   ? 0.2917 0.2913 0.3012 -0.0076 -0.0010 0.0035  5   VAL A CG1 
29  C CG2 . VAL A 4   ? 0.2943 0.2935 0.3039 -0.0067 0.0002  0.0071  5   VAL A CG2 
30  N N   . GLY A 5   ? 0.3314 0.3301 0.3528 -0.0118 0.0003  0.0145  6   GLY A N   
31  C CA  . GLY A 5   ? 0.3284 0.3259 0.3526 -0.0119 0.0003  0.0180  6   GLY A CA  
32  C C   . GLY A 5   ? 0.3075 0.3040 0.3365 -0.0142 0.0000  0.0216  6   GLY A C   
33  O O   . GLY A 5   ? 0.3744 0.3691 0.4059 -0.0159 -0.0003 0.0204  6   GLY A O   
34  N N   . GLY A 6   ? 0.2830 0.2812 0.3137 -0.0146 -0.0002 0.0261  7   GLY A N   
35  C CA  . GLY A 6   ? 0.3195 0.3157 0.3552 -0.0166 -0.0007 0.0304  7   GLY A CA  
36  C C   . GLY A 6   ? 0.2709 0.2656 0.3083 -0.0153 -0.0012 0.0340  7   GLY A C   
37  O O   . GLY A 6   ? 0.3092 0.3091 0.3442 -0.0150 -0.0014 0.0369  7   GLY A O   
38  N N   . GLU A 7   ? 0.3393 0.3271 0.3809 -0.0145 -0.0014 0.0335  8   GLU A N   
39  C CA  . GLU A 7   ? 0.3376 0.3236 0.3818 -0.0127 -0.0021 0.0365  8   GLU A CA  
40  C C   . GLU A 7   ? 0.3323 0.3190 0.3743 -0.0099 -0.0016 0.0334  8   GLU A C   
41  O O   . GLU A 7   ? 0.3248 0.3087 0.3653 -0.0088 -0.0007 0.0284  8   GLU A O   
42  C CB  . GLU A 7   ? 0.3706 0.3489 0.4214 -0.0126 -0.0026 0.0371  8   GLU A CB  
43  C CG  . GLU A 7   ? 0.3862 0.3625 0.4409 -0.0154 -0.0035 0.0418  8   GLU A CG  
44  C CD  . GLU A 7   ? 0.4023 0.3700 0.4640 -0.0148 -0.0042 0.0423  8   GLU A CD  
45  O OE1 . GLU A 7   ? 0.3781 0.3406 0.4415 -0.0146 -0.0038 0.0371  8   GLU A OE1 
46  O OE2 . GLU A 7   ? 0.4987 0.4650 0.5643 -0.0144 -0.0054 0.0476  8   GLU A OE2 
47  N N   . ALA A 8   ? 0.2814 0.2715 0.3231 -0.0088 -0.0025 0.0364  9   ALA A N   
48  C CA  . ALA A 8   ? 0.2557 0.2461 0.2968 -0.0064 -0.0022 0.0339  9   ALA A CA  
49  C C   . ALA A 8   ? 0.3173 0.3016 0.3642 -0.0047 -0.0019 0.0330  9   ALA A C   
50  O O   . ALA A 8   ? 0.3282 0.3087 0.3797 -0.0050 -0.0027 0.0359  9   ALA A O   
51  C CB  . ALA A 8   ? 0.2660 0.2618 0.3058 -0.0058 -0.0035 0.0373  9   ALA A CB  
52  N N   . GLY A 9   ? 0.3221 0.3053 0.3686 -0.0028 -0.0007 0.0290  10  GLY A N   
53  C CA  . GLY A 9   ? 0.3102 0.2886 0.3620 -0.0008 -0.0001 0.0272  10  GLY A CA  
54  C C   . GLY A 9   ? 0.3629 0.3381 0.4126 -0.0004 0.0019  0.0214  10  GLY A C   
55  O O   . GLY A 9   ? 0.3738 0.3495 0.4232 0.0012  0.0034  0.0186  10  GLY A O   
56  N N   . PRO A 10  ? 0.3505 0.3226 0.3986 -0.0020 0.0020  0.0199  11  PRO A N   
57  C CA  . PRO A 10  ? 0.3707 0.3401 0.4160 -0.0018 0.0034  0.0144  11  PRO A CA  
58  C C   . PRO A 10  ? 0.3432 0.3166 0.3820 -0.0019 0.0043  0.0122  11  PRO A C   
59  O O   . PRO A 10  ? 0.3248 0.3026 0.3610 -0.0027 0.0036  0.0146  11  PRO A O   
60  C CB  . PRO A 10  ? 0.3314 0.2983 0.3768 -0.0041 0.0026  0.0141  11  PRO A CB  
61  C CG  . PRO A 10  ? 0.3208 0.2867 0.3715 -0.0050 0.0011  0.0192  11  PRO A CG  
62  C CD  . PRO A 10  ? 0.3377 0.3085 0.3880 -0.0042 0.0006  0.0233  11  PRO A CD  
63  N N   . SER A 11  ? 0.2852 0.2565 0.3210 -0.0012 0.0058  0.0079  12  SER A N   
64  C CA  . SER A 11  ? 0.2891 0.2630 0.3188 -0.0015 0.0064  0.0061  12  SER A CA  
65  C C   . SER A 11  ? 0.3142 0.2896 0.3407 -0.0033 0.0050  0.0064  12  SER A C   
66  O O   . SER A 11  ? 0.2801 0.2537 0.3088 -0.0046 0.0041  0.0068  12  SER A O   
67  C CB  . SER A 11  ? 0.3371 0.3087 0.3640 -0.0004 0.0082  0.0016  12  SER A CB  
68  O OG  . SER A 11  ? 0.4137 0.3823 0.4394 -0.0012 0.0078  -0.0011 12  SER A OG  
69  N N   . VAL A 12  ? 0.3143 0.2928 0.3359 -0.0035 0.0048  0.0062  13  VAL A N   
70  C CA  . VAL A 12  ? 0.3134 0.2936 0.3318 -0.0047 0.0038  0.0056  13  VAL A CA  
71  C C   . VAL A 12  ? 0.3223 0.3026 0.3352 -0.0039 0.0043  0.0028  13  VAL A C   
72  O O   . VAL A 12  ? 0.3117 0.2921 0.3229 -0.0029 0.0052  0.0027  13  VAL A O   
73  C CB  . VAL A 12  ? 0.3624 0.3475 0.3813 -0.0056 0.0027  0.0090  13  VAL A CB  
74  C CG1 . VAL A 12  ? 0.3281 0.3159 0.3445 -0.0046 0.0028  0.0095  13  VAL A CG1 
75  C CG2 . VAL A 12  ? 0.3953 0.3829 0.4124 -0.0069 0.0019  0.0084  13  VAL A CG2 
76  N N   . THR A 13  ? 0.2847 0.2649 0.2949 -0.0045 0.0035  0.0008  14  THR A N   
77  C CA  . THR A 13  ? 0.2815 0.2615 0.2862 -0.0036 0.0036  -0.0013 14  THR A CA  
78  C C   . THR A 13  ? 0.2953 0.2788 0.2980 -0.0039 0.0021  -0.0009 14  THR A C   
79  O O   . THR A 13  ? 0.3037 0.2892 0.3083 -0.0050 0.0010  -0.0007 14  THR A O   
80  C CB  . THR A 13  ? 0.2953 0.2723 0.2980 -0.0034 0.0039  -0.0046 14  THR A CB  
81  O OG1 . THR A 13  ? 0.3348 0.3088 0.3393 -0.0028 0.0056  -0.0054 14  THR A OG1 
82  C CG2 . THR A 13  ? 0.2861 0.2630 0.2824 -0.0026 0.0037  -0.0061 14  THR A CG2 
83  N N   . LEU A 14  ? 0.2475 0.2320 0.2468 -0.0028 0.0021  -0.0007 15  LEU A N   
84  C CA  . LEU A 14  ? 0.2557 0.2434 0.2533 -0.0025 0.0006  -0.0008 15  LEU A CA  
85  C C   . LEU A 14  ? 0.2567 0.2428 0.2498 -0.0015 0.0000  -0.0029 15  LEU A C   
86  O O   . LEU A 14  ? 0.2576 0.2409 0.2474 -0.0006 0.0006  -0.0032 15  LEU A O   
87  C CB  . LEU A 14  ? 0.2085 0.1978 0.2052 -0.0017 0.0006  0.0004  15  LEU A CB  
88  C CG  . LEU A 14  ? 0.3137 0.3039 0.3130 -0.0021 0.0013  0.0024  15  LEU A CG  
89  C CD1 . LEU A 14  ? 0.2690 0.2625 0.2674 -0.0015 0.0005  0.0028  15  LEU A CD1 
90  C CD2 . LEU A 14  ? 0.3380 0.3290 0.3418 -0.0032 0.0017  0.0042  15  LEU A CD2 
91  N N   . PRO A 15  ? 0.2667 0.2546 0.2599 -0.0018 -0.0015 -0.0041 16  PRO A N   
92  C CA  . PRO A 15  ? 0.2578 0.2443 0.2467 -0.0009 -0.0025 -0.0061 16  PRO A CA  
93  C C   . PRO A 15  ? 0.2474 0.2345 0.2329 0.0009  -0.0035 -0.0058 16  PRO A C   
94  O O   . PRO A 15  ? 0.2386 0.2289 0.2257 0.0015  -0.0042 -0.0053 16  PRO A O   
95  C CB  . PRO A 15  ? 0.2995 0.2885 0.2906 -0.0020 -0.0039 -0.0075 16  PRO A CB  
96  C CG  . PRO A 15  ? 0.3073 0.3003 0.3034 -0.0032 -0.0038 -0.0058 16  PRO A CG  
97  C CD  . PRO A 15  ? 0.2846 0.2760 0.2821 -0.0034 -0.0021 -0.0038 16  PRO A CD  
98  N N   . CYS A 16  ? 0.2321 0.2158 0.2128 0.0019  -0.0037 -0.0064 17  CYS A N   
99  C CA  . CYS A 16  ? 0.2770 0.2603 0.2544 0.0037  -0.0051 -0.0060 17  CYS A CA  
100 C C   . CYS A 16  ? 0.2961 0.2766 0.2680 0.0044  -0.0057 -0.0065 17  CYS A C   
101 O O   . CYS A 16  ? 0.2966 0.2736 0.2655 0.0042  -0.0041 -0.0059 17  CYS A O   
102 C CB  . CYS A 16  ? 0.2333 0.2148 0.2108 0.0041  -0.0040 -0.0045 17  CYS A CB  
103 S SG  . CYS A 16  ? 0.3105 0.2905 0.2850 0.0065  -0.0059 -0.0041 17  CYS A SG  
104 N N   . HIS A 17  ? 0.3007 0.2833 0.2715 0.0053  -0.0081 -0.0077 18  HIS A N   
105 C CA  . HIS A 17  ? 0.3099 0.2907 0.2751 0.0062  -0.0094 -0.0081 18  HIS A CA  
106 C C   . HIS A 17  ? 0.3722 0.3537 0.3359 0.0085  -0.0121 -0.0073 18  HIS A C   
107 O O   . HIS A 17  ? 0.4070 0.3928 0.3739 0.0092  -0.0141 -0.0084 18  HIS A O   
108 C CB  . HIS A 17  ? 0.3260 0.3091 0.2915 0.0051  -0.0106 -0.0106 18  HIS A CB  
109 C CG  . HIS A 17  ? 0.3012 0.2834 0.2693 0.0031  -0.0084 -0.0117 18  HIS A CG  
110 N ND1 . HIS A 17  ? 0.3614 0.3458 0.3359 0.0018  -0.0076 -0.0117 18  HIS A ND1 
111 C CD2 . HIS A 17  ? 0.3014 0.2809 0.2667 0.0024  -0.0067 -0.0130 18  HIS A CD2 
112 C CE1 . HIS A 17  ? 0.3460 0.3282 0.3218 0.0003  -0.0059 -0.0127 18  HIS A CE1 
113 N NE2 . HIS A 17  ? 0.4080 0.3875 0.3787 0.0008  -0.0053 -0.0138 18  HIS A NE2 
114 N N   . TYR A 18  ? 0.3356 0.3130 0.2949 0.0097  -0.0120 -0.0054 19  TYR A N   
115 C CA  . TYR A 18  ? 0.3873 0.3643 0.3461 0.0122  -0.0145 -0.0044 19  TYR A CA  
116 C C   . TYR A 18  ? 0.4040 0.3797 0.3573 0.0139  -0.0171 -0.0037 19  TYR A C   
117 O O   . TYR A 18  ? 0.3664 0.3418 0.3153 0.0129  -0.0169 -0.0040 19  TYR A O   
118 C CB  . TYR A 18  ? 0.3670 0.3394 0.3256 0.0126  -0.0133 -0.0024 19  TYR A CB  
119 C CG  . TYR A 18  ? 0.3542 0.3214 0.3077 0.0116  -0.0116 -0.0001 19  TYR A CG  
120 C CD1 . TYR A 18  ? 0.4019 0.3655 0.3503 0.0130  -0.0132 0.0022  19  TYR A CD1 
121 C CD2 . TYR A 18  ? 0.3575 0.3240 0.3117 0.0093  -0.0084 0.0000  19  TYR A CD2 
122 C CE1 . TYR A 18  ? 0.3616 0.3208 0.3051 0.0117  -0.0113 0.0047  19  TYR A CE1 
123 C CE2 . TYR A 18  ? 0.3207 0.2834 0.2707 0.0083  -0.0064 0.0022  19  TYR A CE2 
124 C CZ  . TYR A 18  ? 0.3611 0.3202 0.3056 0.0094  -0.0078 0.0046  19  TYR A CZ  
125 O OH  . TYR A 18  ? 0.3551 0.3110 0.2954 0.0080  -0.0056 0.0071  19  TYR A OH  
126 N N   . SER A 19  ? 0.4722 0.4480 0.4259 0.0166  -0.0198 -0.0029 20  SER A N   
127 C CA  . SER A 19  ? 0.4754 0.4506 0.4246 0.0187  -0.0230 -0.0018 20  SER A CA  
128 C C   . SER A 19  ? 0.4880 0.4568 0.4337 0.0203  -0.0236 0.0015  20  SER A C   
129 O O   . SER A 19  ? 0.4935 0.4589 0.4410 0.0198  -0.0217 0.0024  20  SER A O   
130 C CB  . SER A 19  ? 0.5599 0.5409 0.5134 0.0208  -0.0262 -0.0037 20  SER A CB  
131 O OG  . SER A 19  ? 0.5945 0.5760 0.5529 0.0227  -0.0265 -0.0040 20  SER A OG  
132 N N   . GLY A 20  ? 0.3880 0.3553 0.3286 0.0222  -0.0265 0.0033  21  GLY A N   
133 C CA  . GLY A 20  ? 0.4325 0.3931 0.3693 0.0235  -0.0272 0.0072  21  GLY A CA  
134 C C   . GLY A 20  ? 0.4397 0.3960 0.3702 0.0208  -0.0243 0.0098  21  GLY A C   
135 O O   . GLY A 20  ? 0.4533 0.4124 0.3815 0.0187  -0.0223 0.0083  21  GLY A O   
136 N N   . ALA A 21  ? 0.3963 0.3464 0.3244 0.0209  -0.0239 0.0136  22  ALA A N   
137 C CA  . ALA A 21  ? 0.4117 0.3583 0.3339 0.0183  -0.0210 0.0166  22  ALA A CA  
138 C C   . ALA A 21  ? 0.4077 0.3552 0.3333 0.0153  -0.0165 0.0148  22  ALA A C   
139 O O   . ALA A 21  ? 0.4034 0.3520 0.3358 0.0152  -0.0160 0.0126  22  ALA A O   
140 C CB  . ALA A 21  ? 0.4576 0.3968 0.3770 0.0189  -0.0218 0.0215  22  ALA A CB  
141 N N   . VAL A 22  ? 0.4379 0.3857 0.3590 0.0130  -0.0135 0.0156  23  VAL A N   
142 C CA  . VAL A 22  ? 0.4123 0.3606 0.3365 0.0102  -0.0092 0.0147  23  VAL A CA  
143 C C   . VAL A 22  ? 0.3888 0.3323 0.3163 0.0094  -0.0083 0.0172  23  VAL A C   
144 O O   . VAL A 22  ? 0.4093 0.3480 0.3334 0.0094  -0.0089 0.0212  23  VAL A O   
145 C CB  . VAL A 22  ? 0.4329 0.3822 0.3510 0.0083  -0.0060 0.0155  23  VAL A CB  
146 C CG1 . VAL A 22  ? 0.3983 0.3477 0.3198 0.0058  -0.0016 0.0155  23  VAL A CG1 
147 C CG2 . VAL A 22  ? 0.4215 0.3757 0.3371 0.0089  -0.0067 0.0119  23  VAL A CG2 
148 N N   . THR A 23  ? 0.3374 0.2822 0.2718 0.0085  -0.0070 0.0151  24  THR A N   
149 C CA  . THR A 23  ? 0.3590 0.2994 0.2971 0.0078  -0.0068 0.0168  24  THR A CA  
150 C C   . THR A 23  ? 0.3598 0.3025 0.3039 0.0059  -0.0041 0.0147  24  THR A C   
151 O O   . THR A 23  ? 0.3359 0.2834 0.2816 0.0052  -0.0026 0.0122  24  THR A O   
152 C CB  . THR A 23  ? 0.3352 0.2733 0.2758 0.0107  -0.0107 0.0161  24  THR A CB  
153 O OG1 . THR A 23  ? 0.3190 0.2511 0.2615 0.0101  -0.0109 0.0182  24  THR A OG1 
154 C CG2 . THR A 23  ? 0.4083 0.3515 0.3543 0.0118  -0.0114 0.0118  24  THR A CG2 
155 N N   . SER A 24  ? 0.3548 0.2942 0.3024 0.0048  -0.0040 0.0157  25  SER A N   
156 C CA  . SER A 24  ? 0.3045 0.2464 0.2579 0.0029  -0.0019 0.0140  25  SER A CA  
157 C C   . SER A 24  ? 0.3244 0.2698 0.2824 0.0044  -0.0036 0.0104  25  SER A C   
158 O O   . SER A 24  ? 0.3003 0.2454 0.2582 0.0068  -0.0063 0.0092  25  SER A O   
159 C CB  . SER A 24  ? 0.3303 0.2676 0.2860 0.0009  -0.0015 0.0162  25  SER A CB  
160 O OG  . SER A 24  ? 0.3557 0.2897 0.3073 -0.0007 0.0002  0.0202  25  SER A OG  
161 N N   . MET A 25  ? 0.3038 0.2532 0.2661 0.0030  -0.0018 0.0088  26  MET A N   
162 C CA  . MET A 25  ? 0.2615 0.2150 0.2277 0.0041  -0.0028 0.0058  26  MET A CA  
163 C C   . MET A 25  ? 0.2549 0.2105 0.2259 0.0023  -0.0015 0.0051  26  MET A C   
164 O O   . MET A 25  ? 0.2478 0.2023 0.2196 0.0001  0.0005  0.0067  26  MET A O   
165 C CB  . MET A 25  ? 0.3125 0.2704 0.2777 0.0048  -0.0026 0.0043  26  MET A CB  
166 C CG  . MET A 25  ? 0.2850 0.2452 0.2511 0.0030  0.0003  0.0044  26  MET A CG  
167 S SD  . MET A 25  ? 0.2790 0.2436 0.2517 0.0019  0.0013  0.0029  26  MET A SD  
168 C CE  . MET A 25  ? 0.2535 0.2218 0.2273 0.0036  -0.0011 0.0008  26  MET A CE  
169 N N   . CYS A 26  ? 0.3122 0.2712 0.2865 0.0031  -0.0026 0.0029  27  CYS A N   
170 C CA  . CYS A 26  ? 0.2400 0.2022 0.2185 0.0016  -0.0017 0.0022  27  CYS A CA  
171 C C   . CYS A 26  ? 0.2564 0.2240 0.2369 0.0024  -0.0019 0.0006  27  CYS A C   
172 O O   . CYS A 26  ? 0.2608 0.2300 0.2402 0.0041  -0.0034 -0.0006 27  CYS A O   
173 C CB  . CYS A 26  ? 0.2904 0.2504 0.2712 0.0011  -0.0029 0.0017  27  CYS A CB  
174 S SG  . CYS A 26  ? 0.3056 0.2650 0.2860 0.0037  -0.0060 -0.0011 27  CYS A SG  
175 N N   . TRP A 27  ? 0.2606 0.2314 0.2441 0.0010  -0.0005 0.0010  28  TRP A N   
176 C CA  . TRP A 27  ? 0.2215 0.1973 0.2075 0.0012  -0.0008 0.0001  28  TRP A CA  
177 C C   . TRP A 27  ? 0.2338 0.2117 0.2221 0.0009  -0.0017 -0.0005 28  TRP A C   
178 O O   . TRP A 27  ? 0.2338 0.2108 0.2239 -0.0004 -0.0013 0.0001  28  TRP A O   
179 C CB  . TRP A 27  ? 0.1855 0.1631 0.1735 0.0002  0.0011  0.0011  28  TRP A CB  
180 C CG  . TRP A 27  ? 0.2211 0.1982 0.2069 0.0007  0.0015  0.0007  28  TRP A CG  
181 C CD1 . TRP A 27  ? 0.2140 0.1882 0.1970 0.0006  0.0027  0.0011  28  TRP A CD1 
182 C CD2 . TRP A 27  ? 0.2123 0.1921 0.1984 0.0013  0.0007  -0.0001 28  TRP A CD2 
183 N NE1 . TRP A 27  ? 0.1989 0.1739 0.1805 0.0011  0.0024  0.0000  28  TRP A NE1 
184 C CE2 . TRP A 27  ? 0.2371 0.2154 0.2209 0.0015  0.0011  -0.0006 28  TRP A CE2 
185 C CE3 . TRP A 27  ? 0.2232 0.2072 0.2113 0.0015  -0.0004 -0.0005 28  TRP A CE3 
186 C CZ2 . TRP A 27  ? 0.2205 0.2009 0.2045 0.0017  0.0002  -0.0016 28  TRP A CZ2 
187 C CZ3 . TRP A 27  ? 0.2017 0.1881 0.1903 0.0017  -0.0009 -0.0010 28  TRP A CZ3 
188 C CH2 . TRP A 27  ? 0.2146 0.1992 0.2015 0.0016  -0.0007 -0.0016 28  TRP A CH2 
189 N N   . ASN A 28  ? 0.2496 0.2310 0.2379 0.0020  -0.0031 -0.0020 29  ASN A N   
190 C CA  . ASN A 28  ? 0.2646 0.2489 0.2545 0.0019  -0.0042 -0.0030 29  ASN A CA  
191 C C   . ASN A 28  ? 0.2487 0.2386 0.2406 0.0013  -0.0036 -0.0020 29  ASN A C   
192 O O   . ASN A 28  ? 0.2232 0.2156 0.2150 0.0017  -0.0032 -0.0016 29  ASN A O   
193 C CB  . ASN A 28  ? 0.2998 0.2845 0.2879 0.0039  -0.0058 -0.0055 29  ASN A CB  
194 C CG  . ASN A 28  ? 0.3080 0.2947 0.2972 0.0038  -0.0071 -0.0074 29  ASN A CG  
195 O OD1 . ASN A 28  ? 0.2756 0.2585 0.2652 0.0028  -0.0077 -0.0077 29  ASN A OD1 
196 N ND2 . ASN A 28  ? 0.2862 0.2786 0.2750 0.0047  -0.0075 -0.0088 29  ASN A ND2 
197 N N   . ARG A 29  ? 0.2288 0.2209 0.2229 0.0002  -0.0039 -0.0015 30  ARG A N   
198 C CA  . ARG A 29  ? 0.2337 0.2312 0.2294 -0.0003 -0.0038 -0.0001 30  ARG A CA  
199 C C   . ARG A 29  ? 0.2401 0.2418 0.2342 0.0007  -0.0052 -0.0020 30  ARG A C   
200 O O   . ARG A 29  ? 0.2742 0.2769 0.2683 0.0003  -0.0064 -0.0030 30  ARG A O   
201 C CB  . ARG A 29  ? 0.2184 0.2167 0.2172 -0.0016 -0.0036 0.0018  30  ARG A CB  
202 C CG  . ARG A 29  ? 0.2686 0.2719 0.2693 -0.0019 -0.0036 0.0040  30  ARG A CG  
203 C CD  . ARG A 29  ? 0.3008 0.3047 0.3055 -0.0028 -0.0035 0.0061  30  ARG A CD  
204 N NE  . ARG A 29  ? 0.2542 0.2625 0.2603 -0.0031 -0.0040 0.0087  30  ARG A NE  
205 C CZ  . ARG A 29  ? 0.3218 0.3321 0.3315 -0.0035 -0.0046 0.0109  30  ARG A CZ  
206 N NH1 . ARG A 29  ? 0.2774 0.2862 0.2899 -0.0038 -0.0044 0.0105  30  ARG A NH1 
207 N NH2 . ARG A 29  ? 0.3145 0.3285 0.3251 -0.0036 -0.0053 0.0137  30  ARG A NH2 
208 N N   . GLY A 30  ? 0.2455 0.2496 0.2380 0.0018  -0.0052 -0.0028 31  GLY A N   
209 C CA  . GLY A 30  ? 0.2266 0.2352 0.2174 0.0030  -0.0061 -0.0052 31  GLY A CA  
210 C C   . GLY A 30  ? 0.2856 0.2938 0.2750 0.0048  -0.0060 -0.0070 31  GLY A C   
211 O O   . GLY A 30  ? 0.2567 0.2611 0.2463 0.0049  -0.0055 -0.0062 31  GLY A O   
212 N N   . SER A 31  ? 0.3626 0.3754 0.3508 0.0063  -0.0065 -0.0095 32  SER A N   
213 C CA  . SER A 31  ? 0.3396 0.3532 0.3275 0.0084  -0.0065 -0.0113 32  SER A CA  
214 C C   . SER A 31  ? 0.3458 0.3519 0.3329 0.0098  -0.0076 -0.0129 32  SER A C   
215 O O   . SER A 31  ? 0.3584 0.3595 0.3452 0.0093  -0.0084 -0.0133 32  SER A O   
216 C CB  . SER A 31  ? 0.4087 0.4293 0.3956 0.0101  -0.0066 -0.0142 32  SER A CB  
217 O OG  . SER A 31  ? 0.4327 0.4608 0.4201 0.0089  -0.0052 -0.0120 32  SER A OG  
218 N N   . CYS A 32  ? 0.3181 0.3236 0.3052 0.0115  -0.0078 -0.0136 33  CYS A N   
219 C CA  . CYS A 32  ? 0.3423 0.3408 0.3286 0.0130  -0.0090 -0.0144 33  CYS A CA  
220 C C   . CYS A 32  ? 0.4131 0.4093 0.3987 0.0148  -0.0105 -0.0178 33  CYS A C   
221 O O   . CYS A 32  ? 0.3735 0.3748 0.3594 0.0166  -0.0108 -0.0207 33  CYS A O   
222 C CB  . CYS A 32  ? 0.3455 0.3450 0.3318 0.0148  -0.0094 -0.0146 33  CYS A CB  
223 S SG  . CYS A 32  ? 0.3092 0.3090 0.2961 0.0125  -0.0082 -0.0113 33  CYS A SG  
224 N N   . SER A 33  ? 0.4905 0.4791 0.4756 0.0141  -0.0113 -0.0174 34  SER A N   
225 C CA  . SER A 33  ? 0.5253 0.5101 0.5104 0.0156  -0.0130 -0.0206 34  SER A CA  
226 C C   . SER A 33  ? 0.5561 0.5366 0.5410 0.0187  -0.0145 -0.0218 34  SER A C   
227 O O   . SER A 33  ? 0.5336 0.5131 0.5179 0.0191  -0.0142 -0.0195 34  SER A O   
228 C CB  . SER A 33  ? 0.5066 0.4850 0.4920 0.0131  -0.0134 -0.0193 34  SER A CB  
229 O OG  . SER A 33  ? 0.4820 0.4638 0.4681 0.0101  -0.0120 -0.0169 34  SER A OG  
230 N N   . LEU A 34  ? 0.6024 0.5803 0.5877 0.0212  -0.0161 -0.0254 35  LEU A N   
231 C CA  . LEU A 34  ? 0.6108 0.5846 0.5965 0.0246  -0.0178 -0.0266 35  LEU A CA  
232 C C   . LEU A 34  ? 0.5960 0.5597 0.5806 0.0237  -0.0189 -0.0235 35  LEU A C   
233 O O   . LEU A 34  ? 0.6018 0.5629 0.5858 0.0255  -0.0197 -0.0219 35  LEU A O   
234 C CB  . LEU A 34  ? 0.6817 0.6556 0.6684 0.0279  -0.0194 -0.0320 35  LEU A CB  
235 C CG  . LEU A 34  ? 0.6758 0.6537 0.6625 0.0270  -0.0190 -0.0355 35  LEU A CG  
236 C CD1 . LEU A 34  ? 0.6943 0.6647 0.6810 0.0242  -0.0201 -0.0351 35  LEU A CD1 
237 C CD2 . LEU A 34  ? 0.5828 0.5640 0.5703 0.0312  -0.0200 -0.0413 35  LEU A CD2 
238 N N   . PHE A 35  ? 0.5026 0.4612 0.4872 0.0208  -0.0187 -0.0223 36  PHE A N   
239 C CA  . PHE A 35  ? 0.4997 0.4488 0.4837 0.0199  -0.0197 -0.0194 36  PHE A CA  
240 C C   . PHE A 35  ? 0.5131 0.4596 0.4964 0.0157  -0.0180 -0.0153 36  PHE A C   
241 O O   . PHE A 35  ? 0.4465 0.3856 0.4291 0.0145  -0.0184 -0.0125 36  PHE A O   
242 C CB  . PHE A 35  ? 0.6391 0.5808 0.6246 0.0217  -0.0222 -0.0223 36  PHE A CB  
243 C CG  . PHE A 35  ? 0.7261 0.6669 0.7132 0.0194  -0.0225 -0.0249 36  PHE A CG  
244 C CD1 . PHE A 35  ? 0.7214 0.6692 0.7086 0.0167  -0.0209 -0.0252 36  PHE A CD1 
245 C CD2 . PHE A 35  ? 0.8162 0.7487 0.8050 0.0199  -0.0248 -0.0272 36  PHE A CD2 
246 C CE1 . PHE A 35  ? 0.7652 0.7127 0.7540 0.0148  -0.0216 -0.0276 36  PHE A CE1 
247 C CE2 . PHE A 35  ? 0.7520 0.6836 0.7425 0.0177  -0.0255 -0.0300 36  PHE A CE2 
248 C CZ  . PHE A 35  ? 0.8444 0.7840 0.8348 0.0151  -0.0239 -0.0302 36  PHE A CZ  
249 N N   . THR A 36  ? 0.4468 0.4000 0.4305 0.0135  -0.0160 -0.0147 37  THR A N   
250 C CA  . THR A 36  ? 0.3767 0.3289 0.3602 0.0099  -0.0141 -0.0110 37  THR A CA  
251 C C   . THR A 36  ? 0.3845 0.3447 0.3685 0.0087  -0.0122 -0.0107 37  THR A C   
252 O O   . THR A 36  ? 0.3953 0.3613 0.3792 0.0105  -0.0123 -0.0122 37  THR A O   
253 C CB  . THR A 36  ? 0.4577 0.4049 0.4431 0.0072  -0.0146 -0.0109 37  THR A CB  
254 O OG1 . THR A 36  ? 0.4524 0.3986 0.4379 0.0041  -0.0126 -0.0070 37  THR A OG1 
255 C CG2 . THR A 36  ? 0.4491 0.4013 0.4368 0.0066  -0.0151 -0.0142 37  THR A CG2 
256 N N   . CYS A 37  ? 0.3833 0.3442 0.3685 0.0057  -0.0106 -0.0084 38  CYS A N   
257 C CA  . CYS A 37  ? 0.3373 0.3051 0.3239 0.0046  -0.0093 -0.0083 38  CYS A CA  
258 C C   . CYS A 37  ? 0.3114 0.2803 0.3004 0.0030  -0.0101 -0.0096 38  CYS A C   
259 O O   . CYS A 37  ? 0.3551 0.3218 0.3458 0.0006  -0.0095 -0.0080 38  CYS A O   
260 C CB  . CYS A 37  ? 0.3225 0.2906 0.3090 0.0029  -0.0071 -0.0051 38  CYS A CB  
261 S SG  . CYS A 37  ? 0.2910 0.2592 0.2746 0.0045  -0.0064 -0.0038 38  CYS A SG  
262 N N   . GLN A 38  ? 0.3550 0.3279 0.3440 0.0042  -0.0114 -0.0127 39  GLN A N   
263 C CA  . GLN A 38  ? 0.3377 0.3118 0.3286 0.0028  -0.0126 -0.0146 39  GLN A CA  
264 C C   . GLN A 38  ? 0.3278 0.3061 0.3209 0.0003  -0.0115 -0.0122 39  GLN A C   
265 O O   . GLN A 38  ? 0.2827 0.2611 0.2780 -0.0016 -0.0125 -0.0128 39  GLN A O   
266 C CB  . GLN A 38  ? 0.3895 0.3682 0.3791 0.0048  -0.0141 -0.0187 39  GLN A CB  
267 C CG  . GLN A 38  ? 0.4201 0.3949 0.4084 0.0078  -0.0153 -0.0217 39  GLN A CG  
268 C CD  . GLN A 38  ? 0.5714 0.5530 0.5582 0.0104  -0.0156 -0.0249 39  GLN A CD  
269 O OE1 . GLN A 38  ? 0.5512 0.5394 0.5373 0.0104  -0.0141 -0.0232 39  GLN A OE1 
270 N NE2 . GLN A 38  ? 0.6737 0.6538 0.6602 0.0126  -0.0173 -0.0294 39  GLN A NE2 
271 N N   . ASN A 39  ? 0.2829 0.2649 0.2758 0.0003  -0.0098 -0.0098 40  ASN A N   
272 C CA  . ASN A 39  ? 0.2526 0.2375 0.2482 -0.0016 -0.0086 -0.0071 40  ASN A CA  
273 C C   . ASN A 39  ? 0.2630 0.2457 0.2587 -0.0020 -0.0063 -0.0043 40  ASN A C   
274 O O   . ASN A 39  ? 0.2513 0.2370 0.2472 -0.0018 -0.0052 -0.0027 40  ASN A O   
275 C CB  . ASN A 39  ? 0.2400 0.2321 0.2357 -0.0013 -0.0089 -0.0069 40  ASN A CB  
276 C CG  . ASN A 39  ? 0.2485 0.2434 0.2476 -0.0031 -0.0083 -0.0043 40  ASN A CG  
277 O OD1 . ASN A 39  ? 0.2720 0.2653 0.2739 -0.0047 -0.0085 -0.0040 40  ASN A OD1 
278 N ND2 . ASN A 39  ? 0.2489 0.2485 0.2486 -0.0028 -0.0076 -0.0024 40  ASN A ND2 
279 N N   . GLY A 40  ? 0.2862 0.2630 0.2814 -0.0025 -0.0059 -0.0037 41  GLY A N   
280 C CA  . GLY A 40  ? 0.3062 0.2809 0.3004 -0.0028 -0.0037 -0.0014 41  GLY A CA  
281 C C   . GLY A 40  ? 0.2959 0.2733 0.2933 -0.0043 -0.0019 0.0006  41  GLY A C   
282 O O   . GLY A 40  ? 0.2944 0.2728 0.2952 -0.0059 -0.0019 0.0011  41  GLY A O   
283 N N   . ILE A 41  ? 0.2325 0.2116 0.2294 -0.0036 -0.0004 0.0016  42  ILE A N   
284 C CA  . ILE A 41  ? 0.2277 0.2090 0.2279 -0.0045 0.0014  0.0031  42  ILE A CA  
285 C C   . ILE A 41  ? 0.2245 0.2029 0.2234 -0.0048 0.0038  0.0041  42  ILE A C   
286 O O   . ILE A 41  ? 0.2410 0.2209 0.2429 -0.0055 0.0057  0.0052  42  ILE A O   
287 C CB  . ILE A 41  ? 0.2229 0.2084 0.2245 -0.0037 0.0012  0.0035  42  ILE A CB  
288 C CG1 . ILE A 41  ? 0.2142 0.1989 0.2124 -0.0025 0.0012  0.0029  42  ILE A CG1 
289 C CG2 . ILE A 41  ? 0.2411 0.2305 0.2442 -0.0038 -0.0008 0.0031  42  ILE A CG2 
290 C CD1 . ILE A 41  ? 0.2229 0.2111 0.2229 -0.0022 0.0012  0.0037  42  ILE A CD1 
291 N N   . VAL A 42  ? 0.2076 0.1826 0.2020 -0.0040 0.0037  0.0038  43  VAL A N   
292 C CA  . VAL A 42  ? 0.2155 0.1877 0.2074 -0.0042 0.0058  0.0048  43  VAL A CA  
293 C C   . VAL A 42  ? 0.2442 0.2118 0.2319 -0.0040 0.0048  0.0051  43  VAL A C   
294 O O   . VAL A 42  ? 0.2090 0.1755 0.1948 -0.0027 0.0026  0.0040  43  VAL A O   
295 C CB  . VAL A 42  ? 0.1974 0.1703 0.1872 -0.0030 0.0065  0.0042  43  VAL A CB  
296 C CG1 . VAL A 42  ? 0.2429 0.2134 0.2289 -0.0032 0.0084  0.0048  43  VAL A CG1 
297 C CG2 . VAL A 42  ? 0.1884 0.1651 0.1827 -0.0030 0.0075  0.0041  43  VAL A CG2 
298 N N   . TRP A 43  ? 0.2870 0.2518 0.2736 -0.0053 0.0065  0.0068  44  TRP A N   
299 C CA  . TRP A 43  ? 0.2901 0.2500 0.2727 -0.0053 0.0057  0.0080  44  TRP A CA  
300 C C   . TRP A 43  ? 0.3144 0.2730 0.2928 -0.0056 0.0081  0.0097  44  TRP A C   
301 O O   . TRP A 43  ? 0.2948 0.2556 0.2750 -0.0070 0.0109  0.0106  44  TRP A O   
302 C CB  . TRP A 43  ? 0.2965 0.2537 0.2816 -0.0072 0.0050  0.0089  44  TRP A CB  
303 C CG  . TRP A 43  ? 0.3383 0.2957 0.3258 -0.0066 0.0022  0.0068  44  TRP A CG  
304 C CD1 . TRP A 43  ? 0.3178 0.2796 0.3099 -0.0072 0.0017  0.0053  44  TRP A CD1 
305 C CD2 . TRP A 43  ? 0.3704 0.3237 0.3560 -0.0052 -0.0006 0.0056  44  TRP A CD2 
306 N NE1 . TRP A 43  ? 0.3635 0.3244 0.3559 -0.0062 -0.0011 0.0032  44  TRP A NE1 
307 C CE2 . TRP A 43  ? 0.3705 0.3263 0.3594 -0.0049 -0.0024 0.0031  44  TRP A CE2 
308 C CE3 . TRP A 43  ? 0.4370 0.3851 0.4188 -0.0038 -0.0017 0.0065  44  TRP A CE3 
309 C CZ2 . TRP A 43  ? 0.4408 0.3938 0.4290 -0.0033 -0.0051 0.0008  44  TRP A CZ2 
310 C CZ3 . TRP A 43  ? 0.5132 0.4584 0.4949 -0.0021 -0.0046 0.0045  44  TRP A CZ3 
311 C CH2 . TRP A 43  ? 0.4269 0.3746 0.4117 -0.0018 -0.0061 0.0015  44  TRP A CH2 
312 N N   . THR A 44  ? 0.2845 0.2401 0.2576 -0.0043 0.0069  0.0102  45  THR A N   
313 C CA  . THR A 44  ? 0.3038 0.2579 0.2717 -0.0047 0.0088  0.0121  45  THR A CA  
314 C C   . THR A 44  ? 0.3764 0.3251 0.3413 -0.0052 0.0079  0.0150  45  THR A C   
315 O O   . THR A 44  ? 0.3763 0.3217 0.3417 -0.0044 0.0050  0.0147  45  THR A O   
316 C CB  . THR A 44  ? 0.3555 0.3107 0.3188 -0.0026 0.0080  0.0107  45  THR A CB  
317 O OG1 . THR A 44  ? 0.3011 0.2537 0.2624 -0.0007 0.0046  0.0105  45  THR A OG1 
318 C CG2 . THR A 44  ? 0.3211 0.2809 0.2880 -0.0020 0.0084  0.0079  45  THR A CG2 
319 N N   . ASN A 45  ? 0.3112 0.2589 0.2726 -0.0067 0.0103  0.0177  46  ASN A N   
320 C CA  . ASN A 45  ? 0.3778 0.3198 0.3351 -0.0073 0.0095  0.0213  46  ASN A CA  
321 C C   . ASN A 45  ? 0.3512 0.2938 0.3012 -0.0065 0.0106  0.0226  46  ASN A C   
322 O O   . ASN A 45  ? 0.3668 0.3123 0.3151 -0.0078 0.0141  0.0233  46  ASN A O   
323 C CB  . ASN A 45  ? 0.3988 0.3396 0.3595 -0.0107 0.0117  0.0241  46  ASN A CB  
324 C CG  . ASN A 45  ? 0.4345 0.3685 0.3924 -0.0118 0.0105  0.0281  46  ASN A CG  
325 O OD1 . ASN A 45  ? 0.4490 0.3782 0.4060 -0.0100 0.0069  0.0279  46  ASN A OD1 
326 N ND2 . ASN A 45  ? 0.4550 0.3887 0.4118 -0.0146 0.0135  0.0319  46  ASN A ND2 
327 N N   . GLY A 46  ? 0.4003 0.3406 0.3459 -0.0041 0.0075  0.0226  47  GLY A N   
328 C CA  . GLY A 46  ? 0.3516 0.2935 0.2902 -0.0029 0.0078  0.0227  47  GLY A CA  
329 C C   . GLY A 46  ? 0.4319 0.3795 0.3725 -0.0023 0.0092  0.0185  47  GLY A C   
330 O O   . GLY A 46  ? 0.4026 0.3520 0.3485 -0.0015 0.0079  0.0157  47  GLY A O   
331 N N   . THR A 47  ? 0.4138 0.3643 0.3503 -0.0028 0.0120  0.0183  48  THR A N   
332 C CA  . THR A 47  ? 0.4269 0.3818 0.3647 -0.0020 0.0131  0.0142  48  THR A CA  
333 C C   . THR A 47  ? 0.4755 0.4338 0.4190 -0.0035 0.0167  0.0129  48  THR A C   
334 O O   . THR A 47  ? 0.4932 0.4548 0.4369 -0.0030 0.0186  0.0101  48  THR A O   
335 C CB  . THR A 47  ? 0.4258 0.3823 0.3556 -0.0013 0.0138  0.0135  48  THR A CB  
336 O OG1 . THR A 47  ? 0.4376 0.3946 0.3638 -0.0030 0.0177  0.0161  48  THR A OG1 
337 C CG2 . THR A 47  ? 0.3797 0.3335 0.3037 0.0003  0.0099  0.0148  48  THR A CG2 
338 N N   . HIS A 48  ? 0.5014 0.4589 0.4501 -0.0051 0.0175  0.0147  49  HIS A N   
339 C CA  . HIS A 48  ? 0.5385 0.4997 0.4936 -0.0062 0.0205  0.0135  49  HIS A CA  
340 C C   . HIS A 48  ? 0.4525 0.4134 0.4150 -0.0069 0.0191  0.0135  49  HIS A C   
341 O O   . HIS A 48  ? 0.4196 0.3771 0.3824 -0.0075 0.0170  0.0153  49  HIS A O   
342 C CB  . HIS A 48  ? 0.5236 0.4867 0.4766 -0.0080 0.0249  0.0154  49  HIS A CB  
343 C CG  . HIS A 48  ? 0.5590 0.5228 0.5179 -0.0103 0.0267  0.0179  49  HIS A CG  
344 N ND1 . HIS A 48  ? 0.5472 0.5157 0.5112 -0.0114 0.0302  0.0171  49  HIS A ND1 
345 C CD2 . HIS A 48  ? 0.5266 0.4866 0.4871 -0.0121 0.0252  0.0208  49  HIS A CD2 
346 C CE1 . HIS A 48  ? 0.5578 0.5262 0.5269 -0.0138 0.0308  0.0196  49  HIS A CE1 
347 N NE2 . HIS A 48  ? 0.6025 0.5655 0.5694 -0.0144 0.0278  0.0219  49  HIS A NE2 
348 N N   . VAL A 49  ? 0.4151 0.3796 0.3834 -0.0066 0.0197  0.0111  50  VAL A N   
349 C CA  . VAL A 49  ? 0.3536 0.3190 0.3287 -0.0071 0.0182  0.0107  50  VAL A CA  
350 C C   . VAL A 49  ? 0.3813 0.3473 0.3605 -0.0095 0.0200  0.0129  50  VAL A C   
351 O O   . VAL A 49  ? 0.3593 0.3285 0.3404 -0.0104 0.0234  0.0134  50  VAL A O   
352 C CB  . VAL A 49  ? 0.3352 0.3045 0.3153 -0.0061 0.0185  0.0082  50  VAL A CB  
353 C CG1 . VAL A 49  ? 0.3149 0.2855 0.3012 -0.0065 0.0167  0.0081  50  VAL A CG1 
354 C CG2 . VAL A 49  ? 0.3371 0.3059 0.3138 -0.0041 0.0169  0.0060  50  VAL A CG2 
355 N N   . THR A 50  ? 0.3007 0.2639 0.2815 -0.0105 0.0177  0.0140  51  THR A N   
356 C CA  . THR A 50  ? 0.3426 0.3060 0.3278 -0.0132 0.0188  0.0160  51  THR A CA  
357 C C   . THR A 50  ? 0.2867 0.2533 0.2795 -0.0137 0.0177  0.0146  51  THR A C   
358 O O   . THR A 50  ? 0.3390 0.3082 0.3369 -0.0158 0.0191  0.0156  51  THR A O   
359 C CB  . THR A 50  ? 0.3192 0.2766 0.3014 -0.0144 0.0171  0.0184  51  THR A CB  
360 O OG1 . THR A 50  ? 0.2906 0.2448 0.2718 -0.0125 0.0132  0.0167  51  THR A OG1 
361 C CG2 . THR A 50  ? 0.3844 0.3392 0.3594 -0.0143 0.0186  0.0209  51  THR A CG2 
362 N N   . TYR A 51  ? 0.2805 0.2476 0.2738 -0.0118 0.0149  0.0123  52  TYR A N   
363 C CA  . TYR A 51  ? 0.2496 0.2204 0.2490 -0.0119 0.0136  0.0110  52  TYR A CA  
364 C C   . TYR A 51  ? 0.2721 0.2456 0.2717 -0.0097 0.0128  0.0091  52  TYR A C   
365 O O   . TYR A 51  ? 0.2586 0.2302 0.2538 -0.0080 0.0116  0.0082  52  TYR A O   
366 C CB  . TYR A 51  ? 0.2509 0.2191 0.2511 -0.0125 0.0102  0.0104  52  TYR A CB  
367 C CG  . TYR A 51  ? 0.2760 0.2486 0.2817 -0.0126 0.0084  0.0089  52  TYR A CG  
368 C CD1 . TYR A 51  ? 0.2849 0.2608 0.2968 -0.0147 0.0091  0.0095  52  TYR A CD1 
369 C CD2 . TYR A 51  ? 0.2207 0.1946 0.2254 -0.0107 0.0062  0.0071  52  TYR A CD2 
370 C CE1 . TYR A 51  ? 0.2732 0.2534 0.2896 -0.0147 0.0071  0.0083  52  TYR A CE1 
371 C CE2 . TYR A 51  ? 0.2590 0.2372 0.2680 -0.0107 0.0045  0.0061  52  TYR A CE2 
372 C CZ  . TYR A 51  ? 0.2813 0.2623 0.2957 -0.0127 0.0048  0.0067  52  TYR A CZ  
373 O OH  . TYR A 51  ? 0.3180 0.3037 0.3365 -0.0128 0.0029  0.0060  52  TYR A OH  
374 N N   . ARG A 52  ? 0.2900 0.2682 0.2954 -0.0096 0.0134  0.0087  53  ARG A N   
375 C CA  . ARG A 52  ? 0.2932 0.2736 0.2997 -0.0079 0.0119  0.0075  53  ARG A CA  
376 C C   . ARG A 52  ? 0.3461 0.3308 0.3591 -0.0084 0.0107  0.0076  53  ARG A C   
377 O O   . ARG A 52  ? 0.2997 0.2871 0.3174 -0.0095 0.0122  0.0084  53  ARG A O   
378 C CB  . ARG A 52  ? 0.3563 0.3374 0.3621 -0.0064 0.0141  0.0069  53  ARG A CB  
379 C CG  . ARG A 52  ? 0.3956 0.3795 0.4055 -0.0068 0.0173  0.0072  53  ARG A CG  
380 C CD  . ARG A 52  ? 0.4085 0.3928 0.4182 -0.0050 0.0186  0.0058  53  ARG A CD  
381 N NE  . ARG A 52  ? 0.4849 0.4698 0.4940 -0.0048 0.0223  0.0053  53  ARG A NE  
382 C CZ  . ARG A 52  ? 0.5453 0.5305 0.5542 -0.0032 0.0239  0.0035  53  ARG A CZ  
383 N NH1 . ARG A 52  ? 0.4535 0.4377 0.4631 -0.0019 0.0220  0.0023  53  ARG A NH1 
384 N NH2 . ARG A 52  ? 0.5597 0.5460 0.5678 -0.0030 0.0274  0.0026  53  ARG A NH2 
385 N N   . LYS A 53  ? 0.2596 0.2455 0.2724 -0.0076 0.0080  0.0070  54  LYS A N   
386 C CA  . LYS A 53  ? 0.2827 0.2726 0.3002 -0.0082 0.0062  0.0072  54  LYS A CA  
387 C C   . LYS A 53  ? 0.3800 0.3739 0.4026 -0.0073 0.0071  0.0081  54  LYS A C   
388 O O   . LYS A 53  ? 0.3488 0.3466 0.3769 -0.0081 0.0065  0.0089  54  LYS A O   
389 C CB  . LYS A 53  ? 0.3336 0.3239 0.3484 -0.0075 0.0032  0.0062  54  LYS A CB  
390 C CG  . LYS A 53  ? 0.3231 0.3186 0.3416 -0.0072 0.0014  0.0067  54  LYS A CG  
391 C CD  . LYS A 53  ? 0.3942 0.3908 0.4122 -0.0080 -0.0014 0.0055  54  LYS A CD  
392 C CE  . LYS A 53  ? 0.4362 0.4339 0.4588 -0.0100 -0.0015 0.0056  54  LYS A CE  
393 N NZ  . LYS A 53  ? 0.4536 0.4574 0.4817 -0.0101 -0.0026 0.0068  54  LYS A NZ  
394 N N   . ASP A 54  ? 0.3833 0.3759 0.4044 -0.0059 0.0083  0.0081  55  ASP A N   
395 C CA  . ASP A 54  ? 0.3398 0.3350 0.3655 -0.0046 0.0089  0.0088  55  ASP A CA  
396 C C   . ASP A 54  ? 0.4040 0.3971 0.4289 -0.0038 0.0120  0.0080  55  ASP A C   
397 O O   . ASP A 54  ? 0.3487 0.3383 0.3683 -0.0035 0.0127  0.0069  55  ASP A O   
398 C CB  . ASP A 54  ? 0.3736 0.3695 0.3983 -0.0037 0.0067  0.0094  55  ASP A CB  
399 C CG  . ASP A 54  ? 0.4372 0.4361 0.4678 -0.0027 0.0062  0.0110  55  ASP A CG  
400 O OD1 . ASP A 54  ? 0.3972 0.3986 0.4284 -0.0026 0.0038  0.0124  55  ASP A OD1 
401 O OD2 . ASP A 54  ? 0.4402 0.4392 0.4747 -0.0018 0.0083  0.0109  55  ASP A OD2 
402 N N   . THR A 55  ? 0.4046 0.4002 0.4352 -0.0031 0.0138  0.0082  56  THR A N   
403 C CA  . THR A 55  ? 0.3574 0.3517 0.3879 -0.0019 0.0168  0.0068  56  THR A CA  
404 C C   . THR A 55  ? 0.2983 0.2896 0.3265 -0.0006 0.0160  0.0060  56  THR A C   
405 O O   . THR A 55  ? 0.3106 0.2996 0.3365 0.0003  0.0179  0.0041  56  THR A O   
406 C CB  . THR A 55  ? 0.4079 0.4060 0.4460 -0.0010 0.0184  0.0071  56  THR A CB  
407 O OG1 . THR A 55  ? 0.4207 0.4177 0.4594 0.0008  0.0210  0.0052  56  THR A OG1 
408 C CG2 . THR A 55  ? 0.2939 0.2948 0.3375 -0.0003 0.0155  0.0089  56  THR A CG2 
409 N N   . ARG A 56  ? 0.2983 0.2900 0.3273 -0.0005 0.0132  0.0072  57  ARG A N   
410 C CA  . ARG A 56  ? 0.2674 0.2565 0.2946 0.0002  0.0123  0.0068  57  ARG A CA  
411 C C   . ARG A 56  ? 0.2608 0.2469 0.2809 -0.0004 0.0121  0.0054  57  ARG A C   
412 O O   . ARG A 56  ? 0.2564 0.2403 0.2750 0.0000  0.0117  0.0046  57  ARG A O   
413 C CB  . ARG A 56  ? 0.2676 0.2585 0.2972 0.0002  0.0095  0.0092  57  ARG A CB  
414 C CG  . ARG A 56  ? 0.2564 0.2497 0.2932 0.0013  0.0092  0.0109  57  ARG A CG  
415 C CD  . ARG A 56  ? 0.2409 0.2364 0.2789 0.0010  0.0063  0.0137  57  ARG A CD  
416 N NE  . ARG A 56  ? 0.2176 0.2153 0.2514 -0.0003 0.0046  0.0141  57  ARG A NE  
417 C CZ  . ARG A 56  ? 0.2718 0.2702 0.3022 -0.0010 0.0028  0.0151  57  ARG A CZ  
418 N NH1 . ARG A 56  ? 0.2527 0.2496 0.2837 -0.0008 0.0026  0.0163  57  ARG A NH1 
419 N NH2 . ARG A 56  ? 0.2141 0.2147 0.2411 -0.0018 0.0015  0.0148  57  ARG A NH2 
420 N N   . TYR A 57  ? 0.2294 0.2154 0.2457 -0.0014 0.0121  0.0053  58  TYR A N   
421 C CA  . TYR A 57  ? 0.2543 0.2377 0.2642 -0.0016 0.0114  0.0043  58  TYR A CA  
422 C C   . TYR A 57  ? 0.2529 0.2339 0.2592 -0.0015 0.0137  0.0028  58  TYR A C   
423 O O   . TYR A 57  ? 0.2207 0.2024 0.2273 -0.0019 0.0156  0.0031  58  TYR A O   
424 C CB  . TYR A 57  ? 0.2525 0.2363 0.2601 -0.0025 0.0099  0.0050  58  TYR A CB  
425 C CG  . TYR A 57  ? 0.2592 0.2458 0.2690 -0.0027 0.0075  0.0060  58  TYR A CG  
426 C CD1 . TYR A 57  ? 0.2572 0.2449 0.2671 -0.0035 0.0063  0.0063  58  TYR A CD1 
427 C CD2 . TYR A 57  ? 0.2311 0.2190 0.2423 -0.0023 0.0065  0.0067  58  TYR A CD2 
428 C CE1 . TYR A 57  ? 0.2386 0.2293 0.2497 -0.0036 0.0041  0.0068  58  TYR A CE1 
429 C CE2 . TYR A 57  ? 0.2664 0.2574 0.2788 -0.0025 0.0044  0.0079  58  TYR A CE2 
430 C CZ  . TYR A 57  ? 0.3038 0.2966 0.3159 -0.0031 0.0033  0.0078  58  TYR A CZ  
431 O OH  . TYR A 57  ? 0.2606 0.2570 0.2730 -0.0032 0.0013  0.0086  58  TYR A OH  
432 N N   . LYS A 58  ? 0.2684 0.2475 0.2715 -0.0008 0.0136  0.0012  59  LYS A N   
433 C CA  . LYS A 58  ? 0.2805 0.2577 0.2792 -0.0006 0.0156  -0.0005 59  LYS A CA  
434 C C   . LYS A 58  ? 0.2576 0.2328 0.2502 -0.0006 0.0140  -0.0014 59  LYS A C   
435 O O   . LYS A 58  ? 0.2919 0.2672 0.2849 -0.0005 0.0119  -0.0018 59  LYS A O   
436 C CB  . LYS A 58  ? 0.2813 0.2582 0.2824 0.0004  0.0172  -0.0026 59  LYS A CB  
437 C CG  . LYS A 58  ? 0.3650 0.3435 0.3735 0.0010  0.0177  -0.0019 59  LYS A CG  
438 C CD  . LYS A 58  ? 0.4112 0.3920 0.4223 0.0012  0.0206  -0.0018 59  LYS A CD  
439 C CE  . LYS A 58  ? 0.4172 0.3997 0.4362 0.0024  0.0210  -0.0015 59  LYS A CE  
440 N NZ  . LYS A 58  ? 0.4020 0.3878 0.4245 0.0027  0.0238  -0.0014 59  LYS A NZ  
441 N N   . LEU A 59  ? 0.2751 0.2490 0.2622 -0.0007 0.0150  -0.0015 60  LEU A N   
442 C CA  . LEU A 59  ? 0.2846 0.2569 0.2659 -0.0003 0.0134  -0.0025 60  LEU A CA  
443 C C   . LEU A 59  ? 0.3029 0.2744 0.2811 0.0001  0.0152  -0.0049 60  LEU A C   
444 O O   . LEU A 59  ? 0.2992 0.2706 0.2740 0.0001  0.0175  -0.0047 60  LEU A O   
445 C CB  . LEU A 59  ? 0.3301 0.3009 0.3068 -0.0007 0.0128  -0.0007 60  LEU A CB  
446 C CG  . LEU A 59  ? 0.3459 0.3164 0.3228 -0.0005 0.0098  0.0002  60  LEU A CG  
447 C CD1 . LEU A 59  ? 0.2975 0.2700 0.2804 -0.0008 0.0092  0.0008  60  LEU A CD1 
448 C CD2 . LEU A 59  ? 0.3065 0.2746 0.2796 -0.0005 0.0092  0.0020  60  LEU A CD2 
449 N N   . LEU A 60  ? 0.3001 0.2716 0.2796 0.0006  0.0142  -0.0072 61  LEU A N   
450 C CA  . LEU A 60  ? 0.3340 0.3047 0.3119 0.0011  0.0159  -0.0103 61  LEU A CA  
451 C C   . LEU A 60  ? 0.3158 0.2856 0.2866 0.0013  0.0145  -0.0122 61  LEU A C   
452 O O   . LEU A 60  ? 0.3526 0.3220 0.3205 0.0018  0.0158  -0.0152 61  LEU A O   
453 C CB  . LEU A 60  ? 0.3046 0.2749 0.2888 0.0014  0.0157  -0.0120 61  LEU A CB  
454 C CG  . LEU A 60  ? 0.3298 0.3014 0.3212 0.0015  0.0167  -0.0100 61  LEU A CG  
455 C CD1 . LEU A 60  ? 0.3559 0.3265 0.3536 0.0019  0.0162  -0.0113 61  LEU A CD1 
456 C CD2 . LEU A 60  ? 0.3273 0.3001 0.3187 0.0020  0.0201  -0.0100 61  LEU A CD2 
457 N N   . GLY A 61  ? 0.3584 0.3282 0.3267 0.0011  0.0119  -0.0108 62  GLY A N   
458 C CA  . GLY A 61  ? 0.3087 0.2782 0.2710 0.0014  0.0098  -0.0124 62  GLY A CA  
459 C C   . GLY A 61  ? 0.3412 0.3103 0.2960 0.0017  0.0109  -0.0112 62  GLY A C   
460 O O   . GLY A 61  ? 0.3045 0.2734 0.2592 0.0014  0.0134  -0.0090 62  GLY A O   
461 N N   . ASP A 62  ? 0.2990 0.2680 0.2476 0.0021  0.0089  -0.0122 63  ASP A N   
462 C CA  . ASP A 62  ? 0.3194 0.2878 0.2599 0.0025  0.0094  -0.0104 63  ASP A CA  
463 C C   . ASP A 62  ? 0.3490 0.3162 0.2889 0.0027  0.0075  -0.0065 63  ASP A C   
464 O O   . ASP A 62  ? 0.3241 0.2915 0.2626 0.0035  0.0041  -0.0063 63  ASP A O   
465 C CB  . ASP A 62  ? 0.3295 0.2987 0.2637 0.0031  0.0074  -0.0132 63  ASP A CB  
466 C CG  . ASP A 62  ? 0.4424 0.4114 0.3672 0.0034  0.0083  -0.0116 63  ASP A CG  
467 O OD1 . ASP A 62  ? 0.3976 0.3654 0.3210 0.0031  0.0099  -0.0075 63  ASP A OD1 
468 O OD2 . ASP A 62  ? 0.4764 0.4465 0.3951 0.0038  0.0073  -0.0143 63  ASP A OD2 
469 N N   . LEU A 63  ? 0.3192 0.2854 0.2606 0.0021  0.0096  -0.0035 64  LEU A N   
470 C CA  . LEU A 63  ? 0.3354 0.2994 0.2764 0.0023  0.0079  0.0000  64  LEU A CA  
471 C C   . LEU A 63  ? 0.3399 0.3024 0.2729 0.0030  0.0062  0.0019  64  LEU A C   
472 O O   . LEU A 63  ? 0.3365 0.2972 0.2690 0.0040  0.0034  0.0039  64  LEU A O   
473 C CB  . LEU A 63  ? 0.3405 0.3035 0.2849 0.0010  0.0105  0.0026  64  LEU A CB  
474 C CG  . LEU A 63  ? 0.3665 0.3307 0.3193 0.0005  0.0109  0.0018  64  LEU A CG  
475 C CD1 . LEU A 63  ? 0.3675 0.3341 0.3235 0.0001  0.0137  -0.0006 64  LEU A CD1 
476 C CD2 . LEU A 63  ? 0.3297 0.2925 0.2853 -0.0005 0.0116  0.0047  64  LEU A CD2 
477 N N   . SER A 64  ? 0.3355 0.2988 0.2622 0.0029  0.0079  0.0014  65  SER A N   
478 C CA  . SER A 64  ? 0.3764 0.3384 0.2946 0.0036  0.0061  0.0036  65  SER A CA  
479 C C   . SER A 64  ? 0.3650 0.3281 0.2821 0.0052  0.0016  0.0016  65  SER A C   
480 O O   . SER A 64  ? 0.3793 0.3412 0.2913 0.0063  -0.0012 0.0039  65  SER A O   
481 C CB  . SER A 64  ? 0.4077 0.3711 0.3186 0.0030  0.0091  0.0036  65  SER A CB  
482 O OG  . SER A 64  ? 0.3998 0.3660 0.3094 0.0035  0.0091  -0.0014 65  SER A OG  
483 N N   . ARG A 65  ? 0.3042 0.2697 0.2263 0.0051  0.0009  -0.0024 66  ARG A N   
484 C CA  . ARG A 65  ? 0.3193 0.2864 0.2420 0.0062  -0.0031 -0.0044 66  ARG A CA  
485 C C   . ARG A 65  ? 0.3760 0.3440 0.3072 0.0064  -0.0046 -0.0045 66  ARG A C   
486 O O   . ARG A 65  ? 0.2949 0.2652 0.2297 0.0065  -0.0067 -0.0072 66  ARG A O   
487 C CB  . ARG A 65  ? 0.3829 0.3526 0.3040 0.0058  -0.0034 -0.0089 66  ARG A CB  
488 C CG  . ARG A 65  ? 0.4061 0.3758 0.3188 0.0057  -0.0013 -0.0093 66  ARG A CG  
489 C CD  . ARG A 65  ? 0.4620 0.4341 0.3697 0.0060  -0.0037 -0.0131 66  ARG A CD  
490 N NE  . ARG A 65  ? 0.5117 0.4842 0.4115 0.0058  -0.0010 -0.0145 66  ARG A NE  
491 C CZ  . ARG A 65  ? 0.6052 0.5773 0.4968 0.0061  0.0002  -0.0109 66  ARG A CZ  
492 N NH1 . ARG A 65  ? 0.6253 0.5953 0.5155 0.0066  -0.0012 -0.0055 66  ARG A NH1 
493 N NH2 . ARG A 65  ? 0.5548 0.5284 0.4395 0.0058  0.0030  -0.0127 66  ARG A NH2 
494 N N   . ARG A 66  ? 0.3319 0.2976 0.2660 0.0063  -0.0035 -0.0017 67  ARG A N   
495 C CA  . ARG A 66  ? 0.3439 0.3101 0.2842 0.0070  -0.0052 -0.0015 67  ARG A CA  
496 C C   . ARG A 66  ? 0.3056 0.2746 0.2530 0.0060  -0.0044 -0.0040 67  ARG A C   
497 O O   . ARG A 66  ? 0.3100 0.2813 0.2620 0.0065  -0.0063 -0.0046 67  ARG A O   
498 C CB  . ARG A 66  ? 0.3284 0.2957 0.2674 0.0089  -0.0092 -0.0013 67  ARG A CB  
499 C CG  . ARG A 66  ? 0.3780 0.3424 0.3098 0.0101  -0.0105 0.0017  67  ARG A CG  
500 C CD  . ARG A 66  ? 0.4069 0.3722 0.3384 0.0125  -0.0149 0.0020  67  ARG A CD  
501 N NE  . ARG A 66  ? 0.3869 0.3571 0.3192 0.0128  -0.0170 -0.0013 67  ARG A NE  
502 C CZ  . ARG A 66  ? 0.4893 0.4619 0.4219 0.0148  -0.0210 -0.0016 67  ARG A CZ  
503 N NH1 . ARG A 66  ? 0.4336 0.4039 0.3655 0.0172  -0.0231 0.0011  67  ARG A NH1 
504 N NH2 . ARG A 66  ? 0.4783 0.4558 0.4124 0.0145  -0.0229 -0.0048 67  ARG A NH2 
505 N N   . ASP A 67  ? 0.2945 0.2636 0.2429 0.0046  -0.0016 -0.0054 68  ASP A N   
506 C CA  . ASP A 67  ? 0.2992 0.2701 0.2545 0.0036  -0.0007 -0.0069 68  ASP A CA  
507 C C   . ASP A 67  ? 0.2864 0.2561 0.2452 0.0029  0.0018  -0.0051 68  ASP A C   
508 O O   . ASP A 67  ? 0.2944 0.2631 0.2527 0.0023  0.0046  -0.0050 68  ASP A O   
509 C CB  . ASP A 67  ? 0.3318 0.3032 0.2871 0.0029  0.0004  -0.0100 68  ASP A CB  
510 C CG  . ASP A 67  ? 0.3144 0.2871 0.2770 0.0018  0.0009  -0.0111 68  ASP A CG  
511 O OD1 . ASP A 67  ? 0.3361 0.3097 0.3034 0.0017  0.0008  -0.0094 68  ASP A OD1 
512 O OD2 . ASP A 67  ? 0.3257 0.2982 0.2894 0.0012  0.0014  -0.0139 68  ASP A OD2 
513 N N   . VAL A 68  ? 0.2689 0.2393 0.2313 0.0032  0.0008  -0.0038 69  VAL A N   
514 C CA  . VAL A 68  ? 0.2707 0.2405 0.2368 0.0025  0.0025  -0.0023 69  VAL A CA  
515 C C   . VAL A 68  ? 0.2769 0.2495 0.2492 0.0019  0.0026  -0.0030 69  VAL A C   
516 O O   . VAL A 68  ? 0.2576 0.2307 0.2331 0.0017  0.0027  -0.0019 69  VAL A O   
517 C CB  . VAL A 68  ? 0.2427 0.2107 0.2077 0.0031  0.0013  -0.0004 69  VAL A CB  
518 C CG1 . VAL A 68  ? 0.3236 0.2882 0.2828 0.0033  0.0019  0.0013  69  VAL A CG1 
519 C CG2 . VAL A 68  ? 0.2863 0.2558 0.2518 0.0046  -0.0017 -0.0011 69  VAL A CG2 
520 N N   . SER A 69  ? 0.2400 0.2140 0.2139 0.0015  0.0023  -0.0047 70  SER A N   
521 C CA  . SER A 69  ? 0.2222 0.1986 0.2020 0.0007  0.0024  -0.0048 70  SER A CA  
522 C C   . SER A 69  ? 0.2642 0.2398 0.2471 0.0002  0.0045  -0.0036 70  SER A C   
523 O O   . SER A 69  ? 0.2485 0.2224 0.2299 0.0002  0.0065  -0.0038 70  SER A O   
524 C CB  . SER A 69  ? 0.2479 0.2245 0.2289 0.0001  0.0020  -0.0069 70  SER A CB  
525 O OG  . SER A 69  ? 0.2213 0.1991 0.1997 0.0004  -0.0002 -0.0082 70  SER A OG  
526 N N   . LEU A 70  ? 0.2470 0.2247 0.2341 -0.0002 0.0042  -0.0023 71  LEU A N   
527 C CA  . LEU A 70  ? 0.2037 0.1816 0.1944 -0.0006 0.0056  -0.0010 71  LEU A CA  
528 C C   . LEU A 70  ? 0.2494 0.2282 0.2448 -0.0011 0.0061  -0.0009 71  LEU A C   
529 O O   . LEU A 70  ? 0.2314 0.2119 0.2289 -0.0015 0.0047  -0.0005 71  LEU A O   
530 C CB  . LEU A 70  ? 0.1986 0.1785 0.1905 -0.0006 0.0045  0.0004  71  LEU A CB  
531 C CG  . LEU A 70  ? 0.2013 0.1828 0.1976 -0.0012 0.0052  0.0019  71  LEU A CG  
532 C CD1 . LEU A 70  ? 0.2095 0.1894 0.2060 -0.0014 0.0070  0.0022  71  LEU A CD1 
533 C CD2 . LEU A 70  ? 0.1984 0.1826 0.1957 -0.0012 0.0037  0.0028  71  LEU A CD2 
534 N N   . THR A 71  ? 0.2369 0.2144 0.2344 -0.0010 0.0079  -0.0013 72  THR A N   
535 C CA  . THR A 71  ? 0.2440 0.2216 0.2469 -0.0011 0.0083  -0.0008 72  THR A CA  
536 C C   . THR A 71  ? 0.2322 0.2116 0.2390 -0.0010 0.0086  0.0015  72  THR A C   
537 O O   . THR A 71  ? 0.2115 0.1913 0.2182 -0.0008 0.0098  0.0017  72  THR A O   
538 C CB  . THR A 71  ? 0.2577 0.2328 0.2609 -0.0005 0.0101  -0.0032 72  THR A CB  
539 O OG1 . THR A 71  ? 0.2384 0.2118 0.2372 -0.0006 0.0095  -0.0056 72  THR A OG1 
540 C CG2 . THR A 71  ? 0.2594 0.2337 0.2689 -0.0003 0.0103  -0.0028 72  THR A CG2 
541 N N   . ILE A 72  ? 0.2213 0.2026 0.2320 -0.0014 0.0073  0.0034  73  ILE A N   
542 C CA  . ILE A 72  ? 0.2242 0.2077 0.2390 -0.0013 0.0072  0.0057  73  ILE A CA  
543 C C   . ILE A 72  ? 0.3022 0.2845 0.3224 -0.0007 0.0077  0.0063  73  ILE A C   
544 O O   . ILE A 72  ? 0.2398 0.2213 0.2619 -0.0012 0.0067  0.0072  73  ILE A O   
545 C CB  . ILE A 72  ? 0.2309 0.2178 0.2457 -0.0020 0.0052  0.0078  73  ILE A CB  
546 C CG1 . ILE A 72  ? 0.2159 0.2038 0.2256 -0.0022 0.0045  0.0068  73  ILE A CG1 
547 C CG2 . ILE A 72  ? 0.2697 0.2593 0.2881 -0.0017 0.0048  0.0101  73  ILE A CG2 
548 C CD1 . ILE A 72  ? 0.2076 0.1993 0.2169 -0.0026 0.0028  0.0082  73  ILE A CD1 
549 N N   . GLU A 73  ? 0.2866 0.2684 0.3095 0.0003  0.0093  0.0058  74  GLU A N   
550 C CA  . GLU A 73  ? 0.3179 0.2984 0.3467 0.0014  0.0098  0.0061  74  GLU A CA  
551 C C   . GLU A 73  ? 0.2864 0.2698 0.3203 0.0015  0.0081  0.0097  74  GLU A C   
552 O O   . GLU A 73  ? 0.2683 0.2550 0.3009 0.0009  0.0071  0.0114  74  GLU A O   
553 C CB  . GLU A 73  ? 0.3308 0.3111 0.3612 0.0027  0.0124  0.0039  74  GLU A CB  
554 C CG  . GLU A 73  ? 0.4269 0.4056 0.4514 0.0025  0.0142  0.0009  74  GLU A CG  
555 C CD  . GLU A 73  ? 0.5085 0.4836 0.5328 0.0034  0.0153  -0.0025 74  GLU A CD  
556 O OE1 . GLU A 73  ? 0.5675 0.5408 0.5968 0.0040  0.0146  -0.0024 74  GLU A OE1 
557 O OE2 . GLU A 73  ? 0.5271 0.5015 0.5463 0.0034  0.0168  -0.0051 74  GLU A OE2 
558 N N   . ASN A 74  ? 0.2765 0.2580 0.3157 0.0023  0.0077  0.0109  75  ASN A N   
559 C CA  . ASN A 74  ? 0.2592 0.2432 0.3033 0.0029  0.0061  0.0148  75  ASN A CA  
560 C C   . ASN A 74  ? 0.2805 0.2682 0.3216 0.0013  0.0039  0.0178  75  ASN A C   
561 O O   . ASN A 74  ? 0.2862 0.2779 0.3280 0.0014  0.0030  0.0193  75  ASN A O   
562 C CB  . ASN A 74  ? 0.2707 0.2571 0.3187 0.0044  0.0071  0.0144  75  ASN A CB  
563 C CG  . ASN A 74  ? 0.3403 0.3236 0.3926 0.0063  0.0091  0.0119  75  ASN A CG  
564 O OD1 . ASN A 74  ? 0.3975 0.3770 0.4528 0.0071  0.0087  0.0118  75  ASN A OD1 
565 N ND2 . ASN A 74  ? 0.3074 0.2927 0.3604 0.0072  0.0115  0.0095  75  ASN A ND2 
566 N N   . THR A 75  ? 0.2934 0.2803 0.3316 -0.0001 0.0031  0.0183  76  THR A N   
567 C CA  . THR A 75  ? 0.2445 0.2355 0.2790 -0.0015 0.0017  0.0203  76  THR A CA  
568 C C   . THR A 75  ? 0.3123 0.3063 0.3496 -0.0015 -0.0002 0.0249  76  THR A C   
569 O O   . THR A 75  ? 0.3140 0.3059 0.3565 -0.0008 -0.0007 0.0273  76  THR A O   
570 C CB  . THR A 75  ? 0.2302 0.2200 0.2614 -0.0029 0.0016  0.0196  76  THR A CB  
571 O OG1 . THR A 75  ? 0.2501 0.2368 0.2852 -0.0034 0.0013  0.0214  76  THR A OG1 
572 C CG2 . THR A 75  ? 0.2314 0.2188 0.2590 -0.0028 0.0030  0.0153  76  THR A CG2 
573 N N   . ALA A 76  ? 0.2646 0.2636 0.2985 -0.0023 -0.0015 0.0261  77  ALA A N   
574 C CA  . ALA A 76  ? 0.2744 0.2775 0.3095 -0.0025 -0.0034 0.0306  77  ALA A CA  
575 C C   . ALA A 76  ? 0.2563 0.2632 0.2860 -0.0040 -0.0039 0.0314  77  ALA A C   
576 O O   . ALA A 76  ? 0.2196 0.2265 0.2455 -0.0045 -0.0031 0.0280  77  ALA A O   
577 C CB  . ALA A 76  ? 0.2762 0.2829 0.3124 -0.0015 -0.0045 0.0306  77  ALA A CB  
578 N N   . VAL A 77  ? 0.2080 0.2187 0.2379 -0.0048 -0.0054 0.0357  78  VAL A N   
579 C CA  . VAL A 77  ? 0.2457 0.2611 0.2704 -0.0062 -0.0056 0.0365  78  VAL A CA  
580 C C   . VAL A 77  ? 0.2490 0.2677 0.2688 -0.0057 -0.0055 0.0324  78  VAL A C   
581 O O   . VAL A 77  ? 0.2111 0.2312 0.2272 -0.0063 -0.0047 0.0302  78  VAL A O   
582 C CB  . VAL A 77  ? 0.3087 0.3288 0.3332 -0.0068 -0.0072 0.0420  78  VAL A CB  
583 C CG1 . VAL A 77  ? 0.3617 0.3884 0.3805 -0.0080 -0.0071 0.0422  78  VAL A CG1 
584 C CG2 . VAL A 77  ? 0.2946 0.3108 0.3238 -0.0075 -0.0073 0.0465  78  VAL A CG2 
585 N N   . SER A 78  ? 0.2670 0.2865 0.2875 -0.0048 -0.0065 0.0312  79  SER A N   
586 C CA  . SER A 78  ? 0.3076 0.3297 0.3241 -0.0045 -0.0070 0.0276  79  SER A CA  
587 C C   . SER A 78  ? 0.2619 0.2800 0.2766 -0.0043 -0.0053 0.0231  79  SER A C   
588 O O   . SER A 78  ? 0.2982 0.3176 0.3093 -0.0042 -0.0057 0.0200  79  SER A O   
589 C CB  . SER A 78  ? 0.3152 0.3389 0.3339 -0.0038 -0.0085 0.0276  79  SER A CB  
590 O OG  . SER A 78  ? 0.2902 0.3094 0.3137 -0.0032 -0.0076 0.0269  79  SER A OG  
591 N N   . ASP A 79  ? 0.2216 0.2348 0.2386 -0.0042 -0.0038 0.0227  80  ASP A N   
592 C CA  . ASP A 79  ? 0.2098 0.2193 0.2247 -0.0040 -0.0025 0.0189  80  ASP A CA  
593 C C   . ASP A 79  ? 0.2934 0.3049 0.3047 -0.0045 -0.0022 0.0181  80  ASP A C   
594 O O   . ASP A 79  ? 0.2370 0.2467 0.2458 -0.0041 -0.0017 0.0150  80  ASP A O   
595 C CB  . ASP A 79  ? 0.2181 0.2223 0.2361 -0.0037 -0.0010 0.0184  80  ASP A CB  
596 C CG  . ASP A 79  ? 0.2186 0.2210 0.2400 -0.0029 -0.0006 0.0181  80  ASP A CG  
597 O OD1 . ASP A 79  ? 0.2081 0.2120 0.2283 -0.0028 -0.0010 0.0168  80  ASP A OD1 
598 O OD2 . ASP A 79  ? 0.2433 0.2429 0.2686 -0.0024 0.0001  0.0190  80  ASP A OD2 
599 N N   . SER A 80  ? 0.2237 0.2392 0.2351 -0.0053 -0.0026 0.0211  81  SER A N   
600 C CA  . SER A 80  ? 0.2438 0.2626 0.2526 -0.0059 -0.0023 0.0205  81  SER A CA  
601 C C   . SER A 80  ? 0.2398 0.2613 0.2443 -0.0049 -0.0027 0.0171  81  SER A C   
602 O O   . SER A 80  ? 0.2213 0.2443 0.2247 -0.0044 -0.0037 0.0165  81  SER A O   
603 C CB  . SER A 80  ? 0.2567 0.2803 0.2659 -0.0072 -0.0025 0.0247  81  SER A CB  
604 O OG  . SER A 80  ? 0.2475 0.2680 0.2612 -0.0081 -0.0024 0.0282  81  SER A OG  
605 N N   . GLY A 81  ? 0.2570 0.2790 0.2598 -0.0045 -0.0021 0.0145  82  GLY A N   
606 C CA  . GLY A 81  ? 0.2363 0.2604 0.2355 -0.0032 -0.0025 0.0109  82  GLY A CA  
607 C C   . GLY A 81  ? 0.2572 0.2787 0.2558 -0.0023 -0.0020 0.0080  82  GLY A C   
608 O O   . GLY A 81  ? 0.2484 0.2673 0.2487 -0.0030 -0.0014 0.0088  82  GLY A O   
609 N N   . VAL A 82  ? 0.2209 0.2431 0.2167 -0.0008 -0.0025 0.0047  83  VAL A N   
610 C CA  . VAL A 82  ? 0.2373 0.2568 0.2324 0.0005  -0.0025 0.0020  83  VAL A CA  
611 C C   . VAL A 82  ? 0.2487 0.2612 0.2432 0.0011  -0.0029 0.0008  83  VAL A C   
612 O O   . VAL A 82  ? 0.2196 0.2305 0.2137 0.0010  -0.0035 0.0005  83  VAL A O   
613 C CB  . VAL A 82  ? 0.3289 0.3527 0.3219 0.0023  -0.0030 -0.0010 83  VAL A CB  
614 C CG1 . VAL A 82  ? 0.2883 0.3091 0.2808 0.0040  -0.0033 -0.0035 83  VAL A CG1 
615 C CG2 . VAL A 82  ? 0.3055 0.3373 0.2990 0.0016  -0.0021 0.0004  83  VAL A CG2 
616 N N   . TYR A 83  ? 0.2125 0.2209 0.2068 0.0014  -0.0027 0.0003  84  TYR A N   
617 C CA  . TYR A 83  ? 0.2001 0.2023 0.1933 0.0018  -0.0028 -0.0006 84  TYR A CA  
618 C C   . TYR A 83  ? 0.2242 0.2246 0.2154 0.0034  -0.0035 -0.0027 84  TYR A C   
619 O O   . TYR A 83  ? 0.2140 0.2178 0.2054 0.0041  -0.0037 -0.0032 84  TYR A O   
620 C CB  . TYR A 83  ? 0.1894 0.1882 0.1841 0.0006  -0.0017 0.0011  84  TYR A CB  
621 C CG  . TYR A 83  ? 0.2050 0.2048 0.2024 -0.0007 -0.0011 0.0033  84  TYR A CG  
622 C CD1 . TYR A 83  ? 0.2202 0.2242 0.2196 -0.0015 -0.0012 0.0053  84  TYR A CD1 
623 C CD2 . TYR A 83  ? 0.2184 0.2151 0.2167 -0.0010 -0.0008 0.0036  84  TYR A CD2 
624 C CE1 . TYR A 83  ? 0.2188 0.2236 0.2208 -0.0024 -0.0010 0.0076  84  TYR A CE1 
625 C CE2 . TYR A 83  ? 0.2036 0.2017 0.2051 -0.0018 -0.0005 0.0056  84  TYR A CE2 
626 C CZ  . TYR A 83  ? 0.1985 0.2004 0.2017 -0.0023 -0.0008 0.0076  84  TYR A CZ  
627 O OH  . TYR A 83  ? 0.2076 0.2107 0.2141 -0.0028 -0.0009 0.0099  84  TYR A OH  
628 N N   . CYS A 84  ? 0.2567 0.2518 0.2461 0.0042  -0.0039 -0.0034 85  CYS A N   
629 C CA  . CYS A 84  ? 0.2547 0.2474 0.2420 0.0060  -0.0049 -0.0050 85  CYS A CA  
630 C C   . CYS A 84  ? 0.2588 0.2456 0.2442 0.0057  -0.0046 -0.0041 85  CYS A C   
631 O O   . CYS A 84  ? 0.2382 0.2214 0.2233 0.0048  -0.0041 -0.0033 85  CYS A O   
632 C CB  . CYS A 84  ? 0.3049 0.2977 0.2916 0.0078  -0.0063 -0.0071 85  CYS A CB  
633 S SG  . CYS A 84  ? 0.2957 0.2857 0.2804 0.0107  -0.0080 -0.0088 85  CYS A SG  
634 N N   . CYS A 85  ? 0.2798 0.2661 0.2639 0.0062  -0.0049 -0.0041 86  CYS A N   
635 C CA  . CYS A 85  ? 0.3204 0.3015 0.3016 0.0063  -0.0048 -0.0034 86  CYS A CA  
636 C C   . CYS A 85  ? 0.2871 0.2654 0.2660 0.0084  -0.0067 -0.0041 86  CYS A C   
637 O O   . CYS A 85  ? 0.2794 0.2600 0.2583 0.0102  -0.0082 -0.0053 86  CYS A O   
638 C CB  . CYS A 85  ? 0.3030 0.2850 0.2833 0.0059  -0.0047 -0.0034 86  CYS A CB  
639 S SG  . CYS A 85  ? 0.2902 0.2670 0.2658 0.0061  -0.0045 -0.0027 86  CYS A SG  
640 N N   . ARG A 86  ? 0.2731 0.2465 0.2507 0.0083  -0.0067 -0.0033 87  ARG A N   
641 C CA  . ARG A 86  ? 0.2526 0.2220 0.2285 0.0103  -0.0086 -0.0037 87  ARG A CA  
642 C C   . ARG A 86  ? 0.2811 0.2449 0.2532 0.0101  -0.0086 -0.0014 87  ARG A C   
643 O O   . ARG A 86  ? 0.2792 0.2398 0.2507 0.0081  -0.0070 0.0003  87  ARG A O   
644 C CB  . ARG A 86  ? 0.3027 0.2706 0.2804 0.0104  -0.0091 -0.0048 87  ARG A CB  
645 C CG  . ARG A 86  ? 0.3010 0.2635 0.2775 0.0126  -0.0112 -0.0053 87  ARG A CG  
646 C CD  . ARG A 86  ? 0.3670 0.3267 0.3453 0.0121  -0.0117 -0.0066 87  ARG A CD  
647 N NE  . ARG A 86  ? 0.3662 0.3202 0.3441 0.0143  -0.0141 -0.0073 87  ARG A NE  
648 C CZ  . ARG A 86  ? 0.4261 0.3814 0.4053 0.0172  -0.0158 -0.0105 87  ARG A CZ  
649 N NH1 . ARG A 86  ? 0.4375 0.4005 0.4182 0.0181  -0.0153 -0.0131 87  ARG A NH1 
650 N NH2 . ARG A 86  ? 0.4668 0.4160 0.4459 0.0195  -0.0180 -0.0110 87  ARG A NH2 
651 N N   . VAL A 87  ? 0.2690 0.2322 0.2387 0.0120  -0.0103 -0.0013 88  VAL A N   
652 C CA  . VAL A 87  ? 0.2893 0.2478 0.2544 0.0119  -0.0104 0.0011  88  VAL A CA  
653 C C   . VAL A 87  ? 0.2806 0.2338 0.2445 0.0140  -0.0127 0.0021  88  VAL A C   
654 O O   . VAL A 87  ? 0.2782 0.2327 0.2431 0.0168  -0.0151 0.0006  88  VAL A O   
655 C CB  . VAL A 87  ? 0.3264 0.2879 0.2891 0.0126  -0.0111 0.0008  88  VAL A CB  
656 C CG1 . VAL A 87  ? 0.3539 0.3111 0.3111 0.0128  -0.0116 0.0034  88  VAL A CG1 
657 C CG2 . VAL A 87  ? 0.3394 0.3051 0.3037 0.0105  -0.0089 -0.0002 88  VAL A CG2 
658 N N   . GLU A 88  ? 0.3362 0.2835 0.2984 0.0125  -0.0120 0.0045  89  GLU A N   
659 C CA  . GLU A 88  ? 0.3325 0.2735 0.2944 0.0141  -0.0142 0.0055  89  GLU A CA  
660 C C   . GLU A 88  ? 0.3465 0.2827 0.3033 0.0150  -0.0154 0.0091  89  GLU A C   
661 O O   . GLU A 88  ? 0.3854 0.3187 0.3390 0.0126  -0.0137 0.0123  89  GLU A O   
662 C CB  . GLU A 88  ? 0.3938 0.3310 0.3584 0.0119  -0.0132 0.0058  89  GLU A CB  
663 C CG  . GLU A 88  ? 0.4050 0.3469 0.3744 0.0120  -0.0130 0.0020  89  GLU A CG  
664 C CD  . GLU A 88  ? 0.5850 0.5240 0.5571 0.0096  -0.0123 0.0018  89  GLU A CD  
665 O OE1 . GLU A 88  ? 0.5637 0.5037 0.5388 0.0106  -0.0136 -0.0013 89  GLU A OE1 
666 O OE2 . GLU A 88  ? 0.5934 0.5300 0.5649 0.0067  -0.0105 0.0045  89  GLU A OE2 
667 N N   . HIS A 89  ? 0.3619 0.2979 0.3181 0.0183  -0.0185 0.0086  90  HIS A N   
668 C CA  . HIS A 89  ? 0.3474 0.2790 0.2985 0.0196  -0.0203 0.0122  90  HIS A CA  
669 C C   . HIS A 89  ? 0.3930 0.3165 0.3452 0.0209  -0.0224 0.0140  90  HIS A C   
670 O O   . HIS A 89  ? 0.3713 0.2924 0.3275 0.0200  -0.0219 0.0123  90  HIS A O   
671 C CB  . HIS A 89  ? 0.3760 0.3123 0.3263 0.0228  -0.0230 0.0108  90  HIS A CB  
672 C CG  . HIS A 89  ? 0.4030 0.3467 0.3526 0.0214  -0.0214 0.0090  90  HIS A CG  
673 N ND1 . HIS A 89  ? 0.3574 0.3018 0.3016 0.0199  -0.0205 0.0109  90  HIS A ND1 
674 C CD2 . HIS A 89  ? 0.3820 0.3326 0.3359 0.0212  -0.0206 0.0053  90  HIS A CD2 
675 C CE1 . HIS A 89  ? 0.3662 0.3169 0.3117 0.0189  -0.0193 0.0082  90  HIS A CE1 
676 N NE2 . HIS A 89  ? 0.4162 0.3707 0.3675 0.0196  -0.0193 0.0051  90  HIS A NE2 
677 N N   . ARG A 90  ? 0.3730 0.2920 0.3215 0.0230  -0.0250 0.0172  91  ARG A N   
678 C CA  . ARG A 90  ? 0.4200 0.3301 0.3694 0.0243  -0.0272 0.0195  91  ARG A CA  
679 C C   . ARG A 90  ? 0.4151 0.3251 0.3693 0.0288  -0.0305 0.0158  91  ARG A C   
680 O O   . ARG A 90  ? 0.4262 0.3367 0.3795 0.0325  -0.0336 0.0163  91  ARG A O   
681 C CB  . ARG A 90  ? 0.4770 0.3819 0.4200 0.0248  -0.0289 0.0253  91  ARG A CB  
682 C CG  . ARG A 90  ? 0.5361 0.4410 0.4736 0.0206  -0.0256 0.0294  91  ARG A CG  
683 C CD  . ARG A 90  ? 0.5457 0.4465 0.4763 0.0216  -0.0276 0.0350  91  ARG A CD  
684 N NE  . ARG A 90  ? 0.6462 0.5490 0.5704 0.0181  -0.0243 0.0382  91  ARG A NE  
685 C CZ  . ARG A 90  ? 0.6880 0.5881 0.6046 0.0180  -0.0250 0.0437  91  ARG A CZ  
686 N NH1 . ARG A 90  ? 0.6047 0.4994 0.5198 0.0211  -0.0292 0.0470  91  ARG A NH1 
687 N NH2 . ARG A 90  ? 0.6387 0.5419 0.5497 0.0148  -0.0215 0.0458  91  ARG A NH2 
688 N N   . GLY A 91  ? 0.3507 0.2605 0.3102 0.0286  -0.0299 0.0120  92  GLY A N   
689 C CA  . GLY A 91  ? 0.3877 0.2972 0.3519 0.0330  -0.0327 0.0080  92  GLY A CA  
690 C C   . GLY A 91  ? 0.3646 0.2847 0.3319 0.0347  -0.0321 0.0030  92  GLY A C   
691 O O   . GLY A 91  ? 0.3299 0.2517 0.3010 0.0385  -0.0339 -0.0008 92  GLY A O   
692 N N   . TRP A 92  ? 0.3434 0.2703 0.3087 0.0319  -0.0296 0.0032  93  TRP A N   
693 C CA  . TRP A 92  ? 0.3547 0.2916 0.3228 0.0326  -0.0286 -0.0007 93  TRP A CA  
694 C C   . TRP A 92  ? 0.3570 0.2986 0.3238 0.0283  -0.0251 -0.0005 93  TRP A C   
695 O O   . TRP A 92  ? 0.2883 0.2266 0.2515 0.0253  -0.0236 0.0028  93  TRP A O   
696 C CB  . TRP A 92  ? 0.3702 0.3120 0.3381 0.0359  -0.0309 -0.0010 93  TRP A CB  
697 C CG  . TRP A 92  ? 0.3674 0.3093 0.3299 0.0343  -0.0309 0.0028  93  TRP A CG  
698 C CD1 . TRP A 92  ? 0.3848 0.3198 0.3426 0.0343  -0.0322 0.0073  93  TRP A CD1 
699 C CD2 . TRP A 92  ? 0.3604 0.3097 0.3216 0.0325  -0.0295 0.0022  93  TRP A CD2 
700 N NE1 . TRP A 92  ? 0.3971 0.3353 0.3501 0.0327  -0.0318 0.0092  93  TRP A NE1 
701 C CE2 . TRP A 92  ? 0.3899 0.3366 0.3453 0.0315  -0.0302 0.0059  93  TRP A CE2 
702 C CE3 . TRP A 92  ? 0.4202 0.3780 0.3848 0.0314  -0.0278 -0.0010 93  TRP A CE3 
703 C CZ2 . TRP A 92  ? 0.4294 0.3814 0.3820 0.0298  -0.0293 0.0057  93  TRP A CZ2 
704 C CZ3 . TRP A 92  ? 0.4521 0.4146 0.4146 0.0294  -0.0271 -0.0007 93  TRP A CZ3 
705 C CH2 . TRP A 92  ? 0.4989 0.4585 0.4555 0.0287  -0.0279 0.0023  93  TRP A CH2 
706 N N   . PHE A 93  ? 0.3848 0.3342 0.3547 0.0282  -0.0239 -0.0038 94  PHE A N   
707 C CA  . PHE A 93  ? 0.3652 0.3190 0.3348 0.0245  -0.0208 -0.0036 94  PHE A CA  
708 C C   . PHE A 93  ? 0.3709 0.3337 0.3426 0.0251  -0.0207 -0.0058 94  PHE A C   
709 O O   . PHE A 93  ? 0.2833 0.2498 0.2574 0.0283  -0.0225 -0.0079 94  PHE A O   
710 C CB  . PHE A 93  ? 0.3600 0.3136 0.3320 0.0224  -0.0190 -0.0051 94  PHE A CB  
711 C CG  . PHE A 93  ? 0.3820 0.3397 0.3578 0.0245  -0.0197 -0.0091 94  PHE A CG  
712 C CD1 . PHE A 93  ? 0.3802 0.3460 0.3583 0.0236  -0.0181 -0.0111 94  PHE A CD1 
713 C CD2 . PHE A 93  ? 0.4199 0.3732 0.3972 0.0275  -0.0218 -0.0109 94  PHE A CD2 
714 C CE1 . PHE A 93  ? 0.4271 0.3975 0.4081 0.0255  -0.0184 -0.0147 94  PHE A CE1 
715 C CE2 . PHE A 93  ? 0.4314 0.3889 0.4119 0.0296  -0.0222 -0.0150 94  PHE A CE2 
716 C CZ  . PHE A 93  ? 0.3956 0.3622 0.3777 0.0286  -0.0203 -0.0169 94  PHE A CZ  
717 N N   . ASN A 94  ? 0.3783 0.3446 0.3493 0.0222  -0.0184 -0.0052 95  ASN A N   
718 C CA  . ASN A 94  ? 0.3785 0.3528 0.3519 0.0217  -0.0179 -0.0069 95  ASN A CA  
719 C C   . ASN A 94  ? 0.3347 0.3112 0.3101 0.0188  -0.0152 -0.0073 95  ASN A C   
720 O O   . ASN A 94  ? 0.3377 0.3105 0.3115 0.0165  -0.0136 -0.0056 95  ASN A O   
721 C CB  . ASN A 94  ? 0.4081 0.3837 0.3790 0.0206  -0.0180 -0.0056 95  ASN A CB  
722 C CG  . ASN A 94  ? 0.5784 0.5552 0.5485 0.0236  -0.0211 -0.0058 95  ASN A CG  
723 O OD1 . ASN A 94  ? 0.5897 0.5663 0.5617 0.0268  -0.0230 -0.0067 95  ASN A OD1 
724 N ND2 . ASN A 94  ? 0.5210 0.4994 0.4887 0.0228  -0.0218 -0.0051 95  ASN A ND2 
725 N N   . ASP A 95  ? 0.3451 0.3281 0.3241 0.0190  -0.0147 -0.0094 96  ASP A N   
726 C CA  . ASP A 95  ? 0.2998 0.2852 0.2803 0.0164  -0.0123 -0.0091 96  ASP A CA  
727 C C   . ASP A 95  ? 0.3405 0.3332 0.3236 0.0153  -0.0116 -0.0096 96  ASP A C   
728 O O   . ASP A 95  ? 0.3289 0.3265 0.3138 0.0168  -0.0127 -0.0109 96  ASP A O   
729 C CB  . ASP A 95  ? 0.3427 0.3276 0.3243 0.0166  -0.0120 -0.0105 96  ASP A CB  
730 C CG  . ASP A 95  ? 0.4148 0.4039 0.3984 0.0196  -0.0132 -0.0134 96  ASP A CG  
731 O OD1 . ASP A 95  ? 0.4033 0.3969 0.3883 0.0213  -0.0140 -0.0142 96  ASP A OD1 
732 O OD2 . ASP A 95  ? 0.4096 0.3981 0.3938 0.0201  -0.0133 -0.0151 96  ASP A OD2 
733 N N   . MET A 96  ? 0.2534 0.2469 0.2372 0.0124  -0.0097 -0.0084 97  MET A N   
734 C CA  . MET A 96  ? 0.2658 0.2652 0.2521 0.0109  -0.0089 -0.0082 97  MET A CA  
735 C C   . MET A 96  ? 0.2483 0.2501 0.2367 0.0089  -0.0072 -0.0074 97  MET A C   
736 O O   . MET A 96  ? 0.2195 0.2176 0.2071 0.0076  -0.0062 -0.0062 97  MET A O   
737 C CB  . MET A 96  ? 0.2717 0.2689 0.2572 0.0092  -0.0087 -0.0072 97  MET A CB  
738 C CG  . MET A 96  ? 0.4433 0.4372 0.4256 0.0109  -0.0105 -0.0076 97  MET A CG  
739 S SD  . MET A 96  ? 0.6218 0.6143 0.6022 0.0091  -0.0105 -0.0073 97  MET A SD  
740 C CE  . MET A 96  ? 0.4020 0.3904 0.3771 0.0114  -0.0127 -0.0071 97  MET A CE  
741 N N   . LYS A 97  ? 0.2701 0.2787 0.2610 0.0091  -0.0069 -0.0080 98  LYS A N   
742 C CA  . LYS A 97  ? 0.2485 0.2603 0.2408 0.0074  -0.0055 -0.0068 98  LYS A CA  
743 C C   . LYS A 97  ? 0.2579 0.2711 0.2525 0.0047  -0.0045 -0.0047 98  LYS A C   
744 O O   . LYS A 97  ? 0.2798 0.2958 0.2762 0.0041  -0.0047 -0.0047 98  LYS A O   
745 C CB  . LYS A 97  ? 0.2557 0.2748 0.2493 0.0087  -0.0054 -0.0083 98  LYS A CB  
746 C CG  . LYS A 97  ? 0.3449 0.3687 0.3394 0.0068  -0.0041 -0.0068 98  LYS A CG  
747 C CD  . LYS A 97  ? 0.3192 0.3512 0.3143 0.0082  -0.0036 -0.0083 98  LYS A CD  
748 C CE  . LYS A 97  ? 0.4793 0.5167 0.4749 0.0061  -0.0023 -0.0061 98  LYS A CE  
749 N NZ  . LYS A 97  ? 0.4970 0.5427 0.4920 0.0075  -0.0016 -0.0080 98  LYS A NZ  
750 N N   . ILE A 98  ? 0.2751 0.2861 0.2700 0.0030  -0.0035 -0.0028 99  ILE A N   
751 C CA  . ILE A 98  ? 0.2638 0.2751 0.2613 0.0007  -0.0027 -0.0007 99  ILE A CA  
752 C C   . ILE A 98  ? 0.3040 0.3181 0.3028 -0.0006 -0.0019 0.0015  99  ILE A C   
753 O O   . ILE A 98  ? 0.2930 0.3055 0.2904 0.0000  -0.0018 0.0017  99  ILE A O   
754 C CB  . ILE A 98  ? 0.3235 0.3281 0.3201 0.0001  -0.0024 -0.0005 99  ILE A CB  
755 C CG1 . ILE A 98  ? 0.3522 0.3544 0.3466 0.0013  -0.0034 -0.0024 99  ILE A CG1 
756 C CG2 . ILE A 98  ? 0.2920 0.2962 0.2918 -0.0020 -0.0016 0.0014  99  ILE A CG2 
757 C CD1 . ILE A 98  ? 0.3158 0.3119 0.3081 0.0011  -0.0029 -0.0024 99  ILE A CD1 
758 N N   . THR A 99  ? 0.2891 0.3077 0.2907 -0.0023 -0.0013 0.0036  100 THR A N   
759 C CA  . THR A 99  ? 0.2990 0.3204 0.3016 -0.0036 -0.0007 0.0065  100 THR A CA  
760 C C   . THR A 99  ? 0.2948 0.3120 0.3002 -0.0053 -0.0004 0.0090  100 THR A C   
761 O O   . THR A 99  ? 0.2871 0.3021 0.2946 -0.0065 -0.0003 0.0091  100 THR A O   
762 C CB  . THR A 99  ? 0.3330 0.3624 0.3371 -0.0046 -0.0001 0.0078  100 THR A CB  
763 O OG1 . THR A 99  ? 0.3322 0.3661 0.3339 -0.0025 -0.0002 0.0050  100 THR A OG1 
764 C CG2 . THR A 99  ? 0.3505 0.3829 0.3553 -0.0061 0.0004  0.0116  100 THR A CG2 
765 N N   . VAL A 100 ? 0.2521 0.2683 0.2575 -0.0054 -0.0003 0.0108  101 VAL A N   
766 C CA  . VAL A 100 ? 0.2609 0.2734 0.2695 -0.0065 -0.0001 0.0133  101 VAL A CA  
767 C C   . VAL A 100 ? 0.2791 0.2958 0.2891 -0.0077 -0.0001 0.0173  101 VAL A C   
768 O O   . VAL A 100 ? 0.2448 0.2653 0.2526 -0.0071 -0.0005 0.0178  101 VAL A O   
769 C CB  . VAL A 100 ? 0.2595 0.2672 0.2675 -0.0054 0.0000  0.0124  101 VAL A CB  
770 C CG1 . VAL A 100 ? 0.2467 0.2513 0.2585 -0.0060 0.0002  0.0148  101 VAL A CG1 
771 C CG2 . VAL A 100 ? 0.2185 0.2221 0.2243 -0.0043 0.0001  0.0090  101 VAL A CG2 
772 N N   . SER A 101 ? 0.2405 0.2564 0.2542 -0.0095 0.0000  0.0202  102 SER A N   
773 C CA  . SER A 101 ? 0.2269 0.2461 0.2420 -0.0109 -0.0001 0.0249  102 SER A CA  
774 C C   . SER A 101 ? 0.2652 0.2788 0.2849 -0.0116 -0.0003 0.0276  102 SER A C   
775 O O   . SER A 101 ? 0.2329 0.2424 0.2554 -0.0126 -0.0001 0.0270  102 SER A O   
776 C CB  . SER A 101 ? 0.2848 0.3100 0.3002 -0.0127 0.0005  0.0265  102 SER A CB  
777 O OG  . SER A 101 ? 0.3722 0.4018 0.3879 -0.0140 0.0005  0.0314  102 SER A OG  
778 N N   . LEU A 102 ? 0.2240 0.2376 0.2443 -0.0109 -0.0010 0.0303  103 LEU A N   
779 C CA  . LEU A 102 ? 0.2599 0.2683 0.2848 -0.0108 -0.0015 0.0325  103 LEU A CA  
780 C C   . LEU A 102 ? 0.2819 0.2934 0.3081 -0.0114 -0.0025 0.0381  103 LEU A C   
781 O O   . LEU A 102 ? 0.2557 0.2719 0.2789 -0.0106 -0.0032 0.0389  103 LEU A O   
782 C CB  . LEU A 102 ? 0.2871 0.2919 0.3121 -0.0086 -0.0015 0.0296  103 LEU A CB  
783 C CG  . LEU A 102 ? 0.2766 0.2780 0.3000 -0.0079 -0.0005 0.0244  103 LEU A CG  
784 C CD1 . LEU A 102 ? 0.2551 0.2558 0.2767 -0.0061 -0.0003 0.0220  103 LEU A CD1 
785 C CD2 . LEU A 102 ? 0.3013 0.2968 0.3285 -0.0082 0.0000  0.0236  103 LEU A CD2 
786 N N   . GLU A 103 ? 0.2776 0.2863 0.3082 -0.0127 -0.0028 0.0421  104 GLU A N   
787 C CA  . GLU A 103 ? 0.3641 0.3755 0.3958 -0.0134 -0.0040 0.0484  104 GLU A CA  
788 C C   . GLU A 103 ? 0.3814 0.3869 0.4186 -0.0122 -0.0051 0.0507  104 GLU A C   
789 O O   . GLU A 103 ? 0.3808 0.3884 0.4188 -0.0116 -0.0066 0.0553  104 GLU A O   
790 C CB  . GLU A 103 ? 0.3966 0.4106 0.4290 -0.0164 -0.0035 0.0525  104 GLU A CB  
791 C CG  . GLU A 103 ? 0.4580 0.4650 0.4956 -0.0180 -0.0031 0.0521  104 GLU A CG  
792 C CD  . GLU A 103 ? 0.4863 0.4962 0.5250 -0.0215 -0.0025 0.0561  104 GLU A CD  
793 O OE1 . GLU A 103 ? 0.5335 0.5439 0.5744 -0.0229 -0.0033 0.0626  104 GLU A OE1 
794 O OE2 . GLU A 103 ? 0.4758 0.4880 0.5136 -0.0228 -0.0014 0.0529  104 GLU A OE2 
795 O OXT . GLU A 103 ? 0.3858 0.3846 0.4267 -0.0114 -0.0047 0.0481  104 GLU A OXT 
796 O O   . HOH B .   ? 0.4363 0.4687 0.4233 0.0055  -0.0048 -0.0075 201 HOH A O   
797 O O   . HOH B .   ? 0.3376 0.3724 0.3487 -0.0124 -0.0007 0.0340  202 HOH A O   
798 O O   . HOH B .   ? 0.5722 0.5711 0.5580 0.0099  -0.0112 -0.0192 203 HOH A O   
799 O O   . HOH B .   ? 0.6401 0.6199 0.6041 0.0183  -0.0196 -0.0047 204 HOH A O   
800 O O   . HOH B .   ? 0.5479 0.5172 0.5074 0.0191  -0.0190 -0.0012 205 HOH A O   
801 O O   . HOH B .   ? 0.3641 0.3349 0.3168 0.0019  0.0030  -0.0173 206 HOH A O   
802 O O   . HOH B .   ? 0.3253 0.3253 0.3376 -0.0029 0.0000  0.0110  207 HOH A O   
803 O O   . HOH B .   ? 0.3539 0.3249 0.3689 -0.0031 0.0062  -0.0038 208 HOH A O   
804 O O   . HOH B .   ? 0.5545 0.5191 0.4465 0.0074  -0.0034 0.0039  209 HOH A O   
805 O O   . HOH B .   ? 0.3207 0.3318 0.3441 -0.0028 -0.0042 0.0196  210 HOH A O   
806 O O   . HOH B .   ? 0.4699 0.4824 0.5005 -0.0183 -0.0006 0.0398  211 HOH A O   
807 O O   . HOH B .   ? 0.3622 0.3496 0.3982 0.0060  0.0240  -0.0020 212 HOH A O   
808 O O   . HOH B .   ? 0.4346 0.4118 0.4170 0.0157  -0.0122 -0.0130 213 HOH A O   
809 O O   . HOH B .   ? 0.4154 0.3399 0.3600 0.0027  -0.0051 0.0244  214 HOH A O   
810 O O   . HOH B .   ? 0.6158 0.6061 0.6021 0.0253  -0.0152 -0.0215 215 HOH A O   
811 O O   . HOH B .   ? 0.3015 0.2484 0.3768 -0.0152 -0.0052 0.0358  216 HOH A O   
812 O O   . HOH B .   ? 0.3117 0.3076 0.3210 -0.0069 -0.0062 0.0008  217 HOH A O   
813 O O   . HOH B .   ? 0.3295 0.2878 0.2730 0.0043  0.0010  0.0058  218 HOH A O   
814 O O   . HOH B .   ? 0.3900 0.3856 0.4192 -0.0090 0.0155  0.0092  219 HOH A O   
815 O O   . HOH B .   ? 0.3096 0.3094 0.3574 0.0025  0.0007  0.0228  220 HOH A O   
816 O O   . HOH B .   ? 0.5010 0.5088 0.5426 -0.0011 0.0014  0.0166  221 HOH A O   
817 O O   . HOH B .   ? 0.5366 0.4906 0.4459 -0.0029 0.0168  0.0222  222 HOH A O   
818 O O   . HOH B .   ? 0.4772 0.4703 0.5301 0.0017  -0.0034 0.0340  223 HOH A O   
819 O O   . HOH B .   ? 0.3911 0.3653 0.3216 0.0092  -0.0142 -0.0079 224 HOH A O   
820 O O   . HOH B .   ? 0.4058 0.3597 0.3560 0.0020  0.0033  0.0096  225 HOH A O   
821 O O   . HOH B .   ? 0.5011 0.5237 0.5343 -0.0017 -0.0104 0.0323  226 HOH A O   
822 O O   . HOH B .   ? 0.4773 0.5111 0.4804 -0.0007 -0.0015 0.0006  227 HOH A O   
823 O O   . HOH B .   ? 0.5314 0.5343 0.5700 -0.0089 0.0110  0.0101  228 HOH A O   
824 O O   . HOH B .   ? 0.4733 0.4601 0.5255 -0.0080 -0.0058 0.0486  229 HOH A O   
825 O O   . HOH B .   ? 0.3342 0.3323 0.3229 0.0028  -0.0078 -0.0073 230 HOH A O   
826 O O   . HOH B .   ? 0.3355 0.3220 0.3453 -0.0084 -0.0023 0.0022  231 HOH A O   
827 O O   . HOH B .   ? 0.5182 0.4904 0.4945 -0.0006 0.0030  -0.0150 232 HOH A O   
828 O O   . HOH B .   ? 0.5671 0.5102 0.4992 0.0270  -0.0301 0.0163  233 HOH A O   
829 O O   . HOH B .   ? 0.4821 0.4554 0.5231 0.0042  0.0106  0.0045  234 HOH A O   
830 O O   . HOH B .   ? 0.3016 0.2743 0.2880 -0.0001 0.0093  -0.0070 235 HOH A O   
831 O O   . HOH B .   ? 0.2748 0.2452 0.2449 0.0008  0.0083  -0.0054 236 HOH A O   
832 O O   . HOH B .   ? 0.3867 0.3575 0.3485 0.0009  0.0203  -0.0079 237 HOH A O   
833 O O   . HOH B .   ? 0.3235 0.2668 0.3004 -0.0105 0.0066  0.0169  238 HOH A O   
834 O O   . HOH B .   ? 0.3564 0.3202 0.3910 -0.0051 0.0041  0.0019  239 HOH A O   
835 O O   . HOH B .   ? 0.3389 0.3319 0.3190 0.0056  -0.0105 -0.0087 240 HOH A O   
836 O O   . HOH B .   ? 0.5817 0.5083 0.5424 -0.0043 -0.0005 0.0215  241 HOH A O   
837 O O   . HOH B .   ? 0.2881 0.3044 0.2905 -0.0029 -0.0045 0.0105  242 HOH A O   
838 O O   . HOH B .   ? 0.3897 0.3690 0.3740 0.0102  -0.0096 -0.0109 243 HOH A O   
839 O O   . HOH B .   ? 0.6324 0.5962 0.6592 0.0024  0.0119  -0.0080 244 HOH A O   
840 O O   . HOH B .   ? 0.5570 0.5188 0.5441 0.0349  -0.0235 -0.0275 245 HOH A O   
841 O O   . HOH B .   ? 0.3899 0.4178 0.4120 -0.0176 -0.0003 0.0431  246 HOH A O   
842 O O   . HOH B .   ? 0.5010 0.4687 0.5162 0.0028  0.0149  -0.0105 247 HOH A O   
843 O O   . HOH B .   ? 0.3840 0.3627 0.4013 -0.0078 0.0016  0.0009  248 HOH A O   
844 O O   . HOH B .   ? 0.4339 0.4392 0.4820 0.0007  0.0062  0.0148  249 HOH A O   
845 O O   . HOH B .   ? 0.4137 0.4345 0.4034 0.0131  -0.0064 -0.0144 250 HOH A O   
846 O O   . HOH B .   ? 0.5614 0.5032 0.5407 0.0424  -0.0327 -0.0111 251 HOH A O   
847 O O   . HOH B .   ? 0.4195 0.3489 0.3405 0.0045  -0.0042 0.0302  252 HOH A O   
848 O O   . HOH B .   ? 0.6141 0.5761 0.5137 0.0098  -0.0095 0.0068  253 HOH A O   
849 O O   . HOH B .   ? 0.4577 0.4789 0.4874 -0.0033 -0.0099 0.0394  254 HOH A O   
850 O O   . HOH B .   ? 0.5488 0.5031 0.5270 0.0363  -0.0276 -0.0114 255 HOH A O   
851 O O   . HOH B .   ? 0.4662 0.4344 0.4085 0.0006  0.0184  -0.0036 256 HOH A O   
852 O O   . HOH B .   ? 0.5662 0.6220 0.5680 0.0073  -0.0009 -0.0081 257 HOH A O   
853 O O   . HOH B .   ? 0.4184 0.3945 0.4811 0.0060  0.0028  0.0219  258 HOH A O   
854 O O   . HOH B .   ? 0.5537 0.4748 0.4655 0.0155  -0.0194 0.0349  259 HOH A O   
855 O O   . HOH B .   ? 0.4691 0.4279 0.5020 -0.0012 0.0073  -0.0062 260 HOH A O   
856 O O   . HOH B .   ? 0.4093 0.4157 0.4517 -0.0023 -0.0077 0.0431  261 HOH A O   
857 O O   . HOH B .   ? 0.5106 0.4960 0.5165 0.0010  0.0309  -0.0038 262 HOH A O   
858 O O   . HOH B .   ? 0.5222 0.5282 0.5661 -0.0039 0.0096  0.0113  263 HOH A O   
859 O O   . HOH B .   ? 0.5145 0.5214 0.5026 0.0161  -0.0145 -0.0114 264 HOH A O   
860 O O   . HOH B .   ? 0.5397 0.4657 0.4667 0.0134  -0.0156 0.0263  265 HOH A O   
861 O O   . HOH B .   ? 0.4484 0.4299 0.5212 0.0131  0.0098  0.0125  266 HOH A O   
862 O O   . HOH B .   ? 0.4168 0.4163 0.4053 0.0047  -0.0105 -0.0138 267 HOH A O   
863 O O   . HOH B .   ? 0.4682 0.4175 0.4275 -0.0176 0.0241  0.0308  268 HOH A O   
864 O O   . HOH B .   ? 0.4901 0.4986 0.5302 -0.0059 0.0031  0.0118  269 HOH A O   
865 O O   . HOH B .   ? 0.3243 0.3133 0.3931 0.0100  0.0057  0.0190  270 HOH A O   
866 O O   . HOH B .   ? 0.5660 0.5227 0.5413 -0.0218 0.0274  0.0296  271 HOH A O   
867 O O   . HOH B .   ? 0.5025 0.4734 0.4186 0.0104  -0.0146 -0.0041 272 HOH A O   
868 O O   . HOH B .   ? 0.4141 0.3440 0.3487 0.0252  -0.0277 0.0203  273 HOH A O   
869 O O   . HOH B .   ? 0.7289 0.6676 0.7092 0.0373  -0.0292 -0.0134 274 HOH A O   
870 O O   . HOH B .   ? 0.6156 0.6697 0.6198 0.0015  0.0004  -0.0016 275 HOH A O   
871 O O   . HOH B .   ? 0.3673 0.3550 0.4033 0.0086  0.0298  -0.0076 276 HOH A O   
872 O O   . HOH B .   ? 0.5074 0.5629 0.5138 0.0060  -0.0018 -0.0074 277 HOH A O   
873 O O   . HOH B .   ? 0.3556 0.3268 0.3397 -0.0004 0.0072  -0.0120 278 HOH A O   
874 O O   . HOH B .   ? 0.8217 0.7897 0.7183 0.0107  -0.0135 0.0007  279 HOH A O   
875 O O   . HOH B .   ? 0.5949 0.5329 0.5149 0.0010  0.0030  0.0273  280 HOH A O   
876 O O   . HOH B .   ? 0.4369 0.3811 0.3473 0.0000  0.0072  0.0264  281 HOH A O   
877 O O   . HOH B .   ? 0.6407 0.6522 0.6915 -0.0064 0.0101  0.0116  282 HOH A O   
878 O O   . HOH B .   ? 0.4495 0.4116 0.4880 -0.0094 0.0014  0.0029  283 HOH A O   
879 O O   . HOH B .   ? 0.6123 0.5250 0.5771 -0.0052 -0.0051 0.0236  284 HOH A O   
880 O O   . HOH B .   ? 0.4646 0.4462 0.4852 0.0082  0.0312  -0.0134 285 HOH A O   
881 O O   . HOH B .   ? 0.5469 0.5659 0.6098 -0.0032 0.0084  0.0137  286 HOH A O   
# 
